data_5XRH
# 
_entry.id   5XRH 
# 
_audit_conform.dict_name       mmcif_pdbx.dic 
_audit_conform.dict_version    5.387 
_audit_conform.dict_location   http://mmcif.pdb.org/dictionaries/ascii/mmcif_pdbx.dic 
# 
loop_
_database_2.database_id 
_database_2.database_code 
_database_2.pdbx_database_accession 
_database_2.pdbx_DOI 
PDB   5XRH         pdb_00005xrh 10.2210/pdb5xrh/pdb 
WWPDB D_1300004025 ?            ?                   
# 
loop_
_pdbx_audit_revision_history.ordinal 
_pdbx_audit_revision_history.data_content_type 
_pdbx_audit_revision_history.major_revision 
_pdbx_audit_revision_history.minor_revision 
_pdbx_audit_revision_history.revision_date 
1 'Structure model' 1 0 2018-01-24 
2 'Structure model' 1 1 2018-03-07 
3 'Structure model' 1 2 2024-03-27 
# 
_pdbx_audit_revision_details.ordinal             1 
_pdbx_audit_revision_details.revision_ordinal    1 
_pdbx_audit_revision_details.data_content_type   'Structure model' 
_pdbx_audit_revision_details.provider            repository 
_pdbx_audit_revision_details.type                'Initial release' 
_pdbx_audit_revision_details.description         ? 
_pdbx_audit_revision_details.details             ? 
# 
loop_
_pdbx_audit_revision_group.ordinal 
_pdbx_audit_revision_group.revision_ordinal 
_pdbx_audit_revision_group.data_content_type 
_pdbx_audit_revision_group.group 
1 2 'Structure model' 'Database references' 
2 3 'Structure model' 'Data collection'     
3 3 'Structure model' 'Database references' 
# 
loop_
_pdbx_audit_revision_category.ordinal 
_pdbx_audit_revision_category.revision_ordinal 
_pdbx_audit_revision_category.data_content_type 
_pdbx_audit_revision_category.category 
1 2 'Structure model' citation       
2 3 'Structure model' chem_comp_atom 
3 3 'Structure model' chem_comp_bond 
4 3 'Structure model' database_2     
# 
loop_
_pdbx_audit_revision_item.ordinal 
_pdbx_audit_revision_item.revision_ordinal 
_pdbx_audit_revision_item.data_content_type 
_pdbx_audit_revision_item.item 
1 2 'Structure model' '_citation.journal_volume'            
2 2 'Structure model' '_citation.page_first'                
3 2 'Structure model' '_citation.page_last'                 
4 2 'Structure model' '_citation.year'                      
5 3 'Structure model' '_database_2.pdbx_DOI'                
6 3 'Structure model' '_database_2.pdbx_database_accession' 
# 
_pdbx_database_status.status_code                     REL 
_pdbx_database_status.status_code_sf                  REL 
_pdbx_database_status.status_code_mr                  ? 
_pdbx_database_status.entry_id                        5XRH 
_pdbx_database_status.recvd_initial_deposition_date   2017-06-08 
_pdbx_database_status.SG_entry                        N 
_pdbx_database_status.deposit_site                    PDBJ 
_pdbx_database_status.process_site                    PDBJ 
_pdbx_database_status.status_code_cs                  ? 
_pdbx_database_status.methods_development_category    ? 
_pdbx_database_status.pdb_format_compatible           Y 
_pdbx_database_status.status_code_nmr_data            ? 
# 
_audit_author.name               'Su, J.' 
_audit_author.pdbx_ordinal       1 
_audit_author.identifier_ORCID   ? 
# 
_citation.abstract                  ? 
_citation.abstract_id_CAS           ? 
_citation.book_id_ISBN              ? 
_citation.book_publisher            ? 
_citation.book_publisher_city       ? 
_citation.book_title                ? 
_citation.coordinate_linkage        ? 
_citation.country                   UK 
_citation.database_id_Medline       ? 
_citation.details                   ? 
_citation.id                        primary 
_citation.journal_abbrev            Glycobiology 
_citation.journal_id_ASTM           ? 
_citation.journal_id_CSD            9999 
_citation.journal_id_ISSN           1460-2423 
_citation.journal_full              ? 
_citation.journal_issue             ? 
_citation.journal_volume            28 
_citation.language                  ? 
_citation.page_first                159 
_citation.page_last                 168 
_citation.title                     
'Galectin-10: a new structural type of prototype galectin dimer and effects on saccharide ligand binding.' 
_citation.year                      2018 
_citation.database_id_CSD           ? 
_citation.pdbx_database_id_DOI      10.1093/glycob/cwx107 
_citation.pdbx_database_id_PubMed   29293962 
_citation.unpublished_flag          ? 
# 
loop_
_citation_author.citation_id 
_citation_author.name 
_citation_author.ordinal 
_citation_author.identifier_ORCID 
primary 'Su, J.'   1 ? 
primary 'Gao, J.'  2 ? 
primary 'Si, Y.'   3 ? 
primary 'Cui, L.'  4 ? 
primary 'Song, C.' 5 ? 
primary 'Wang, Y.' 6 ? 
primary 'Wu, R.'   7 ? 
primary 'Tai, G.'  8 ? 
primary 'Zhou, Y.' 9 ? 
# 
loop_
_entity.id 
_entity.type 
_entity.src_method 
_entity.pdbx_description 
_entity.formula_weight 
_entity.pdbx_number_of_molecules 
_entity.pdbx_ec 
_entity.pdbx_mutation 
_entity.pdbx_fragment 
_entity.details 
1 polymer man Galectin-10 16754.109 1   ? ? ? ? 
2 water   nat water       18.015    188 ? ? ? ? 
# 
_entity_name_com.entity_id   1 
_entity_name_com.name        'Gal-10,Charcot-Leyden crystal protein,CLC,Eosinophil lysophospholipase,Lysolecithin acylhydrolase' 
# 
_entity_poly.entity_id                      1 
_entity_poly.type                           'polypeptide(L)' 
_entity_poly.nstd_linkage                   no 
_entity_poly.nstd_monomer                   no 
_entity_poly.pdbx_seq_one_letter_code       
;GSHMSLLPVPYTEAASLSTGSTVTIKGRPLACFLNEPYLQVDFHTEMKEESDIVFHFQVCFGRRVVMNSREYGAWKQQVE
SKNMPFQDGQEFELSISVLPDKYQVMVNGQSSYTFDHRIKPEAVKMVQVWRDISLTKFNVSYLKR
;
_entity_poly.pdbx_seq_one_letter_code_can   
;GSHMSLLPVPYTEAASLSTGSTVTIKGRPLACFLNEPYLQVDFHTEMKEESDIVFHFQVCFGRRVVMNSREYGAWKQQVE
SKNMPFQDGQEFELSISVLPDKYQVMVNGQSSYTFDHRIKPEAVKMVQVWRDISLTKFNVSYLKR
;
_entity_poly.pdbx_strand_id                 A 
_entity_poly.pdbx_target_identifier         ? 
# 
_pdbx_entity_nonpoly.entity_id   2 
_pdbx_entity_nonpoly.name        water 
_pdbx_entity_nonpoly.comp_id     HOH 
# 
loop_
_entity_poly_seq.entity_id 
_entity_poly_seq.num 
_entity_poly_seq.mon_id 
_entity_poly_seq.hetero 
1 1   GLY n 
1 2   SER n 
1 3   HIS n 
1 4   MET n 
1 5   SER n 
1 6   LEU n 
1 7   LEU n 
1 8   PRO n 
1 9   VAL n 
1 10  PRO n 
1 11  TYR n 
1 12  THR n 
1 13  GLU n 
1 14  ALA n 
1 15  ALA n 
1 16  SER n 
1 17  LEU n 
1 18  SER n 
1 19  THR n 
1 20  GLY n 
1 21  SER n 
1 22  THR n 
1 23  VAL n 
1 24  THR n 
1 25  ILE n 
1 26  LYS n 
1 27  GLY n 
1 28  ARG n 
1 29  PRO n 
1 30  LEU n 
1 31  ALA n 
1 32  CYS n 
1 33  PHE n 
1 34  LEU n 
1 35  ASN n 
1 36  GLU n 
1 37  PRO n 
1 38  TYR n 
1 39  LEU n 
1 40  GLN n 
1 41  VAL n 
1 42  ASP n 
1 43  PHE n 
1 44  HIS n 
1 45  THR n 
1 46  GLU n 
1 47  MET n 
1 48  LYS n 
1 49  GLU n 
1 50  GLU n 
1 51  SER n 
1 52  ASP n 
1 53  ILE n 
1 54  VAL n 
1 55  PHE n 
1 56  HIS n 
1 57  PHE n 
1 58  GLN n 
1 59  VAL n 
1 60  CYS n 
1 61  PHE n 
1 62  GLY n 
1 63  ARG n 
1 64  ARG n 
1 65  VAL n 
1 66  VAL n 
1 67  MET n 
1 68  ASN n 
1 69  SER n 
1 70  ARG n 
1 71  GLU n 
1 72  TYR n 
1 73  GLY n 
1 74  ALA n 
1 75  TRP n 
1 76  LYS n 
1 77  GLN n 
1 78  GLN n 
1 79  VAL n 
1 80  GLU n 
1 81  SER n 
1 82  LYS n 
1 83  ASN n 
1 84  MET n 
1 85  PRO n 
1 86  PHE n 
1 87  GLN n 
1 88  ASP n 
1 89  GLY n 
1 90  GLN n 
1 91  GLU n 
1 92  PHE n 
1 93  GLU n 
1 94  LEU n 
1 95  SER n 
1 96  ILE n 
1 97  SER n 
1 98  VAL n 
1 99  LEU n 
1 100 PRO n 
1 101 ASP n 
1 102 LYS n 
1 103 TYR n 
1 104 GLN n 
1 105 VAL n 
1 106 MET n 
1 107 VAL n 
1 108 ASN n 
1 109 GLY n 
1 110 GLN n 
1 111 SER n 
1 112 SER n 
1 113 TYR n 
1 114 THR n 
1 115 PHE n 
1 116 ASP n 
1 117 HIS n 
1 118 ARG n 
1 119 ILE n 
1 120 LYS n 
1 121 PRO n 
1 122 GLU n 
1 123 ALA n 
1 124 VAL n 
1 125 LYS n 
1 126 MET n 
1 127 VAL n 
1 128 GLN n 
1 129 VAL n 
1 130 TRP n 
1 131 ARG n 
1 132 ASP n 
1 133 ILE n 
1 134 SER n 
1 135 LEU n 
1 136 THR n 
1 137 LYS n 
1 138 PHE n 
1 139 ASN n 
1 140 VAL n 
1 141 SER n 
1 142 TYR n 
1 143 LEU n 
1 144 LYS n 
1 145 ARG n 
# 
_entity_src_gen.entity_id                          1 
_entity_src_gen.pdbx_src_id                        1 
_entity_src_gen.pdbx_alt_source_flag               sample 
_entity_src_gen.pdbx_seq_type                      'Biological sequence' 
_entity_src_gen.pdbx_beg_seq_num                   1 
_entity_src_gen.pdbx_end_seq_num                   145 
_entity_src_gen.gene_src_common_name               Human 
_entity_src_gen.gene_src_genus                     ? 
_entity_src_gen.pdbx_gene_src_gene                 'CLC, LGALS10, LGALS10A' 
_entity_src_gen.gene_src_species                   ? 
_entity_src_gen.gene_src_strain                    ? 
_entity_src_gen.gene_src_tissue                    ? 
_entity_src_gen.gene_src_tissue_fraction           ? 
_entity_src_gen.gene_src_details                   ? 
_entity_src_gen.pdbx_gene_src_fragment             ? 
_entity_src_gen.pdbx_gene_src_scientific_name      'Homo sapiens' 
_entity_src_gen.pdbx_gene_src_ncbi_taxonomy_id     9606 
_entity_src_gen.pdbx_gene_src_variant              ? 
_entity_src_gen.pdbx_gene_src_cell_line            ? 
_entity_src_gen.pdbx_gene_src_atcc                 ? 
_entity_src_gen.pdbx_gene_src_organ                ? 
_entity_src_gen.pdbx_gene_src_organelle            ? 
_entity_src_gen.pdbx_gene_src_cell                 ? 
_entity_src_gen.pdbx_gene_src_cellular_location    ? 
_entity_src_gen.host_org_common_name               ? 
_entity_src_gen.pdbx_host_org_scientific_name      'Escherichia coli' 
_entity_src_gen.pdbx_host_org_ncbi_taxonomy_id     562 
_entity_src_gen.host_org_genus                     ? 
_entity_src_gen.pdbx_host_org_gene                 ? 
_entity_src_gen.pdbx_host_org_organ                ? 
_entity_src_gen.host_org_species                   ? 
_entity_src_gen.pdbx_host_org_tissue               ? 
_entity_src_gen.pdbx_host_org_tissue_fraction      ? 
_entity_src_gen.pdbx_host_org_strain               ? 
_entity_src_gen.pdbx_host_org_variant              ? 
_entity_src_gen.pdbx_host_org_cell_line            ? 
_entity_src_gen.pdbx_host_org_atcc                 ? 
_entity_src_gen.pdbx_host_org_culture_collection   ? 
_entity_src_gen.pdbx_host_org_cell                 ? 
_entity_src_gen.pdbx_host_org_organelle            ? 
_entity_src_gen.pdbx_host_org_cellular_location    ? 
_entity_src_gen.pdbx_host_org_vector_type          ? 
_entity_src_gen.pdbx_host_org_vector               ? 
_entity_src_gen.host_org_details                   ? 
_entity_src_gen.expression_system_id               ? 
_entity_src_gen.plasmid_name                       ? 
_entity_src_gen.plasmid_details                    ? 
_entity_src_gen.pdbx_description                   ? 
# 
loop_
_chem_comp.id 
_chem_comp.type 
_chem_comp.mon_nstd_flag 
_chem_comp.name 
_chem_comp.pdbx_synonyms 
_chem_comp.formula 
_chem_comp.formula_weight 
ALA 'L-peptide linking' y ALANINE         ? 'C3 H7 N O2'     89.093  
ARG 'L-peptide linking' y ARGININE        ? 'C6 H15 N4 O2 1' 175.209 
ASN 'L-peptide linking' y ASPARAGINE      ? 'C4 H8 N2 O3'    132.118 
ASP 'L-peptide linking' y 'ASPARTIC ACID' ? 'C4 H7 N O4'     133.103 
CYS 'L-peptide linking' y CYSTEINE        ? 'C3 H7 N O2 S'   121.158 
GLN 'L-peptide linking' y GLUTAMINE       ? 'C5 H10 N2 O3'   146.144 
GLU 'L-peptide linking' y 'GLUTAMIC ACID' ? 'C5 H9 N O4'     147.129 
GLY 'peptide linking'   y GLYCINE         ? 'C2 H5 N O2'     75.067  
HIS 'L-peptide linking' y HISTIDINE       ? 'C6 H10 N3 O2 1' 156.162 
HOH non-polymer         . WATER           ? 'H2 O'           18.015  
ILE 'L-peptide linking' y ISOLEUCINE      ? 'C6 H13 N O2'    131.173 
LEU 'L-peptide linking' y LEUCINE         ? 'C6 H13 N O2'    131.173 
LYS 'L-peptide linking' y LYSINE          ? 'C6 H15 N2 O2 1' 147.195 
MET 'L-peptide linking' y METHIONINE      ? 'C5 H11 N O2 S'  149.211 
PHE 'L-peptide linking' y PHENYLALANINE   ? 'C9 H11 N O2'    165.189 
PRO 'L-peptide linking' y PROLINE         ? 'C5 H9 N O2'     115.130 
SER 'L-peptide linking' y SERINE          ? 'C3 H7 N O3'     105.093 
THR 'L-peptide linking' y THREONINE       ? 'C4 H9 N O3'     119.119 
TRP 'L-peptide linking' y TRYPTOPHAN      ? 'C11 H12 N2 O2'  204.225 
TYR 'L-peptide linking' y TYROSINE        ? 'C9 H11 N O3'    181.189 
VAL 'L-peptide linking' y VALINE          ? 'C5 H11 N O2'    117.146 
# 
loop_
_pdbx_poly_seq_scheme.asym_id 
_pdbx_poly_seq_scheme.entity_id 
_pdbx_poly_seq_scheme.seq_id 
_pdbx_poly_seq_scheme.mon_id 
_pdbx_poly_seq_scheme.ndb_seq_num 
_pdbx_poly_seq_scheme.pdb_seq_num 
_pdbx_poly_seq_scheme.auth_seq_num 
_pdbx_poly_seq_scheme.pdb_mon_id 
_pdbx_poly_seq_scheme.auth_mon_id 
_pdbx_poly_seq_scheme.pdb_strand_id 
_pdbx_poly_seq_scheme.pdb_ins_code 
_pdbx_poly_seq_scheme.hetero 
A 1 1   GLY 1   -2  ?   ?   ?   A . n 
A 1 2   SER 2   -1  ?   ?   ?   A . n 
A 1 3   HIS 3   0   ?   ?   ?   A . n 
A 1 4   MET 4   1   ?   ?   ?   A . n 
A 1 5   SER 5   2   2   SER SER A . n 
A 1 6   LEU 6   3   3   LEU LEU A . n 
A 1 7   LEU 7   4   4   LEU LEU A . n 
A 1 8   PRO 8   5   5   PRO PRO A . n 
A 1 9   VAL 9   6   6   VAL VAL A . n 
A 1 10  PRO 10  7   7   PRO PRO A . n 
A 1 11  TYR 11  8   8   TYR TYR A . n 
A 1 12  THR 12  9   9   THR THR A . n 
A 1 13  GLU 13  10  10  GLU GLU A . n 
A 1 14  ALA 14  11  11  ALA ALA A . n 
A 1 15  ALA 15  12  12  ALA ALA A . n 
A 1 16  SER 16  13  13  SER SER A . n 
A 1 17  LEU 17  14  14  LEU LEU A . n 
A 1 18  SER 18  15  15  SER SER A . n 
A 1 19  THR 19  16  16  THR THR A . n 
A 1 20  GLY 20  17  17  GLY GLY A . n 
A 1 21  SER 21  18  18  SER SER A . n 
A 1 22  THR 22  19  19  THR THR A . n 
A 1 23  VAL 23  20  20  VAL VAL A . n 
A 1 24  THR 24  21  21  THR THR A . n 
A 1 25  ILE 25  22  22  ILE ILE A . n 
A 1 26  LYS 26  23  23  LYS LYS A . n 
A 1 27  GLY 27  24  24  GLY GLY A . n 
A 1 28  ARG 28  25  25  ARG ARG A . n 
A 1 29  PRO 29  26  26  PRO PRO A . n 
A 1 30  LEU 30  27  27  LEU LEU A . n 
A 1 31  ALA 31  28  28  ALA ALA A . n 
A 1 32  CYS 32  29  29  CYS CYS A . n 
A 1 33  PHE 33  30  30  PHE PHE A . n 
A 1 34  LEU 34  31  31  LEU LEU A . n 
A 1 35  ASN 35  32  32  ASN ASN A . n 
A 1 36  GLU 36  33  33  GLU GLU A . n 
A 1 37  PRO 37  34  34  PRO PRO A . n 
A 1 38  TYR 38  35  35  TYR TYR A . n 
A 1 39  LEU 39  36  36  LEU LEU A . n 
A 1 40  GLN 40  37  37  GLN GLN A . n 
A 1 41  VAL 41  38  38  VAL VAL A . n 
A 1 42  ASP 42  39  39  ASP ASP A . n 
A 1 43  PHE 43  40  40  PHE PHE A . n 
A 1 44  HIS 44  41  41  HIS HIS A . n 
A 1 45  THR 45  42  42  THR THR A . n 
A 1 46  GLU 46  43  43  GLU GLU A . n 
A 1 47  MET 47  44  44  MET MET A . n 
A 1 48  LYS 48  45  45  LYS LYS A . n 
A 1 49  GLU 49  46  46  GLU GLU A . n 
A 1 50  GLU 50  47  47  GLU GLU A . n 
A 1 51  SER 51  48  48  SER SER A . n 
A 1 52  ASP 52  49  49  ASP ASP A . n 
A 1 53  ILE 53  50  50  ILE ILE A . n 
A 1 54  VAL 54  51  51  VAL VAL A . n 
A 1 55  PHE 55  52  52  PHE PHE A . n 
A 1 56  HIS 56  53  53  HIS HIS A . n 
A 1 57  PHE 57  54  54  PHE PHE A . n 
A 1 58  GLN 58  55  55  GLN GLN A . n 
A 1 59  VAL 59  56  56  VAL VAL A . n 
A 1 60  CYS 60  57  57  CYS CYS A . n 
A 1 61  PHE 61  58  58  PHE PHE A . n 
A 1 62  GLY 62  59  59  GLY GLY A . n 
A 1 63  ARG 63  60  60  ARG ARG A . n 
A 1 64  ARG 64  61  61  ARG ARG A . n 
A 1 65  VAL 65  62  62  VAL VAL A . n 
A 1 66  VAL 66  63  63  VAL VAL A . n 
A 1 67  MET 67  64  64  MET MET A . n 
A 1 68  ASN 68  65  65  ASN ASN A . n 
A 1 69  SER 69  66  66  SER SER A . n 
A 1 70  ARG 70  67  67  ARG ARG A . n 
A 1 71  GLU 71  68  68  GLU GLU A . n 
A 1 72  TYR 72  69  69  TYR TYR A . n 
A 1 73  GLY 73  70  70  GLY GLY A . n 
A 1 74  ALA 74  71  71  ALA ALA A . n 
A 1 75  TRP 75  72  72  TRP TRP A . n 
A 1 76  LYS 76  73  73  LYS LYS A . n 
A 1 77  GLN 77  74  74  GLN GLN A . n 
A 1 78  GLN 78  75  75  GLN GLN A . n 
A 1 79  VAL 79  76  76  VAL VAL A . n 
A 1 80  GLU 80  77  77  GLU GLU A . n 
A 1 81  SER 81  78  78  SER SER A . n 
A 1 82  LYS 82  79  79  LYS LYS A . n 
A 1 83  ASN 83  80  80  ASN ASN A . n 
A 1 84  MET 84  81  81  MET MET A . n 
A 1 85  PRO 85  82  82  PRO PRO A . n 
A 1 86  PHE 86  83  83  PHE PHE A . n 
A 1 87  GLN 87  84  84  GLN GLN A . n 
A 1 88  ASP 88  85  85  ASP ASP A . n 
A 1 89  GLY 89  86  86  GLY GLY A . n 
A 1 90  GLN 90  87  87  GLN GLN A . n 
A 1 91  GLU 91  88  88  GLU GLU A . n 
A 1 92  PHE 92  89  89  PHE PHE A . n 
A 1 93  GLU 93  90  90  GLU GLU A . n 
A 1 94  LEU 94  91  91  LEU LEU A . n 
A 1 95  SER 95  92  92  SER SER A . n 
A 1 96  ILE 96  93  93  ILE ILE A . n 
A 1 97  SER 97  94  94  SER SER A . n 
A 1 98  VAL 98  95  95  VAL VAL A . n 
A 1 99  LEU 99  96  96  LEU LEU A . n 
A 1 100 PRO 100 97  97  PRO PRO A . n 
A 1 101 ASP 101 98  98  ASP ASP A . n 
A 1 102 LYS 102 99  99  LYS LYS A . n 
A 1 103 TYR 103 100 100 TYR TYR A . n 
A 1 104 GLN 104 101 101 GLN GLN A . n 
A 1 105 VAL 105 102 102 VAL VAL A . n 
A 1 106 MET 106 103 103 MET MET A . n 
A 1 107 VAL 107 104 104 VAL VAL A . n 
A 1 108 ASN 108 105 105 ASN ASN A . n 
A 1 109 GLY 109 106 106 GLY GLY A . n 
A 1 110 GLN 110 107 107 GLN GLN A . n 
A 1 111 SER 111 108 108 SER SER A . n 
A 1 112 SER 112 109 109 SER SER A . n 
A 1 113 TYR 113 110 110 TYR TYR A . n 
A 1 114 THR 114 111 111 THR THR A . n 
A 1 115 PHE 115 112 112 PHE PHE A . n 
A 1 116 ASP 116 113 113 ASP ASP A . n 
A 1 117 HIS 117 114 114 HIS HIS A . n 
A 1 118 ARG 118 115 115 ARG ARG A . n 
A 1 119 ILE 119 116 116 ILE ILE A . n 
A 1 120 LYS 120 117 117 LYS LYS A . n 
A 1 121 PRO 121 118 118 PRO PRO A . n 
A 1 122 GLU 122 119 119 GLU GLU A . n 
A 1 123 ALA 123 120 120 ALA ALA A . n 
A 1 124 VAL 124 121 121 VAL VAL A . n 
A 1 125 LYS 125 122 122 LYS LYS A . n 
A 1 126 MET 126 123 123 MET MET A . n 
A 1 127 VAL 127 124 124 VAL VAL A . n 
A 1 128 GLN 128 125 125 GLN GLN A . n 
A 1 129 VAL 129 126 126 VAL VAL A . n 
A 1 130 TRP 130 127 127 TRP TRP A . n 
A 1 131 ARG 131 128 128 ARG ARG A . n 
A 1 132 ASP 132 129 129 ASP ASP A . n 
A 1 133 ILE 133 130 130 ILE ILE A . n 
A 1 134 SER 134 131 131 SER SER A . n 
A 1 135 LEU 135 132 132 LEU LEU A . n 
A 1 136 THR 136 133 133 THR THR A . n 
A 1 137 LYS 137 134 134 LYS LYS A . n 
A 1 138 PHE 138 135 135 PHE PHE A . n 
A 1 139 ASN 139 136 136 ASN ASN A . n 
A 1 140 VAL 140 137 137 VAL VAL A . n 
A 1 141 SER 141 138 138 SER SER A . n 
A 1 142 TYR 142 139 139 TYR TYR A . n 
A 1 143 LEU 143 140 140 LEU LEU A . n 
A 1 144 LYS 144 141 141 LYS LYS A . n 
A 1 145 ARG 145 142 142 ARG ARG A . n 
# 
loop_
_pdbx_nonpoly_scheme.asym_id 
_pdbx_nonpoly_scheme.entity_id 
_pdbx_nonpoly_scheme.mon_id 
_pdbx_nonpoly_scheme.ndb_seq_num 
_pdbx_nonpoly_scheme.pdb_seq_num 
_pdbx_nonpoly_scheme.auth_seq_num 
_pdbx_nonpoly_scheme.pdb_mon_id 
_pdbx_nonpoly_scheme.auth_mon_id 
_pdbx_nonpoly_scheme.pdb_strand_id 
_pdbx_nonpoly_scheme.pdb_ins_code 
B 2 HOH 1   201 95  HOH HOH A . 
B 2 HOH 2   202 120 HOH HOH A . 
B 2 HOH 3   203 46  HOH HOH A . 
B 2 HOH 4   204 152 HOH HOH A . 
B 2 HOH 5   205 76  HOH HOH A . 
B 2 HOH 6   206 113 HOH HOH A . 
B 2 HOH 7   207 3   HOH HOH A . 
B 2 HOH 8   208 86  HOH HOH A . 
B 2 HOH 9   209 122 HOH HOH A . 
B 2 HOH 10  210 88  HOH HOH A . 
B 2 HOH 11  211 5   HOH HOH A . 
B 2 HOH 12  212 123 HOH HOH A . 
B 2 HOH 13  213 14  HOH HOH A . 
B 2 HOH 14  214 10  HOH HOH A . 
B 2 HOH 15  215 140 HOH HOH A . 
B 2 HOH 16  216 153 HOH HOH A . 
B 2 HOH 17  217 52  HOH HOH A . 
B 2 HOH 18  218 179 HOH HOH A . 
B 2 HOH 19  219 98  HOH HOH A . 
B 2 HOH 20  220 106 HOH HOH A . 
B 2 HOH 21  221 21  HOH HOH A . 
B 2 HOH 22  222 40  HOH HOH A . 
B 2 HOH 23  223 8   HOH HOH A . 
B 2 HOH 24  224 71  HOH HOH A . 
B 2 HOH 25  225 17  HOH HOH A . 
B 2 HOH 26  226 62  HOH HOH A . 
B 2 HOH 27  227 146 HOH HOH A . 
B 2 HOH 28  228 148 HOH HOH A . 
B 2 HOH 29  229 38  HOH HOH A . 
B 2 HOH 30  230 66  HOH HOH A . 
B 2 HOH 31  231 81  HOH HOH A . 
B 2 HOH 32  232 6   HOH HOH A . 
B 2 HOH 33  233 69  HOH HOH A . 
B 2 HOH 34  234 50  HOH HOH A . 
B 2 HOH 35  235 167 HOH HOH A . 
B 2 HOH 36  236 36  HOH HOH A . 
B 2 HOH 37  237 80  HOH HOH A . 
B 2 HOH 38  238 143 HOH HOH A . 
B 2 HOH 39  239 64  HOH HOH A . 
B 2 HOH 40  240 42  HOH HOH A . 
B 2 HOH 41  241 15  HOH HOH A . 
B 2 HOH 42  242 31  HOH HOH A . 
B 2 HOH 43  243 34  HOH HOH A . 
B 2 HOH 44  244 97  HOH HOH A . 
B 2 HOH 45  245 159 HOH HOH A . 
B 2 HOH 46  246 87  HOH HOH A . 
B 2 HOH 47  247 183 HOH HOH A . 
B 2 HOH 48  248 74  HOH HOH A . 
B 2 HOH 49  249 23  HOH HOH A . 
B 2 HOH 50  250 30  HOH HOH A . 
B 2 HOH 51  251 90  HOH HOH A . 
B 2 HOH 52  252 25  HOH HOH A . 
B 2 HOH 53  253 163 HOH HOH A . 
B 2 HOH 54  254 12  HOH HOH A . 
B 2 HOH 55  255 116 HOH HOH A . 
B 2 HOH 56  256 28  HOH HOH A . 
B 2 HOH 57  257 72  HOH HOH A . 
B 2 HOH 58  258 124 HOH HOH A . 
B 2 HOH 59  259 2   HOH HOH A . 
B 2 HOH 60  260 48  HOH HOH A . 
B 2 HOH 61  261 1   HOH HOH A . 
B 2 HOH 62  262 135 HOH HOH A . 
B 2 HOH 63  263 68  HOH HOH A . 
B 2 HOH 64  264 22  HOH HOH A . 
B 2 HOH 65  265 156 HOH HOH A . 
B 2 HOH 66  266 93  HOH HOH A . 
B 2 HOH 67  267 11  HOH HOH A . 
B 2 HOH 68  268 58  HOH HOH A . 
B 2 HOH 69  269 107 HOH HOH A . 
B 2 HOH 70  270 32  HOH HOH A . 
B 2 HOH 71  271 53  HOH HOH A . 
B 2 HOH 72  272 13  HOH HOH A . 
B 2 HOH 73  273 145 HOH HOH A . 
B 2 HOH 74  274 45  HOH HOH A . 
B 2 HOH 75  275 41  HOH HOH A . 
B 2 HOH 76  276 112 HOH HOH A . 
B 2 HOH 77  277 117 HOH HOH A . 
B 2 HOH 78  278 16  HOH HOH A . 
B 2 HOH 79  279 60  HOH HOH A . 
B 2 HOH 80  280 57  HOH HOH A . 
B 2 HOH 81  281 4   HOH HOH A . 
B 2 HOH 82  282 27  HOH HOH A . 
B 2 HOH 83  283 67  HOH HOH A . 
B 2 HOH 84  284 75  HOH HOH A . 
B 2 HOH 85  285 7   HOH HOH A . 
B 2 HOH 86  286 127 HOH HOH A . 
B 2 HOH 87  287 136 HOH HOH A . 
B 2 HOH 88  288 125 HOH HOH A . 
B 2 HOH 89  289 73  HOH HOH A . 
B 2 HOH 90  290 49  HOH HOH A . 
B 2 HOH 91  291 110 HOH HOH A . 
B 2 HOH 92  292 33  HOH HOH A . 
B 2 HOH 93  293 155 HOH HOH A . 
B 2 HOH 94  294 85  HOH HOH A . 
B 2 HOH 95  295 35  HOH HOH A . 
B 2 HOH 96  296 89  HOH HOH A . 
B 2 HOH 97  297 55  HOH HOH A . 
B 2 HOH 98  298 29  HOH HOH A . 
B 2 HOH 99  299 19  HOH HOH A . 
B 2 HOH 100 300 39  HOH HOH A . 
B 2 HOH 101 301 26  HOH HOH A . 
B 2 HOH 102 302 37  HOH HOH A . 
B 2 HOH 103 303 56  HOH HOH A . 
B 2 HOH 104 304 91  HOH HOH A . 
B 2 HOH 105 305 24  HOH HOH A . 
B 2 HOH 106 306 151 HOH HOH A . 
B 2 HOH 107 307 65  HOH HOH A . 
B 2 HOH 108 308 158 HOH HOH A . 
B 2 HOH 109 309 119 HOH HOH A . 
B 2 HOH 110 310 96  HOH HOH A . 
B 2 HOH 111 311 44  HOH HOH A . 
B 2 HOH 112 312 18  HOH HOH A . 
B 2 HOH 113 313 162 HOH HOH A . 
B 2 HOH 114 314 59  HOH HOH A . 
B 2 HOH 115 315 20  HOH HOH A . 
B 2 HOH 116 316 147 HOH HOH A . 
B 2 HOH 117 317 104 HOH HOH A . 
B 2 HOH 118 318 193 HOH HOH A . 
B 2 HOH 119 319 79  HOH HOH A . 
B 2 HOH 120 320 164 HOH HOH A . 
B 2 HOH 121 321 131 HOH HOH A . 
B 2 HOH 122 322 130 HOH HOH A . 
B 2 HOH 123 323 77  HOH HOH A . 
B 2 HOH 124 324 63  HOH HOH A . 
B 2 HOH 125 325 139 HOH HOH A . 
B 2 HOH 126 326 121 HOH HOH A . 
B 2 HOH 127 327 61  HOH HOH A . 
B 2 HOH 128 328 175 HOH HOH A . 
B 2 HOH 129 329 165 HOH HOH A . 
B 2 HOH 130 330 54  HOH HOH A . 
B 2 HOH 131 331 43  HOH HOH A . 
B 2 HOH 132 332 149 HOH HOH A . 
B 2 HOH 133 333 160 HOH HOH A . 
B 2 HOH 134 334 92  HOH HOH A . 
B 2 HOH 135 335 182 HOH HOH A . 
B 2 HOH 136 336 82  HOH HOH A . 
B 2 HOH 137 337 184 HOH HOH A . 
B 2 HOH 138 338 47  HOH HOH A . 
B 2 HOH 139 339 172 HOH HOH A . 
B 2 HOH 140 340 128 HOH HOH A . 
B 2 HOH 141 341 83  HOH HOH A . 
B 2 HOH 142 342 154 HOH HOH A . 
B 2 HOH 143 343 102 HOH HOH A . 
B 2 HOH 144 344 133 HOH HOH A . 
B 2 HOH 145 345 111 HOH HOH A . 
B 2 HOH 146 346 70  HOH HOH A . 
B 2 HOH 147 347 181 HOH HOH A . 
B 2 HOH 148 348 144 HOH HOH A . 
B 2 HOH 149 349 174 HOH HOH A . 
B 2 HOH 150 350 99  HOH HOH A . 
B 2 HOH 151 351 185 HOH HOH A . 
B 2 HOH 152 352 101 HOH HOH A . 
B 2 HOH 153 353 94  HOH HOH A . 
B 2 HOH 154 354 161 HOH HOH A . 
B 2 HOH 155 355 157 HOH HOH A . 
B 2 HOH 156 356 134 HOH HOH A . 
B 2 HOH 157 357 171 HOH HOH A . 
B 2 HOH 158 358 51  HOH HOH A . 
B 2 HOH 159 359 150 HOH HOH A . 
B 2 HOH 160 360 177 HOH HOH A . 
B 2 HOH 161 361 188 HOH HOH A . 
B 2 HOH 162 362 129 HOH HOH A . 
B 2 HOH 163 363 166 HOH HOH A . 
B 2 HOH 164 364 84  HOH HOH A . 
B 2 HOH 165 365 168 HOH HOH A . 
B 2 HOH 166 366 169 HOH HOH A . 
B 2 HOH 167 367 191 HOH HOH A . 
B 2 HOH 168 368 105 HOH HOH A . 
B 2 HOH 169 369 103 HOH HOH A . 
B 2 HOH 170 370 192 HOH HOH A . 
B 2 HOH 171 371 142 HOH HOH A . 
B 2 HOH 172 372 115 HOH HOH A . 
B 2 HOH 173 373 187 HOH HOH A . 
B 2 HOH 174 374 126 HOH HOH A . 
B 2 HOH 175 375 180 HOH HOH A . 
B 2 HOH 176 376 176 HOH HOH A . 
B 2 HOH 177 377 186 HOH HOH A . 
B 2 HOH 178 378 141 HOH HOH A . 
B 2 HOH 179 379 190 HOH HOH A . 
B 2 HOH 180 380 170 HOH HOH A . 
B 2 HOH 181 381 173 HOH HOH A . 
B 2 HOH 182 382 118 HOH HOH A . 
B 2 HOH 183 383 138 HOH HOH A . 
B 2 HOH 184 384 132 HOH HOH A . 
B 2 HOH 185 385 100 HOH HOH A . 
B 2 HOH 186 386 189 HOH HOH A . 
B 2 HOH 187 387 108 HOH HOH A . 
B 2 HOH 188 388 178 HOH HOH A . 
# 
loop_
_pdbx_unobs_or_zero_occ_atoms.id 
_pdbx_unobs_or_zero_occ_atoms.PDB_model_num 
_pdbx_unobs_or_zero_occ_atoms.polymer_flag 
_pdbx_unobs_or_zero_occ_atoms.occupancy_flag 
_pdbx_unobs_or_zero_occ_atoms.auth_asym_id 
_pdbx_unobs_or_zero_occ_atoms.auth_comp_id 
_pdbx_unobs_or_zero_occ_atoms.auth_seq_id 
_pdbx_unobs_or_zero_occ_atoms.PDB_ins_code 
_pdbx_unobs_or_zero_occ_atoms.auth_atom_id 
_pdbx_unobs_or_zero_occ_atoms.label_alt_id 
_pdbx_unobs_or_zero_occ_atoms.label_asym_id 
_pdbx_unobs_or_zero_occ_atoms.label_comp_id 
_pdbx_unobs_or_zero_occ_atoms.label_seq_id 
_pdbx_unobs_or_zero_occ_atoms.label_atom_id 
1  1 Y 1 A SER 2   ? OG  ? A SER 5   OG  
2  1 Y 1 A GLU 46  ? CG  ? A GLU 49  CG  
3  1 Y 1 A GLU 46  ? CD  ? A GLU 49  CD  
4  1 Y 1 A GLU 46  ? OE1 ? A GLU 49  OE1 
5  1 Y 1 A GLU 46  ? OE2 ? A GLU 49  OE2 
6  1 Y 1 A GLU 47  ? CG  ? A GLU 50  CG  
7  1 Y 1 A GLU 47  ? CD  ? A GLU 50  CD  
8  1 Y 1 A GLU 47  ? OE1 ? A GLU 50  OE1 
9  1 Y 1 A GLU 47  ? OE2 ? A GLU 50  OE2 
10 1 Y 1 A ARG 60  ? CG  ? A ARG 63  CG  
11 1 Y 1 A ARG 60  ? CD  ? A ARG 63  CD  
12 1 Y 1 A ARG 60  ? NE  ? A ARG 63  NE  
13 1 Y 1 A ARG 60  ? CZ  ? A ARG 63  CZ  
14 1 Y 1 A ARG 60  ? NH1 ? A ARG 63  NH1 
15 1 Y 1 A ARG 60  ? NH2 ? A ARG 63  NH2 
16 1 Y 1 A GLU 77  ? CG  ? A GLU 80  CG  
17 1 Y 1 A GLU 77  ? CD  ? A GLU 80  CD  
18 1 Y 1 A GLU 77  ? OE1 ? A GLU 80  OE1 
19 1 Y 1 A GLU 77  ? OE2 ? A GLU 80  OE2 
20 1 Y 1 A GLU 90  ? CG  ? A GLU 93  CG  
21 1 Y 1 A GLU 90  ? CD  ? A GLU 93  CD  
22 1 Y 1 A GLU 90  ? OE1 ? A GLU 93  OE1 
23 1 Y 1 A GLU 90  ? OE2 ? A GLU 93  OE2 
24 1 Y 1 A ASP 98  ? CG  ? A ASP 101 CG  
25 1 Y 1 A ASP 98  ? OD1 ? A ASP 101 OD1 
26 1 Y 1 A ASP 98  ? OD2 ? A ASP 101 OD2 
27 1 Y 1 A LYS 134 ? CG  ? A LYS 137 CG  
28 1 Y 1 A LYS 134 ? CD  ? A LYS 137 CD  
29 1 Y 1 A LYS 134 ? CE  ? A LYS 137 CE  
30 1 Y 1 A LYS 134 ? NZ  ? A LYS 137 NZ  
31 1 Y 1 A ARG 142 ? CG  ? A ARG 145 CG  
32 1 Y 1 A ARG 142 ? CD  ? A ARG 145 CD  
33 1 Y 1 A ARG 142 ? NE  ? A ARG 145 NE  
34 1 Y 1 A ARG 142 ? CZ  ? A ARG 145 CZ  
35 1 Y 1 A ARG 142 ? NH1 ? A ARG 145 NH1 
36 1 Y 1 A ARG 142 ? NH2 ? A ARG 145 NH2 
# 
loop_
_software.citation_id 
_software.classification 
_software.compiler_name 
_software.compiler_version 
_software.contact_author 
_software.contact_author_email 
_software.date 
_software.description 
_software.dependencies 
_software.hardware 
_software.language 
_software.location 
_software.mods 
_software.name 
_software.os 
_software.os_version 
_software.type 
_software.version 
_software.pdbx_ordinal 
? refinement        ? ? ? ? ? ? ? ? ? ? ? PHENIX      ? ? ? 1.10.1_2155 1 
? 'data extraction' ? ? ? ? ? ? ? ? ? ? ? PDB_EXTRACT ? ? ? 3.22        2 
# 
_cell.angle_alpha                  90.000 
_cell.angle_alpha_esd              ? 
_cell.angle_beta                   90.000 
_cell.angle_beta_esd               ? 
_cell.angle_gamma                  120.000 
_cell.angle_gamma_esd              ? 
_cell.entry_id                     5XRH 
_cell.details                      ? 
_cell.formula_units_Z              ? 
_cell.length_a                     48.559 
_cell.length_a_esd                 ? 
_cell.length_b                     48.559 
_cell.length_b_esd                 ? 
_cell.length_c                     260.328 
_cell.length_c_esd                 ? 
_cell.volume                       ? 
_cell.volume_esd                   ? 
_cell.Z_PDB                        12 
_cell.reciprocal_angle_alpha       ? 
_cell.reciprocal_angle_beta        ? 
_cell.reciprocal_angle_gamma       ? 
_cell.reciprocal_angle_alpha_esd   ? 
_cell.reciprocal_angle_beta_esd    ? 
_cell.reciprocal_angle_gamma_esd   ? 
_cell.reciprocal_length_a          ? 
_cell.reciprocal_length_b          ? 
_cell.reciprocal_length_c          ? 
_cell.reciprocal_length_a_esd      ? 
_cell.reciprocal_length_b_esd      ? 
_cell.reciprocal_length_c_esd      ? 
_cell.pdbx_unique_axis             ? 
# 
_symmetry.entry_id                         5XRH 
_symmetry.cell_setting                     ? 
_symmetry.Int_Tables_number                179 
_symmetry.space_group_name_Hall            ? 
_symmetry.space_group_name_H-M             'P 65 2 2' 
_symmetry.pdbx_full_space_group_name_H-M   ? 
# 
_exptl.absorpt_coefficient_mu     ? 
_exptl.absorpt_correction_T_max   ? 
_exptl.absorpt_correction_T_min   ? 
_exptl.absorpt_correction_type    ? 
_exptl.absorpt_process_details    ? 
_exptl.entry_id                   5XRH 
_exptl.crystals_number            1 
_exptl.details                    ? 
_exptl.method                     'X-RAY DIFFRACTION' 
_exptl.method_details             ? 
# 
_exptl_crystal.colour                      ? 
_exptl_crystal.density_diffrn              ? 
_exptl_crystal.density_Matthews            2.71 
_exptl_crystal.density_method              ? 
_exptl_crystal.density_percent_sol         54.63 
_exptl_crystal.description                 ? 
_exptl_crystal.F_000                       ? 
_exptl_crystal.id                          1 
_exptl_crystal.preparation                 ? 
_exptl_crystal.size_max                    ? 
_exptl_crystal.size_mid                    ? 
_exptl_crystal.size_min                    ? 
_exptl_crystal.size_rad                    ? 
_exptl_crystal.colour_lustre               ? 
_exptl_crystal.colour_modifier             ? 
_exptl_crystal.colour_primary              ? 
_exptl_crystal.density_meas                ? 
_exptl_crystal.density_meas_esd            ? 
_exptl_crystal.density_meas_gt             ? 
_exptl_crystal.density_meas_lt             ? 
_exptl_crystal.density_meas_temp           ? 
_exptl_crystal.density_meas_temp_esd       ? 
_exptl_crystal.density_meas_temp_gt        ? 
_exptl_crystal.density_meas_temp_lt        ? 
_exptl_crystal.pdbx_crystal_image_url      ? 
_exptl_crystal.pdbx_crystal_image_format   ? 
_exptl_crystal.pdbx_mosaicity              ? 
_exptl_crystal.pdbx_mosaicity_esd          ? 
# 
_exptl_crystal_grow.apparatus       ? 
_exptl_crystal_grow.atmosphere      ? 
_exptl_crystal_grow.crystal_id      1 
_exptl_crystal_grow.details         ? 
_exptl_crystal_grow.method          'VAPOR DIFFUSION, HANGING DROP' 
_exptl_crystal_grow.method_ref      ? 
_exptl_crystal_grow.pH              ? 
_exptl_crystal_grow.pressure        ? 
_exptl_crystal_grow.pressure_esd    ? 
_exptl_crystal_grow.seeding         ? 
_exptl_crystal_grow.seeding_ref     ? 
_exptl_crystal_grow.temp            298 
_exptl_crystal_grow.temp_details    ? 
_exptl_crystal_grow.temp_esd        ? 
_exptl_crystal_grow.time            ? 
_exptl_crystal_grow.pdbx_details    Bis-Tris 
_exptl_crystal_grow.pdbx_pH_range   ? 
# 
_diffrn.ambient_environment    ? 
_diffrn.ambient_temp           100 
_diffrn.ambient_temp_details   ? 
_diffrn.ambient_temp_esd       ? 
_diffrn.crystal_id             1 
_diffrn.crystal_support        ? 
_diffrn.crystal_treatment      ? 
_diffrn.details                ? 
_diffrn.id                     1 
_diffrn.ambient_pressure       ? 
_diffrn.ambient_pressure_esd   ? 
_diffrn.ambient_pressure_gt    ? 
_diffrn.ambient_pressure_lt    ? 
_diffrn.ambient_temp_gt        ? 
_diffrn.ambient_temp_lt        ? 
# 
_diffrn_detector.details                      ? 
_diffrn_detector.detector                     PIXEL 
_diffrn_detector.diffrn_id                    1 
_diffrn_detector.type                         'DECTRIS PILATUS3 6M' 
_diffrn_detector.area_resol_mean              ? 
_diffrn_detector.dtime                        ? 
_diffrn_detector.pdbx_frames_total            ? 
_diffrn_detector.pdbx_collection_time_total   ? 
_diffrn_detector.pdbx_collection_date         2017-03-19 
# 
_diffrn_radiation.collimation                      ? 
_diffrn_radiation.diffrn_id                        1 
_diffrn_radiation.filter_edge                      ? 
_diffrn_radiation.inhomogeneity                    ? 
_diffrn_radiation.monochromator                    ? 
_diffrn_radiation.polarisn_norm                    ? 
_diffrn_radiation.polarisn_ratio                   ? 
_diffrn_radiation.probe                            ? 
_diffrn_radiation.type                             ? 
_diffrn_radiation.xray_symbol                      ? 
_diffrn_radiation.wavelength_id                    1 
_diffrn_radiation.pdbx_monochromatic_or_laue_m_l   M 
_diffrn_radiation.pdbx_wavelength_list             ? 
_diffrn_radiation.pdbx_wavelength                  ? 
_diffrn_radiation.pdbx_diffrn_protocol             'SINGLE WAVELENGTH' 
_diffrn_radiation.pdbx_analyzer                    ? 
_diffrn_radiation.pdbx_scattering_type             x-ray 
# 
_diffrn_radiation_wavelength.id           1 
_diffrn_radiation_wavelength.wavelength   0.9 
_diffrn_radiation_wavelength.wt           1.0 
# 
_diffrn_source.current                     ? 
_diffrn_source.details                     ? 
_diffrn_source.diffrn_id                   1 
_diffrn_source.power                       ? 
_diffrn_source.size                        ? 
_diffrn_source.source                      SYNCHROTRON 
_diffrn_source.target                      ? 
_diffrn_source.type                        'SSRF BEAMLINE BL18U1' 
_diffrn_source.voltage                     ? 
_diffrn_source.take-off_angle              ? 
_diffrn_source.pdbx_wavelength_list        0.9 
_diffrn_source.pdbx_wavelength             ? 
_diffrn_source.pdbx_synchrotron_beamline   BL18U1 
_diffrn_source.pdbx_synchrotron_site       SSRF 
# 
_reflns.B_iso_Wilson_estimate            ? 
_reflns.entry_id                         5XRH 
_reflns.data_reduction_details           ? 
_reflns.data_reduction_method            ? 
_reflns.d_resolution_high                1.55 
_reflns.d_resolution_low                 19.5 
_reflns.details                          ? 
_reflns.limit_h_max                      ? 
_reflns.limit_h_min                      ? 
_reflns.limit_k_max                      ? 
_reflns.limit_k_min                      ? 
_reflns.limit_l_max                      ? 
_reflns.limit_l_min                      ? 
_reflns.number_all                       ? 
_reflns.number_obs                       27731 
_reflns.observed_criterion               ? 
_reflns.observed_criterion_F_max         ? 
_reflns.observed_criterion_F_min         ? 
_reflns.observed_criterion_I_max         ? 
_reflns.observed_criterion_I_min         ? 
_reflns.observed_criterion_sigma_F       ? 
_reflns.observed_criterion_sigma_I       ? 
_reflns.percent_possible_obs             99.7 
_reflns.R_free_details                   ? 
_reflns.Rmerge_F_all                     ? 
_reflns.Rmerge_F_obs                     ? 
_reflns.Friedel_coverage                 ? 
_reflns.number_gt                        ? 
_reflns.threshold_expression             ? 
_reflns.pdbx_redundancy                  17.7 
_reflns.pdbx_Rmerge_I_obs                ? 
_reflns.pdbx_Rmerge_I_all                ? 
_reflns.pdbx_Rsym_value                  ? 
_reflns.pdbx_netI_over_av_sigmaI         ? 
_reflns.pdbx_netI_over_sigmaI            24.3 
_reflns.pdbx_res_netI_over_av_sigmaI_2   ? 
_reflns.pdbx_res_netI_over_sigmaI_2      ? 
_reflns.pdbx_chi_squared                 ? 
_reflns.pdbx_scaling_rejects             ? 
_reflns.pdbx_d_res_high_opt              ? 
_reflns.pdbx_d_res_low_opt               ? 
_reflns.pdbx_d_res_opt_method            ? 
_reflns.phase_calculation_details        ? 
_reflns.pdbx_Rrim_I_all                  ? 
_reflns.pdbx_Rpim_I_all                  ? 
_reflns.pdbx_d_opt                       ? 
_reflns.pdbx_number_measured_all         ? 
_reflns.pdbx_diffrn_id                   1 
_reflns.pdbx_ordinal                     1 
_reflns.pdbx_CC_half                     ? 
_reflns.pdbx_R_split                     ? 
# 
_reflns_shell.d_res_high                  . 
_reflns_shell.d_res_low                   ? 
_reflns_shell.meanI_over_sigI_all         ? 
_reflns_shell.meanI_over_sigI_obs         ? 
_reflns_shell.number_measured_all         ? 
_reflns_shell.number_measured_obs         ? 
_reflns_shell.number_possible             ? 
_reflns_shell.number_unique_all           ? 
_reflns_shell.number_unique_obs           ? 
_reflns_shell.percent_possible_all        ? 
_reflns_shell.percent_possible_obs        ? 
_reflns_shell.Rmerge_F_all                ? 
_reflns_shell.Rmerge_F_obs                ? 
_reflns_shell.Rmerge_I_all                ? 
_reflns_shell.Rmerge_I_obs                ? 
_reflns_shell.meanI_over_sigI_gt          ? 
_reflns_shell.meanI_over_uI_all           ? 
_reflns_shell.meanI_over_uI_gt            ? 
_reflns_shell.number_measured_gt          ? 
_reflns_shell.number_unique_gt            ? 
_reflns_shell.percent_possible_gt         ? 
_reflns_shell.Rmerge_F_gt                 ? 
_reflns_shell.Rmerge_I_gt                 ? 
_reflns_shell.pdbx_redundancy             ? 
_reflns_shell.pdbx_Rsym_value             ? 
_reflns_shell.pdbx_chi_squared            ? 
_reflns_shell.pdbx_netI_over_sigmaI_all   ? 
_reflns_shell.pdbx_netI_over_sigmaI_obs   ? 
_reflns_shell.pdbx_Rrim_I_all             ? 
_reflns_shell.pdbx_Rpim_I_all             ? 
_reflns_shell.pdbx_rejects                ? 
_reflns_shell.pdbx_ordinal                1 
_reflns_shell.pdbx_diffrn_id              1 
_reflns_shell.pdbx_CC_half                ? 
_reflns_shell.pdbx_R_split                ? 
# 
_refine.aniso_B[1][1]                            ? 
_refine.aniso_B[1][2]                            ? 
_refine.aniso_B[1][3]                            ? 
_refine.aniso_B[2][2]                            ? 
_refine.aniso_B[2][3]                            ? 
_refine.aniso_B[3][3]                            ? 
_refine.B_iso_max                                55.970 
_refine.B_iso_mean                               17.8783 
_refine.B_iso_min                                7.680 
_refine.correlation_coeff_Fo_to_Fc               ? 
_refine.correlation_coeff_Fo_to_Fc_free          ? 
_refine.details                                  ? 
_refine.diff_density_max                         ? 
_refine.diff_density_max_esd                     ? 
_refine.diff_density_min                         ? 
_refine.diff_density_min_esd                     ? 
_refine.diff_density_rms                         ? 
_refine.diff_density_rms_esd                     ? 
_refine.entry_id                                 5XRH 
_refine.pdbx_refine_id                           'X-RAY DIFFRACTION' 
_refine.ls_abs_structure_details                 ? 
_refine.ls_abs_structure_Flack                   ? 
_refine.ls_abs_structure_Flack_esd               ? 
_refine.ls_abs_structure_Rogers                  ? 
_refine.ls_abs_structure_Rogers_esd              ? 
_refine.ls_d_res_high                            1.5500 
_refine.ls_d_res_low                             19.4970 
_refine.ls_extinction_coef                       ? 
_refine.ls_extinction_coef_esd                   ? 
_refine.ls_extinction_expression                 ? 
_refine.ls_extinction_method                     ? 
_refine.ls_goodness_of_fit_all                   ? 
_refine.ls_goodness_of_fit_all_esd               ? 
_refine.ls_goodness_of_fit_obs                   ? 
_refine.ls_goodness_of_fit_obs_esd               ? 
_refine.ls_hydrogen_treatment                    ? 
_refine.ls_matrix_type                           ? 
_refine.ls_number_constraints                    ? 
_refine.ls_number_parameters                     ? 
_refine.ls_number_reflns_all                     ? 
_refine.ls_number_reflns_obs                     27640 
_refine.ls_number_reflns_R_free                  2000 
_refine.ls_number_reflns_R_work                  ? 
_refine.ls_number_restraints                     ? 
_refine.ls_percent_reflns_obs                    99.5400 
_refine.ls_percent_reflns_R_free                 7.2400 
_refine.ls_R_factor_all                          ? 
_refine.ls_R_factor_obs                          0.1732 
_refine.ls_R_factor_R_free                       0.1957 
_refine.ls_R_factor_R_free_error                 ? 
_refine.ls_R_factor_R_free_error_details         ? 
_refine.ls_R_factor_R_work                       0.1715 
_refine.ls_R_Fsqd_factor_obs                     ? 
_refine.ls_R_I_factor_obs                        ? 
_refine.ls_redundancy_reflns_all                 ? 
_refine.ls_redundancy_reflns_obs                 ? 
_refine.ls_restrained_S_all                      ? 
_refine.ls_restrained_S_obs                      ? 
_refine.ls_shift_over_esd_max                    ? 
_refine.ls_shift_over_esd_mean                   ? 
_refine.ls_structure_factor_coef                 ? 
_refine.ls_weighting_details                     ? 
_refine.ls_weighting_scheme                      ? 
_refine.ls_wR_factor_all                         ? 
_refine.ls_wR_factor_obs                         ? 
_refine.ls_wR_factor_R_free                      ? 
_refine.ls_wR_factor_R_work                      ? 
_refine.occupancy_max                            ? 
_refine.occupancy_min                            ? 
_refine.solvent_model_details                    ? 
_refine.solvent_model_param_bsol                 ? 
_refine.solvent_model_param_ksol                 ? 
_refine.ls_R_factor_gt                           ? 
_refine.ls_goodness_of_fit_gt                    ? 
_refine.ls_goodness_of_fit_ref                   ? 
_refine.ls_shift_over_su_max                     ? 
_refine.ls_shift_over_su_max_lt                  ? 
_refine.ls_shift_over_su_mean                    ? 
_refine.ls_shift_over_su_mean_lt                 ? 
_refine.pdbx_ls_sigma_I                          ? 
_refine.pdbx_ls_sigma_F                          1.340 
_refine.pdbx_ls_sigma_Fsqd                       ? 
_refine.pdbx_data_cutoff_high_absF               ? 
_refine.pdbx_data_cutoff_high_rms_absF           ? 
_refine.pdbx_data_cutoff_low_absF                ? 
_refine.pdbx_isotropic_thermal_model             ? 
_refine.pdbx_ls_cross_valid_method               NONE 
_refine.pdbx_method_to_determine_struct          ? 
_refine.pdbx_starting_model                      ? 
_refine.pdbx_stereochemistry_target_values       ? 
_refine.pdbx_R_Free_selection_details            ? 
_refine.pdbx_stereochem_target_val_spec_case     ? 
_refine.pdbx_overall_ESU_R                       ? 
_refine.pdbx_overall_ESU_R_Free                  ? 
_refine.pdbx_solvent_vdw_probe_radii             1.1100 
_refine.pdbx_solvent_ion_probe_radii             ? 
_refine.pdbx_solvent_shrinkage_radii             0.9000 
_refine.pdbx_real_space_R                        ? 
_refine.pdbx_density_correlation                 ? 
_refine.pdbx_pd_number_of_powder_patterns        ? 
_refine.pdbx_pd_number_of_points                 ? 
_refine.pdbx_pd_meas_number_of_points            ? 
_refine.pdbx_pd_proc_ls_prof_R_factor            ? 
_refine.pdbx_pd_proc_ls_prof_wR_factor           ? 
_refine.pdbx_pd_Marquardt_correlation_coeff      ? 
_refine.pdbx_pd_Fsqrd_R_factor                   ? 
_refine.pdbx_pd_ls_matrix_band_width             ? 
_refine.pdbx_overall_phase_error                 16.2300 
_refine.pdbx_overall_SU_R_free_Cruickshank_DPI   ? 
_refine.pdbx_overall_SU_R_free_Blow_DPI          ? 
_refine.pdbx_overall_SU_R_Blow_DPI               ? 
_refine.pdbx_TLS_residual_ADP_flag               ? 
_refine.pdbx_diffrn_id                           1 
_refine.overall_SU_B                             ? 
_refine.overall_SU_ML                            0.1100 
_refine.overall_SU_R_Cruickshank_DPI             ? 
_refine.overall_SU_R_free                        ? 
_refine.overall_FOM_free_R_set                   ? 
_refine.overall_FOM_work_R_set                   ? 
_refine.pdbx_average_fsc_overall                 ? 
_refine.pdbx_average_fsc_work                    ? 
_refine.pdbx_average_fsc_free                    ? 
# 
_refine_hist.cycle_id                         final 
_refine_hist.pdbx_refine_id                   'X-RAY DIFFRACTION' 
_refine_hist.d_res_high                       1.5500 
_refine_hist.d_res_low                        19.4970 
_refine_hist.pdbx_number_atoms_ligand         0 
_refine_hist.number_atoms_solvent             188 
_refine_hist.number_atoms_total               1301 
_refine_hist.pdbx_number_residues_total       141 
_refine_hist.pdbx_B_iso_mean_solvent          30.46 
_refine_hist.pdbx_number_atoms_protein        1113 
_refine_hist.pdbx_number_atoms_nucleic_acid   0 
# 
_struct.entry_id                     5XRH 
_struct.title                        'Galectin-10/Charcot-Leyden crystal protein crystal structure' 
_struct.pdbx_model_details           ? 
_struct.pdbx_formula_weight          ? 
_struct.pdbx_formula_weight_method   ? 
_struct.pdbx_model_type_details      ? 
_struct.pdbx_CASP_flag               N 
# 
_struct_keywords.entry_id        5XRH 
_struct_keywords.text            'Galectin-10/Charcot-Leyden crystal protein, PROTEIN BINDING' 
_struct_keywords.pdbx_keywords   'PROTEIN BINDING' 
# 
loop_
_struct_asym.id 
_struct_asym.pdbx_blank_PDB_chainid_flag 
_struct_asym.pdbx_modified 
_struct_asym.entity_id 
_struct_asym.details 
A N N 1 ? 
B N N 2 ? 
# 
_struct_ref.id                         1 
_struct_ref.db_name                    UNP 
_struct_ref.db_code                    LEG10_HUMAN 
_struct_ref.pdbx_db_accession          Q05315 
_struct_ref.pdbx_db_isoform            ? 
_struct_ref.entity_id                  1 
_struct_ref.pdbx_seq_one_letter_code   
;MSLLPVPYTEAASLSTGSTVTIKGRPLACFLNEPYLQVDFHTEMKEESDIVFHFQVCFGRRVVMNSREYGAWKQQVESKN
MPFQDGQEFELSISVLPDKYQVMVNGQSSYTFDHRIKPEAVKMVQVWRDISLTKFNVSYLKR
;
_struct_ref.pdbx_align_begin           1 
# 
_struct_ref_seq.align_id                      1 
_struct_ref_seq.ref_id                        1 
_struct_ref_seq.pdbx_PDB_id_code              5XRH 
_struct_ref_seq.pdbx_strand_id                A 
_struct_ref_seq.seq_align_beg                 4 
_struct_ref_seq.pdbx_seq_align_beg_ins_code   ? 
_struct_ref_seq.seq_align_end                 145 
_struct_ref_seq.pdbx_seq_align_end_ins_code   ? 
_struct_ref_seq.pdbx_db_accession             Q05315 
_struct_ref_seq.db_align_beg                  1 
_struct_ref_seq.pdbx_db_align_beg_ins_code    ? 
_struct_ref_seq.db_align_end                  142 
_struct_ref_seq.pdbx_db_align_end_ins_code    ? 
_struct_ref_seq.pdbx_auth_seq_align_beg       1 
_struct_ref_seq.pdbx_auth_seq_align_end       142 
# 
loop_
_struct_ref_seq_dif.align_id 
_struct_ref_seq_dif.pdbx_pdb_id_code 
_struct_ref_seq_dif.mon_id 
_struct_ref_seq_dif.pdbx_pdb_strand_id 
_struct_ref_seq_dif.seq_num 
_struct_ref_seq_dif.pdbx_pdb_ins_code 
_struct_ref_seq_dif.pdbx_seq_db_name 
_struct_ref_seq_dif.pdbx_seq_db_accession_code 
_struct_ref_seq_dif.db_mon_id 
_struct_ref_seq_dif.pdbx_seq_db_seq_num 
_struct_ref_seq_dif.details 
_struct_ref_seq_dif.pdbx_auth_seq_num 
_struct_ref_seq_dif.pdbx_ordinal 
1 5XRH GLY A 1 ? UNP Q05315 ? ? 'expression tag' -2 1 
1 5XRH SER A 2 ? UNP Q05315 ? ? 'expression tag' -1 2 
1 5XRH HIS A 3 ? UNP Q05315 ? ? 'expression tag' 0  3 
# 
_pdbx_struct_assembly.id                   1 
_pdbx_struct_assembly.details              author_defined_assembly 
_pdbx_struct_assembly.method_details       ? 
_pdbx_struct_assembly.oligomeric_details   dimeric 
_pdbx_struct_assembly.oligomeric_count     2 
# 
_pdbx_struct_assembly_gen.assembly_id       1 
_pdbx_struct_assembly_gen.oper_expression   1,2 
_pdbx_struct_assembly_gen.asym_id_list      A,B 
# 
_pdbx_struct_assembly_auth_evidence.id                     1 
_pdbx_struct_assembly_auth_evidence.assembly_id            1 
_pdbx_struct_assembly_auth_evidence.experimental_support   none 
_pdbx_struct_assembly_auth_evidence.details                ? 
# 
loop_
_pdbx_struct_oper_list.id 
_pdbx_struct_oper_list.type 
_pdbx_struct_oper_list.name 
_pdbx_struct_oper_list.symmetry_operation 
_pdbx_struct_oper_list.matrix[1][1] 
_pdbx_struct_oper_list.matrix[1][2] 
_pdbx_struct_oper_list.matrix[1][3] 
_pdbx_struct_oper_list.vector[1] 
_pdbx_struct_oper_list.matrix[2][1] 
_pdbx_struct_oper_list.matrix[2][2] 
_pdbx_struct_oper_list.matrix[2][3] 
_pdbx_struct_oper_list.vector[2] 
_pdbx_struct_oper_list.matrix[3][1] 
_pdbx_struct_oper_list.matrix[3][2] 
_pdbx_struct_oper_list.matrix[3][3] 
_pdbx_struct_oper_list.vector[3] 
1 'identity operation'         1_555  x,y,z        1.0000000000 0.0000000000 0.0000000000  0.0000000000   0.0000000000 1.0000000000  0.0000000000  0.0000000000 0.0000000000  0.0000000000  1.0000000000  0.0000000000   
2 'crystal symmetry operation' 10_555 -y,-x,-z+1/6 0.0728036802 0.0804896579 -0.9940930737 -18.6357219349 0.0804896579 -0.9939610712 -0.0745842067 8.4847023793 -0.9940930737 -0.0745842067 -0.0788426090 -19.4242780627 
# 
loop_
_struct_conf.conf_type_id 
_struct_conf.id 
_struct_conf.pdbx_PDB_helix_id 
_struct_conf.beg_label_comp_id 
_struct_conf.beg_label_asym_id 
_struct_conf.beg_label_seq_id 
_struct_conf.pdbx_beg_PDB_ins_code 
_struct_conf.end_label_comp_id 
_struct_conf.end_label_asym_id 
_struct_conf.end_label_seq_id 
_struct_conf.pdbx_end_PDB_ins_code 
_struct_conf.beg_auth_comp_id 
_struct_conf.beg_auth_asym_id 
_struct_conf.beg_auth_seq_id 
_struct_conf.end_auth_comp_id 
_struct_conf.end_auth_asym_id 
_struct_conf.end_auth_seq_id 
_struct_conf.pdbx_PDB_helix_class 
_struct_conf.details 
_struct_conf.pdbx_PDB_helix_length 
HELX_P HELX_P1 AA1 CYS A 32  ? GLU A 36  ? CYS A 29  GLU A 33  5 ? 5 
HELX_P HELX_P2 AA2 LYS A 120 ? VAL A 124 ? LYS A 117 VAL A 121 5 ? 5 
# 
_struct_conf_type.id          HELX_P 
_struct_conf_type.criteria    ? 
_struct_conf_type.reference   ? 
# 
_struct_mon_prot_cis.pdbx_id                1 
_struct_mon_prot_cis.label_comp_id          VAL 
_struct_mon_prot_cis.label_seq_id           9 
_struct_mon_prot_cis.label_asym_id          A 
_struct_mon_prot_cis.label_alt_id           . 
_struct_mon_prot_cis.pdbx_PDB_ins_code      ? 
_struct_mon_prot_cis.auth_comp_id           VAL 
_struct_mon_prot_cis.auth_seq_id            6 
_struct_mon_prot_cis.auth_asym_id           A 
_struct_mon_prot_cis.pdbx_label_comp_id_2   PRO 
_struct_mon_prot_cis.pdbx_label_seq_id_2    10 
_struct_mon_prot_cis.pdbx_label_asym_id_2   A 
_struct_mon_prot_cis.pdbx_PDB_ins_code_2    ? 
_struct_mon_prot_cis.pdbx_auth_comp_id_2    PRO 
_struct_mon_prot_cis.pdbx_auth_seq_id_2     7 
_struct_mon_prot_cis.pdbx_auth_asym_id_2    A 
_struct_mon_prot_cis.pdbx_PDB_model_num     1 
_struct_mon_prot_cis.pdbx_omega_angle       0.77 
# 
loop_
_struct_sheet.id 
_struct_sheet.type 
_struct_sheet.number_strands 
_struct_sheet.details 
AA1 ? 6 ? 
AA2 ? 6 ? 
AA3 ? 5 ? 
# 
loop_
_struct_sheet_order.sheet_id 
_struct_sheet_order.range_id_1 
_struct_sheet_order.range_id_2 
_struct_sheet_order.offset 
_struct_sheet_order.sense 
AA1 1 2 ? anti-parallel 
AA1 2 3 ? anti-parallel 
AA1 3 4 ? anti-parallel 
AA1 4 5 ? anti-parallel 
AA1 5 6 ? anti-parallel 
AA2 1 2 ? anti-parallel 
AA2 2 3 ? anti-parallel 
AA2 3 4 ? anti-parallel 
AA2 4 5 ? anti-parallel 
AA2 5 6 ? anti-parallel 
AA3 1 2 ? anti-parallel 
AA3 2 3 ? anti-parallel 
AA3 3 4 ? anti-parallel 
AA3 4 5 ? anti-parallel 
# 
loop_
_struct_sheet_range.sheet_id 
_struct_sheet_range.id 
_struct_sheet_range.beg_label_comp_id 
_struct_sheet_range.beg_label_asym_id 
_struct_sheet_range.beg_label_seq_id 
_struct_sheet_range.pdbx_beg_PDB_ins_code 
_struct_sheet_range.end_label_comp_id 
_struct_sheet_range.end_label_asym_id 
_struct_sheet_range.end_label_seq_id 
_struct_sheet_range.pdbx_end_PDB_ins_code 
_struct_sheet_range.beg_auth_comp_id 
_struct_sheet_range.beg_auth_asym_id 
_struct_sheet_range.beg_auth_seq_id 
_struct_sheet_range.end_auth_comp_id 
_struct_sheet_range.end_auth_asym_id 
_struct_sheet_range.end_auth_seq_id 
AA1 1 TYR A 11  ? ALA A 14  ? TYR A 8   ALA A 11  
AA1 2 MET A 126 ? ARG A 131 ? MET A 123 ARG A 128 
AA1 3 TYR A 38  ? HIS A 44  ? TYR A 35  HIS A 41  
AA1 4 ILE A 53  ? CYS A 60  ? ILE A 50  CYS A 57  
AA1 5 ARG A 64  ? GLU A 71  ? ARG A 61  GLU A 68  
AA1 6 ALA A 74  ? TRP A 75  ? ALA A 71  TRP A 72  
AA2 1 TYR A 11  ? ALA A 14  ? TYR A 8   ALA A 11  
AA2 2 MET A 126 ? ARG A 131 ? MET A 123 ARG A 128 
AA2 3 TYR A 38  ? HIS A 44  ? TYR A 35  HIS A 41  
AA2 4 ILE A 53  ? CYS A 60  ? ILE A 50  CYS A 57  
AA2 5 ARG A 64  ? GLU A 71  ? ARG A 61  GLU A 68  
AA2 6 VAL A 79  ? SER A 81  ? VAL A 76  SER A 78  
AA3 1 GLN A 110 ? ASP A 116 ? GLN A 107 ASP A 113 
AA3 2 LYS A 102 ? VAL A 107 ? LYS A 99  VAL A 104 
AA3 3 PHE A 92  ? VAL A 98  ? PHE A 89  VAL A 95  
AA3 4 THR A 22  ? PRO A 29  ? THR A 19  PRO A 26  
AA3 5 ILE A 133 ? VAL A 140 ? ILE A 130 VAL A 137 
# 
loop_
_pdbx_struct_sheet_hbond.sheet_id 
_pdbx_struct_sheet_hbond.range_id_1 
_pdbx_struct_sheet_hbond.range_id_2 
_pdbx_struct_sheet_hbond.range_1_label_atom_id 
_pdbx_struct_sheet_hbond.range_1_label_comp_id 
_pdbx_struct_sheet_hbond.range_1_label_asym_id 
_pdbx_struct_sheet_hbond.range_1_label_seq_id 
_pdbx_struct_sheet_hbond.range_1_PDB_ins_code 
_pdbx_struct_sheet_hbond.range_1_auth_atom_id 
_pdbx_struct_sheet_hbond.range_1_auth_comp_id 
_pdbx_struct_sheet_hbond.range_1_auth_asym_id 
_pdbx_struct_sheet_hbond.range_1_auth_seq_id 
_pdbx_struct_sheet_hbond.range_2_label_atom_id 
_pdbx_struct_sheet_hbond.range_2_label_comp_id 
_pdbx_struct_sheet_hbond.range_2_label_asym_id 
_pdbx_struct_sheet_hbond.range_2_label_seq_id 
_pdbx_struct_sheet_hbond.range_2_PDB_ins_code 
_pdbx_struct_sheet_hbond.range_2_auth_atom_id 
_pdbx_struct_sheet_hbond.range_2_auth_comp_id 
_pdbx_struct_sheet_hbond.range_2_auth_asym_id 
_pdbx_struct_sheet_hbond.range_2_auth_seq_id 
AA1 1 2 N TYR A 11  ? N TYR A 8   O VAL A 129 ? O VAL A 126 
AA1 2 3 O MET A 126 ? O MET A 123 N HIS A 44  ? N HIS A 41  
AA1 3 4 N LEU A 39  ? N LEU A 36  O VAL A 59  ? O VAL A 56  
AA1 4 5 N CYS A 60  ? N CYS A 57  O ARG A 64  ? O ARG A 61  
AA1 5 6 N GLU A 71  ? N GLU A 68  O ALA A 74  ? O ALA A 71  
AA2 1 2 N TYR A 11  ? N TYR A 8   O VAL A 129 ? O VAL A 126 
AA2 2 3 O MET A 126 ? O MET A 123 N HIS A 44  ? N HIS A 41  
AA2 3 4 N LEU A 39  ? N LEU A 36  O VAL A 59  ? O VAL A 56  
AA2 4 5 N CYS A 60  ? N CYS A 57  O ARG A 64  ? O ARG A 61  
AA2 5 6 N VAL A 65  ? N VAL A 62  O SER A 81  ? O SER A 78  
AA3 1 2 O TYR A 113 ? O TYR A 110 N VAL A 105 ? N VAL A 102 
AA3 2 3 O MET A 106 ? O MET A 103 N SER A 95  ? N SER A 92  
AA3 3 4 O LEU A 94  ? O LEU A 91  N ILE A 25  ? N ILE A 22  
AA3 4 5 N THR A 24  ? N THR A 21  O ASN A 139 ? O ASN A 136 
# 
loop_
_pdbx_validate_close_contact.id 
_pdbx_validate_close_contact.PDB_model_num 
_pdbx_validate_close_contact.auth_atom_id_1 
_pdbx_validate_close_contact.auth_asym_id_1 
_pdbx_validate_close_contact.auth_comp_id_1 
_pdbx_validate_close_contact.auth_seq_id_1 
_pdbx_validate_close_contact.PDB_ins_code_1 
_pdbx_validate_close_contact.label_alt_id_1 
_pdbx_validate_close_contact.auth_atom_id_2 
_pdbx_validate_close_contact.auth_asym_id_2 
_pdbx_validate_close_contact.auth_comp_id_2 
_pdbx_validate_close_contact.auth_seq_id_2 
_pdbx_validate_close_contact.PDB_ins_code_2 
_pdbx_validate_close_contact.label_alt_id_2 
_pdbx_validate_close_contact.dist 
1 1 O A HOH 237 ? ? O A HOH 354 ? ? 2.16 
2 1 O A HOH 273 ? ? O A HOH 283 ? ? 2.18 
# 
_pdbx_validate_symm_contact.id                1 
_pdbx_validate_symm_contact.PDB_model_num     1 
_pdbx_validate_symm_contact.auth_atom_id_1    O 
_pdbx_validate_symm_contact.auth_asym_id_1    A 
_pdbx_validate_symm_contact.auth_comp_id_1    HOH 
_pdbx_validate_symm_contact.auth_seq_id_1     339 
_pdbx_validate_symm_contact.PDB_ins_code_1    ? 
_pdbx_validate_symm_contact.label_alt_id_1    ? 
_pdbx_validate_symm_contact.site_symmetry_1   1_555 
_pdbx_validate_symm_contact.auth_atom_id_2    O 
_pdbx_validate_symm_contact.auth_asym_id_2    A 
_pdbx_validate_symm_contact.auth_comp_id_2    HOH 
_pdbx_validate_symm_contact.auth_seq_id_2     339 
_pdbx_validate_symm_contact.PDB_ins_code_2    ? 
_pdbx_validate_symm_contact.label_alt_id_2    ? 
_pdbx_validate_symm_contact.site_symmetry_2   8_555 
_pdbx_validate_symm_contact.dist              2.19 
# 
loop_
_pdbx_validate_torsion.id 
_pdbx_validate_torsion.PDB_model_num 
_pdbx_validate_torsion.auth_comp_id 
_pdbx_validate_torsion.auth_asym_id 
_pdbx_validate_torsion.auth_seq_id 
_pdbx_validate_torsion.PDB_ins_code 
_pdbx_validate_torsion.label_alt_id 
_pdbx_validate_torsion.phi 
_pdbx_validate_torsion.psi 
1 1 ARG A 60  ? ? -123.93 -68.92  
2 1 LYS A 73  ? ? -100.06 -146.82 
3 1 ARG A 128 ? ? 82.04   -148.13 
# 
loop_
_pdbx_struct_special_symmetry.id 
_pdbx_struct_special_symmetry.PDB_model_num 
_pdbx_struct_special_symmetry.auth_asym_id 
_pdbx_struct_special_symmetry.auth_comp_id 
_pdbx_struct_special_symmetry.auth_seq_id 
_pdbx_struct_special_symmetry.PDB_ins_code 
_pdbx_struct_special_symmetry.label_asym_id 
_pdbx_struct_special_symmetry.label_comp_id 
_pdbx_struct_special_symmetry.label_seq_id 
1 1 A HOH 240 ? B HOH . 
2 1 A HOH 305 ? B HOH . 
# 
loop_
_pdbx_distant_solvent_atoms.id 
_pdbx_distant_solvent_atoms.PDB_model_num 
_pdbx_distant_solvent_atoms.auth_atom_id 
_pdbx_distant_solvent_atoms.label_alt_id 
_pdbx_distant_solvent_atoms.auth_asym_id 
_pdbx_distant_solvent_atoms.auth_comp_id 
_pdbx_distant_solvent_atoms.auth_seq_id 
_pdbx_distant_solvent_atoms.PDB_ins_code 
_pdbx_distant_solvent_atoms.neighbor_macromolecule_distance 
_pdbx_distant_solvent_atoms.neighbor_ligand_distance 
1 1 O ? A HOH 386 ? 6.91 . 
2 1 O ? A HOH 387 ? 7.02 . 
3 1 O ? A HOH 388 ? 8.29 . 
# 
loop_
_pdbx_unobs_or_zero_occ_residues.id 
_pdbx_unobs_or_zero_occ_residues.PDB_model_num 
_pdbx_unobs_or_zero_occ_residues.polymer_flag 
_pdbx_unobs_or_zero_occ_residues.occupancy_flag 
_pdbx_unobs_or_zero_occ_residues.auth_asym_id 
_pdbx_unobs_or_zero_occ_residues.auth_comp_id 
_pdbx_unobs_or_zero_occ_residues.auth_seq_id 
_pdbx_unobs_or_zero_occ_residues.PDB_ins_code 
_pdbx_unobs_or_zero_occ_residues.label_asym_id 
_pdbx_unobs_or_zero_occ_residues.label_comp_id 
_pdbx_unobs_or_zero_occ_residues.label_seq_id 
1 1 Y 1 A GLY -2 ? A GLY 1 
2 1 Y 1 A SER -1 ? A SER 2 
3 1 Y 1 A HIS 0  ? A HIS 3 
4 1 Y 1 A MET 1  ? A MET 4 
# 
loop_
_chem_comp_atom.comp_id 
_chem_comp_atom.atom_id 
_chem_comp_atom.type_symbol 
_chem_comp_atom.pdbx_aromatic_flag 
_chem_comp_atom.pdbx_stereo_config 
_chem_comp_atom.pdbx_ordinal 
ALA N    N N N 1   
ALA CA   C N S 2   
ALA C    C N N 3   
ALA O    O N N 4   
ALA CB   C N N 5   
ALA OXT  O N N 6   
ALA H    H N N 7   
ALA H2   H N N 8   
ALA HA   H N N 9   
ALA HB1  H N N 10  
ALA HB2  H N N 11  
ALA HB3  H N N 12  
ALA HXT  H N N 13  
ARG N    N N N 14  
ARG CA   C N S 15  
ARG C    C N N 16  
ARG O    O N N 17  
ARG CB   C N N 18  
ARG CG   C N N 19  
ARG CD   C N N 20  
ARG NE   N N N 21  
ARG CZ   C N N 22  
ARG NH1  N N N 23  
ARG NH2  N N N 24  
ARG OXT  O N N 25  
ARG H    H N N 26  
ARG H2   H N N 27  
ARG HA   H N N 28  
ARG HB2  H N N 29  
ARG HB3  H N N 30  
ARG HG2  H N N 31  
ARG HG3  H N N 32  
ARG HD2  H N N 33  
ARG HD3  H N N 34  
ARG HE   H N N 35  
ARG HH11 H N N 36  
ARG HH12 H N N 37  
ARG HH21 H N N 38  
ARG HH22 H N N 39  
ARG HXT  H N N 40  
ASN N    N N N 41  
ASN CA   C N S 42  
ASN C    C N N 43  
ASN O    O N N 44  
ASN CB   C N N 45  
ASN CG   C N N 46  
ASN OD1  O N N 47  
ASN ND2  N N N 48  
ASN OXT  O N N 49  
ASN H    H N N 50  
ASN H2   H N N 51  
ASN HA   H N N 52  
ASN HB2  H N N 53  
ASN HB3  H N N 54  
ASN HD21 H N N 55  
ASN HD22 H N N 56  
ASN HXT  H N N 57  
ASP N    N N N 58  
ASP CA   C N S 59  
ASP C    C N N 60  
ASP O    O N N 61  
ASP CB   C N N 62  
ASP CG   C N N 63  
ASP OD1  O N N 64  
ASP OD2  O N N 65  
ASP OXT  O N N 66  
ASP H    H N N 67  
ASP H2   H N N 68  
ASP HA   H N N 69  
ASP HB2  H N N 70  
ASP HB3  H N N 71  
ASP HD2  H N N 72  
ASP HXT  H N N 73  
CYS N    N N N 74  
CYS CA   C N R 75  
CYS C    C N N 76  
CYS O    O N N 77  
CYS CB   C N N 78  
CYS SG   S N N 79  
CYS OXT  O N N 80  
CYS H    H N N 81  
CYS H2   H N N 82  
CYS HA   H N N 83  
CYS HB2  H N N 84  
CYS HB3  H N N 85  
CYS HG   H N N 86  
CYS HXT  H N N 87  
GLN N    N N N 88  
GLN CA   C N S 89  
GLN C    C N N 90  
GLN O    O N N 91  
GLN CB   C N N 92  
GLN CG   C N N 93  
GLN CD   C N N 94  
GLN OE1  O N N 95  
GLN NE2  N N N 96  
GLN OXT  O N N 97  
GLN H    H N N 98  
GLN H2   H N N 99  
GLN HA   H N N 100 
GLN HB2  H N N 101 
GLN HB3  H N N 102 
GLN HG2  H N N 103 
GLN HG3  H N N 104 
GLN HE21 H N N 105 
GLN HE22 H N N 106 
GLN HXT  H N N 107 
GLU N    N N N 108 
GLU CA   C N S 109 
GLU C    C N N 110 
GLU O    O N N 111 
GLU CB   C N N 112 
GLU CG   C N N 113 
GLU CD   C N N 114 
GLU OE1  O N N 115 
GLU OE2  O N N 116 
GLU OXT  O N N 117 
GLU H    H N N 118 
GLU H2   H N N 119 
GLU HA   H N N 120 
GLU HB2  H N N 121 
GLU HB3  H N N 122 
GLU HG2  H N N 123 
GLU HG3  H N N 124 
GLU HE2  H N N 125 
GLU HXT  H N N 126 
GLY N    N N N 127 
GLY CA   C N N 128 
GLY C    C N N 129 
GLY O    O N N 130 
GLY OXT  O N N 131 
GLY H    H N N 132 
GLY H2   H N N 133 
GLY HA2  H N N 134 
GLY HA3  H N N 135 
GLY HXT  H N N 136 
HIS N    N N N 137 
HIS CA   C N S 138 
HIS C    C N N 139 
HIS O    O N N 140 
HIS CB   C N N 141 
HIS CG   C Y N 142 
HIS ND1  N Y N 143 
HIS CD2  C Y N 144 
HIS CE1  C Y N 145 
HIS NE2  N Y N 146 
HIS OXT  O N N 147 
HIS H    H N N 148 
HIS H2   H N N 149 
HIS HA   H N N 150 
HIS HB2  H N N 151 
HIS HB3  H N N 152 
HIS HD1  H N N 153 
HIS HD2  H N N 154 
HIS HE1  H N N 155 
HIS HE2  H N N 156 
HIS HXT  H N N 157 
HOH O    O N N 158 
HOH H1   H N N 159 
HOH H2   H N N 160 
ILE N    N N N 161 
ILE CA   C N S 162 
ILE C    C N N 163 
ILE O    O N N 164 
ILE CB   C N S 165 
ILE CG1  C N N 166 
ILE CG2  C N N 167 
ILE CD1  C N N 168 
ILE OXT  O N N 169 
ILE H    H N N 170 
ILE H2   H N N 171 
ILE HA   H N N 172 
ILE HB   H N N 173 
ILE HG12 H N N 174 
ILE HG13 H N N 175 
ILE HG21 H N N 176 
ILE HG22 H N N 177 
ILE HG23 H N N 178 
ILE HD11 H N N 179 
ILE HD12 H N N 180 
ILE HD13 H N N 181 
ILE HXT  H N N 182 
LEU N    N N N 183 
LEU CA   C N S 184 
LEU C    C N N 185 
LEU O    O N N 186 
LEU CB   C N N 187 
LEU CG   C N N 188 
LEU CD1  C N N 189 
LEU CD2  C N N 190 
LEU OXT  O N N 191 
LEU H    H N N 192 
LEU H2   H N N 193 
LEU HA   H N N 194 
LEU HB2  H N N 195 
LEU HB3  H N N 196 
LEU HG   H N N 197 
LEU HD11 H N N 198 
LEU HD12 H N N 199 
LEU HD13 H N N 200 
LEU HD21 H N N 201 
LEU HD22 H N N 202 
LEU HD23 H N N 203 
LEU HXT  H N N 204 
LYS N    N N N 205 
LYS CA   C N S 206 
LYS C    C N N 207 
LYS O    O N N 208 
LYS CB   C N N 209 
LYS CG   C N N 210 
LYS CD   C N N 211 
LYS CE   C N N 212 
LYS NZ   N N N 213 
LYS OXT  O N N 214 
LYS H    H N N 215 
LYS H2   H N N 216 
LYS HA   H N N 217 
LYS HB2  H N N 218 
LYS HB3  H N N 219 
LYS HG2  H N N 220 
LYS HG3  H N N 221 
LYS HD2  H N N 222 
LYS HD3  H N N 223 
LYS HE2  H N N 224 
LYS HE3  H N N 225 
LYS HZ1  H N N 226 
LYS HZ2  H N N 227 
LYS HZ3  H N N 228 
LYS HXT  H N N 229 
MET N    N N N 230 
MET CA   C N S 231 
MET C    C N N 232 
MET O    O N N 233 
MET CB   C N N 234 
MET CG   C N N 235 
MET SD   S N N 236 
MET CE   C N N 237 
MET OXT  O N N 238 
MET H    H N N 239 
MET H2   H N N 240 
MET HA   H N N 241 
MET HB2  H N N 242 
MET HB3  H N N 243 
MET HG2  H N N 244 
MET HG3  H N N 245 
MET HE1  H N N 246 
MET HE2  H N N 247 
MET HE3  H N N 248 
MET HXT  H N N 249 
PHE N    N N N 250 
PHE CA   C N S 251 
PHE C    C N N 252 
PHE O    O N N 253 
PHE CB   C N N 254 
PHE CG   C Y N 255 
PHE CD1  C Y N 256 
PHE CD2  C Y N 257 
PHE CE1  C Y N 258 
PHE CE2  C Y N 259 
PHE CZ   C Y N 260 
PHE OXT  O N N 261 
PHE H    H N N 262 
PHE H2   H N N 263 
PHE HA   H N N 264 
PHE HB2  H N N 265 
PHE HB3  H N N 266 
PHE HD1  H N N 267 
PHE HD2  H N N 268 
PHE HE1  H N N 269 
PHE HE2  H N N 270 
PHE HZ   H N N 271 
PHE HXT  H N N 272 
PRO N    N N N 273 
PRO CA   C N S 274 
PRO C    C N N 275 
PRO O    O N N 276 
PRO CB   C N N 277 
PRO CG   C N N 278 
PRO CD   C N N 279 
PRO OXT  O N N 280 
PRO H    H N N 281 
PRO HA   H N N 282 
PRO HB2  H N N 283 
PRO HB3  H N N 284 
PRO HG2  H N N 285 
PRO HG3  H N N 286 
PRO HD2  H N N 287 
PRO HD3  H N N 288 
PRO HXT  H N N 289 
SER N    N N N 290 
SER CA   C N S 291 
SER C    C N N 292 
SER O    O N N 293 
SER CB   C N N 294 
SER OG   O N N 295 
SER OXT  O N N 296 
SER H    H N N 297 
SER H2   H N N 298 
SER HA   H N N 299 
SER HB2  H N N 300 
SER HB3  H N N 301 
SER HG   H N N 302 
SER HXT  H N N 303 
THR N    N N N 304 
THR CA   C N S 305 
THR C    C N N 306 
THR O    O N N 307 
THR CB   C N R 308 
THR OG1  O N N 309 
THR CG2  C N N 310 
THR OXT  O N N 311 
THR H    H N N 312 
THR H2   H N N 313 
THR HA   H N N 314 
THR HB   H N N 315 
THR HG1  H N N 316 
THR HG21 H N N 317 
THR HG22 H N N 318 
THR HG23 H N N 319 
THR HXT  H N N 320 
TRP N    N N N 321 
TRP CA   C N S 322 
TRP C    C N N 323 
TRP O    O N N 324 
TRP CB   C N N 325 
TRP CG   C Y N 326 
TRP CD1  C Y N 327 
TRP CD2  C Y N 328 
TRP NE1  N Y N 329 
TRP CE2  C Y N 330 
TRP CE3  C Y N 331 
TRP CZ2  C Y N 332 
TRP CZ3  C Y N 333 
TRP CH2  C Y N 334 
TRP OXT  O N N 335 
TRP H    H N N 336 
TRP H2   H N N 337 
TRP HA   H N N 338 
TRP HB2  H N N 339 
TRP HB3  H N N 340 
TRP HD1  H N N 341 
TRP HE1  H N N 342 
TRP HE3  H N N 343 
TRP HZ2  H N N 344 
TRP HZ3  H N N 345 
TRP HH2  H N N 346 
TRP HXT  H N N 347 
TYR N    N N N 348 
TYR CA   C N S 349 
TYR C    C N N 350 
TYR O    O N N 351 
TYR CB   C N N 352 
TYR CG   C Y N 353 
TYR CD1  C Y N 354 
TYR CD2  C Y N 355 
TYR CE1  C Y N 356 
TYR CE2  C Y N 357 
TYR CZ   C Y N 358 
TYR OH   O N N 359 
TYR OXT  O N N 360 
TYR H    H N N 361 
TYR H2   H N N 362 
TYR HA   H N N 363 
TYR HB2  H N N 364 
TYR HB3  H N N 365 
TYR HD1  H N N 366 
TYR HD2  H N N 367 
TYR HE1  H N N 368 
TYR HE2  H N N 369 
TYR HH   H N N 370 
TYR HXT  H N N 371 
VAL N    N N N 372 
VAL CA   C N S 373 
VAL C    C N N 374 
VAL O    O N N 375 
VAL CB   C N N 376 
VAL CG1  C N N 377 
VAL CG2  C N N 378 
VAL OXT  O N N 379 
VAL H    H N N 380 
VAL H2   H N N 381 
VAL HA   H N N 382 
VAL HB   H N N 383 
VAL HG11 H N N 384 
VAL HG12 H N N 385 
VAL HG13 H N N 386 
VAL HG21 H N N 387 
VAL HG22 H N N 388 
VAL HG23 H N N 389 
VAL HXT  H N N 390 
# 
loop_
_chem_comp_bond.comp_id 
_chem_comp_bond.atom_id_1 
_chem_comp_bond.atom_id_2 
_chem_comp_bond.value_order 
_chem_comp_bond.pdbx_aromatic_flag 
_chem_comp_bond.pdbx_stereo_config 
_chem_comp_bond.pdbx_ordinal 
ALA N   CA   sing N N 1   
ALA N   H    sing N N 2   
ALA N   H2   sing N N 3   
ALA CA  C    sing N N 4   
ALA CA  CB   sing N N 5   
ALA CA  HA   sing N N 6   
ALA C   O    doub N N 7   
ALA C   OXT  sing N N 8   
ALA CB  HB1  sing N N 9   
ALA CB  HB2  sing N N 10  
ALA CB  HB3  sing N N 11  
ALA OXT HXT  sing N N 12  
ARG N   CA   sing N N 13  
ARG N   H    sing N N 14  
ARG N   H2   sing N N 15  
ARG CA  C    sing N N 16  
ARG CA  CB   sing N N 17  
ARG CA  HA   sing N N 18  
ARG C   O    doub N N 19  
ARG C   OXT  sing N N 20  
ARG CB  CG   sing N N 21  
ARG CB  HB2  sing N N 22  
ARG CB  HB3  sing N N 23  
ARG CG  CD   sing N N 24  
ARG CG  HG2  sing N N 25  
ARG CG  HG3  sing N N 26  
ARG CD  NE   sing N N 27  
ARG CD  HD2  sing N N 28  
ARG CD  HD3  sing N N 29  
ARG NE  CZ   sing N N 30  
ARG NE  HE   sing N N 31  
ARG CZ  NH1  sing N N 32  
ARG CZ  NH2  doub N N 33  
ARG NH1 HH11 sing N N 34  
ARG NH1 HH12 sing N N 35  
ARG NH2 HH21 sing N N 36  
ARG NH2 HH22 sing N N 37  
ARG OXT HXT  sing N N 38  
ASN N   CA   sing N N 39  
ASN N   H    sing N N 40  
ASN N   H2   sing N N 41  
ASN CA  C    sing N N 42  
ASN CA  CB   sing N N 43  
ASN CA  HA   sing N N 44  
ASN C   O    doub N N 45  
ASN C   OXT  sing N N 46  
ASN CB  CG   sing N N 47  
ASN CB  HB2  sing N N 48  
ASN CB  HB3  sing N N 49  
ASN CG  OD1  doub N N 50  
ASN CG  ND2  sing N N 51  
ASN ND2 HD21 sing N N 52  
ASN ND2 HD22 sing N N 53  
ASN OXT HXT  sing N N 54  
ASP N   CA   sing N N 55  
ASP N   H    sing N N 56  
ASP N   H2   sing N N 57  
ASP CA  C    sing N N 58  
ASP CA  CB   sing N N 59  
ASP CA  HA   sing N N 60  
ASP C   O    doub N N 61  
ASP C   OXT  sing N N 62  
ASP CB  CG   sing N N 63  
ASP CB  HB2  sing N N 64  
ASP CB  HB3  sing N N 65  
ASP CG  OD1  doub N N 66  
ASP CG  OD2  sing N N 67  
ASP OD2 HD2  sing N N 68  
ASP OXT HXT  sing N N 69  
CYS N   CA   sing N N 70  
CYS N   H    sing N N 71  
CYS N   H2   sing N N 72  
CYS CA  C    sing N N 73  
CYS CA  CB   sing N N 74  
CYS CA  HA   sing N N 75  
CYS C   O    doub N N 76  
CYS C   OXT  sing N N 77  
CYS CB  SG   sing N N 78  
CYS CB  HB2  sing N N 79  
CYS CB  HB3  sing N N 80  
CYS SG  HG   sing N N 81  
CYS OXT HXT  sing N N 82  
GLN N   CA   sing N N 83  
GLN N   H    sing N N 84  
GLN N   H2   sing N N 85  
GLN CA  C    sing N N 86  
GLN CA  CB   sing N N 87  
GLN CA  HA   sing N N 88  
GLN C   O    doub N N 89  
GLN C   OXT  sing N N 90  
GLN CB  CG   sing N N 91  
GLN CB  HB2  sing N N 92  
GLN CB  HB3  sing N N 93  
GLN CG  CD   sing N N 94  
GLN CG  HG2  sing N N 95  
GLN CG  HG3  sing N N 96  
GLN CD  OE1  doub N N 97  
GLN CD  NE2  sing N N 98  
GLN NE2 HE21 sing N N 99  
GLN NE2 HE22 sing N N 100 
GLN OXT HXT  sing N N 101 
GLU N   CA   sing N N 102 
GLU N   H    sing N N 103 
GLU N   H2   sing N N 104 
GLU CA  C    sing N N 105 
GLU CA  CB   sing N N 106 
GLU CA  HA   sing N N 107 
GLU C   O    doub N N 108 
GLU C   OXT  sing N N 109 
GLU CB  CG   sing N N 110 
GLU CB  HB2  sing N N 111 
GLU CB  HB3  sing N N 112 
GLU CG  CD   sing N N 113 
GLU CG  HG2  sing N N 114 
GLU CG  HG3  sing N N 115 
GLU CD  OE1  doub N N 116 
GLU CD  OE2  sing N N 117 
GLU OE2 HE2  sing N N 118 
GLU OXT HXT  sing N N 119 
GLY N   CA   sing N N 120 
GLY N   H    sing N N 121 
GLY N   H2   sing N N 122 
GLY CA  C    sing N N 123 
GLY CA  HA2  sing N N 124 
GLY CA  HA3  sing N N 125 
GLY C   O    doub N N 126 
GLY C   OXT  sing N N 127 
GLY OXT HXT  sing N N 128 
HIS N   CA   sing N N 129 
HIS N   H    sing N N 130 
HIS N   H2   sing N N 131 
HIS CA  C    sing N N 132 
HIS CA  CB   sing N N 133 
HIS CA  HA   sing N N 134 
HIS C   O    doub N N 135 
HIS C   OXT  sing N N 136 
HIS CB  CG   sing N N 137 
HIS CB  HB2  sing N N 138 
HIS CB  HB3  sing N N 139 
HIS CG  ND1  sing Y N 140 
HIS CG  CD2  doub Y N 141 
HIS ND1 CE1  doub Y N 142 
HIS ND1 HD1  sing N N 143 
HIS CD2 NE2  sing Y N 144 
HIS CD2 HD2  sing N N 145 
HIS CE1 NE2  sing Y N 146 
HIS CE1 HE1  sing N N 147 
HIS NE2 HE2  sing N N 148 
HIS OXT HXT  sing N N 149 
HOH O   H1   sing N N 150 
HOH O   H2   sing N N 151 
ILE N   CA   sing N N 152 
ILE N   H    sing N N 153 
ILE N   H2   sing N N 154 
ILE CA  C    sing N N 155 
ILE CA  CB   sing N N 156 
ILE CA  HA   sing N N 157 
ILE C   O    doub N N 158 
ILE C   OXT  sing N N 159 
ILE CB  CG1  sing N N 160 
ILE CB  CG2  sing N N 161 
ILE CB  HB   sing N N 162 
ILE CG1 CD1  sing N N 163 
ILE CG1 HG12 sing N N 164 
ILE CG1 HG13 sing N N 165 
ILE CG2 HG21 sing N N 166 
ILE CG2 HG22 sing N N 167 
ILE CG2 HG23 sing N N 168 
ILE CD1 HD11 sing N N 169 
ILE CD1 HD12 sing N N 170 
ILE CD1 HD13 sing N N 171 
ILE OXT HXT  sing N N 172 
LEU N   CA   sing N N 173 
LEU N   H    sing N N 174 
LEU N   H2   sing N N 175 
LEU CA  C    sing N N 176 
LEU CA  CB   sing N N 177 
LEU CA  HA   sing N N 178 
LEU C   O    doub N N 179 
LEU C   OXT  sing N N 180 
LEU CB  CG   sing N N 181 
LEU CB  HB2  sing N N 182 
LEU CB  HB3  sing N N 183 
LEU CG  CD1  sing N N 184 
LEU CG  CD2  sing N N 185 
LEU CG  HG   sing N N 186 
LEU CD1 HD11 sing N N 187 
LEU CD1 HD12 sing N N 188 
LEU CD1 HD13 sing N N 189 
LEU CD2 HD21 sing N N 190 
LEU CD2 HD22 sing N N 191 
LEU CD2 HD23 sing N N 192 
LEU OXT HXT  sing N N 193 
LYS N   CA   sing N N 194 
LYS N   H    sing N N 195 
LYS N   H2   sing N N 196 
LYS CA  C    sing N N 197 
LYS CA  CB   sing N N 198 
LYS CA  HA   sing N N 199 
LYS C   O    doub N N 200 
LYS C   OXT  sing N N 201 
LYS CB  CG   sing N N 202 
LYS CB  HB2  sing N N 203 
LYS CB  HB3  sing N N 204 
LYS CG  CD   sing N N 205 
LYS CG  HG2  sing N N 206 
LYS CG  HG3  sing N N 207 
LYS CD  CE   sing N N 208 
LYS CD  HD2  sing N N 209 
LYS CD  HD3  sing N N 210 
LYS CE  NZ   sing N N 211 
LYS CE  HE2  sing N N 212 
LYS CE  HE3  sing N N 213 
LYS NZ  HZ1  sing N N 214 
LYS NZ  HZ2  sing N N 215 
LYS NZ  HZ3  sing N N 216 
LYS OXT HXT  sing N N 217 
MET N   CA   sing N N 218 
MET N   H    sing N N 219 
MET N   H2   sing N N 220 
MET CA  C    sing N N 221 
MET CA  CB   sing N N 222 
MET CA  HA   sing N N 223 
MET C   O    doub N N 224 
MET C   OXT  sing N N 225 
MET CB  CG   sing N N 226 
MET CB  HB2  sing N N 227 
MET CB  HB3  sing N N 228 
MET CG  SD   sing N N 229 
MET CG  HG2  sing N N 230 
MET CG  HG3  sing N N 231 
MET SD  CE   sing N N 232 
MET CE  HE1  sing N N 233 
MET CE  HE2  sing N N 234 
MET CE  HE3  sing N N 235 
MET OXT HXT  sing N N 236 
PHE N   CA   sing N N 237 
PHE N   H    sing N N 238 
PHE N   H2   sing N N 239 
PHE CA  C    sing N N 240 
PHE CA  CB   sing N N 241 
PHE CA  HA   sing N N 242 
PHE C   O    doub N N 243 
PHE C   OXT  sing N N 244 
PHE CB  CG   sing N N 245 
PHE CB  HB2  sing N N 246 
PHE CB  HB3  sing N N 247 
PHE CG  CD1  doub Y N 248 
PHE CG  CD2  sing Y N 249 
PHE CD1 CE1  sing Y N 250 
PHE CD1 HD1  sing N N 251 
PHE CD2 CE2  doub Y N 252 
PHE CD2 HD2  sing N N 253 
PHE CE1 CZ   doub Y N 254 
PHE CE1 HE1  sing N N 255 
PHE CE2 CZ   sing Y N 256 
PHE CE2 HE2  sing N N 257 
PHE CZ  HZ   sing N N 258 
PHE OXT HXT  sing N N 259 
PRO N   CA   sing N N 260 
PRO N   CD   sing N N 261 
PRO N   H    sing N N 262 
PRO CA  C    sing N N 263 
PRO CA  CB   sing N N 264 
PRO CA  HA   sing N N 265 
PRO C   O    doub N N 266 
PRO C   OXT  sing N N 267 
PRO CB  CG   sing N N 268 
PRO CB  HB2  sing N N 269 
PRO CB  HB3  sing N N 270 
PRO CG  CD   sing N N 271 
PRO CG  HG2  sing N N 272 
PRO CG  HG3  sing N N 273 
PRO CD  HD2  sing N N 274 
PRO CD  HD3  sing N N 275 
PRO OXT HXT  sing N N 276 
SER N   CA   sing N N 277 
SER N   H    sing N N 278 
SER N   H2   sing N N 279 
SER CA  C    sing N N 280 
SER CA  CB   sing N N 281 
SER CA  HA   sing N N 282 
SER C   O    doub N N 283 
SER C   OXT  sing N N 284 
SER CB  OG   sing N N 285 
SER CB  HB2  sing N N 286 
SER CB  HB3  sing N N 287 
SER OG  HG   sing N N 288 
SER OXT HXT  sing N N 289 
THR N   CA   sing N N 290 
THR N   H    sing N N 291 
THR N   H2   sing N N 292 
THR CA  C    sing N N 293 
THR CA  CB   sing N N 294 
THR CA  HA   sing N N 295 
THR C   O    doub N N 296 
THR C   OXT  sing N N 297 
THR CB  OG1  sing N N 298 
THR CB  CG2  sing N N 299 
THR CB  HB   sing N N 300 
THR OG1 HG1  sing N N 301 
THR CG2 HG21 sing N N 302 
THR CG2 HG22 sing N N 303 
THR CG2 HG23 sing N N 304 
THR OXT HXT  sing N N 305 
TRP N   CA   sing N N 306 
TRP N   H    sing N N 307 
TRP N   H2   sing N N 308 
TRP CA  C    sing N N 309 
TRP CA  CB   sing N N 310 
TRP CA  HA   sing N N 311 
TRP C   O    doub N N 312 
TRP C   OXT  sing N N 313 
TRP CB  CG   sing N N 314 
TRP CB  HB2  sing N N 315 
TRP CB  HB3  sing N N 316 
TRP CG  CD1  doub Y N 317 
TRP CG  CD2  sing Y N 318 
TRP CD1 NE1  sing Y N 319 
TRP CD1 HD1  sing N N 320 
TRP CD2 CE2  doub Y N 321 
TRP CD2 CE3  sing Y N 322 
TRP NE1 CE2  sing Y N 323 
TRP NE1 HE1  sing N N 324 
TRP CE2 CZ2  sing Y N 325 
TRP CE3 CZ3  doub Y N 326 
TRP CE3 HE3  sing N N 327 
TRP CZ2 CH2  doub Y N 328 
TRP CZ2 HZ2  sing N N 329 
TRP CZ3 CH2  sing Y N 330 
TRP CZ3 HZ3  sing N N 331 
TRP CH2 HH2  sing N N 332 
TRP OXT HXT  sing N N 333 
TYR N   CA   sing N N 334 
TYR N   H    sing N N 335 
TYR N   H2   sing N N 336 
TYR CA  C    sing N N 337 
TYR CA  CB   sing N N 338 
TYR CA  HA   sing N N 339 
TYR C   O    doub N N 340 
TYR C   OXT  sing N N 341 
TYR CB  CG   sing N N 342 
TYR CB  HB2  sing N N 343 
TYR CB  HB3  sing N N 344 
TYR CG  CD1  doub Y N 345 
TYR CG  CD2  sing Y N 346 
TYR CD1 CE1  sing Y N 347 
TYR CD1 HD1  sing N N 348 
TYR CD2 CE2  doub Y N 349 
TYR CD2 HD2  sing N N 350 
TYR CE1 CZ   doub Y N 351 
TYR CE1 HE1  sing N N 352 
TYR CE2 CZ   sing Y N 353 
TYR CE2 HE2  sing N N 354 
TYR CZ  OH   sing N N 355 
TYR OH  HH   sing N N 356 
TYR OXT HXT  sing N N 357 
VAL N   CA   sing N N 358 
VAL N   H    sing N N 359 
VAL N   H2   sing N N 360 
VAL CA  C    sing N N 361 
VAL CA  CB   sing N N 362 
VAL CA  HA   sing N N 363 
VAL C   O    doub N N 364 
VAL C   OXT  sing N N 365 
VAL CB  CG1  sing N N 366 
VAL CB  CG2  sing N N 367 
VAL CB  HB   sing N N 368 
VAL CG1 HG11 sing N N 369 
VAL CG1 HG12 sing N N 370 
VAL CG1 HG13 sing N N 371 
VAL CG2 HG21 sing N N 372 
VAL CG2 HG22 sing N N 373 
VAL CG2 HG23 sing N N 374 
VAL OXT HXT  sing N N 375 
# 
_atom_sites.entry_id                    5XRH 
_atom_sites.fract_transf_matrix[1][1]   0.00223630 
_atom_sites.fract_transf_matrix[1][2]   -0.01699457 
_atom_sites.fract_transf_matrix[1][3]   -0.01648237 
_atom_sites.fract_transf_matrix[2][1]   -0.01517936 
_atom_sites.fract_transf_matrix[2][2]   -0.01830053 
_atom_sites.fract_transf_matrix[2][3]   -0.00034390 
_atom_sites.fract_transf_matrix[3][1]   -0.00232004 
_atom_sites.fract_transf_matrix[3][2]   0.00196841 
_atom_sites.fract_transf_matrix[3][3]   -0.00234436 
_atom_sites.fract_transf_vector[1]      0.287856 
_atom_sites.fract_transf_vector[2]      -0.422129 
_atom_sites.fract_transf_vector[3]      0.030589 
# 
loop_
_atom_type.symbol 
C 
N 
O 
S 
# 
loop_
_atom_site.group_PDB 
_atom_site.id 
_atom_site.type_symbol 
_atom_site.label_atom_id 
_atom_site.label_alt_id 
_atom_site.label_comp_id 
_atom_site.label_asym_id 
_atom_site.label_entity_id 
_atom_site.label_seq_id 
_atom_site.pdbx_PDB_ins_code 
_atom_site.Cartn_x 
_atom_site.Cartn_y 
_atom_site.Cartn_z 
_atom_site.occupancy 
_atom_site.B_iso_or_equiv 
_atom_site.pdbx_formal_charge 
_atom_site.auth_seq_id 
_atom_site.auth_comp_id 
_atom_site.auth_asym_id 
_atom_site.auth_atom_id 
_atom_site.pdbx_PDB_model_num 
ATOM   1    N N   . SER A 1 5   ? 4.515   8.157   -14.271 1.00 43.20 ? 2   SER A N   1 
ATOM   2    C CA  . SER A 1 5   ? 5.704   8.865   -14.728 1.00 43.21 ? 2   SER A CA  1 
ATOM   3    C C   . SER A 1 5   ? 6.733   7.868   -15.239 1.00 37.90 ? 2   SER A C   1 
ATOM   4    O O   . SER A 1 5   ? 6.532   7.230   -16.272 1.00 53.66 ? 2   SER A O   1 
ATOM   5    C CB  . SER A 1 5   ? 6.295   9.725   -13.603 1.00 34.79 ? 2   SER A CB  1 
ATOM   6    N N   . LEU A 1 6   ? 7.834   7.718   -14.505 1.00 37.50 ? 3   LEU A N   1 
ATOM   7    C CA  . LEU A 1 6   ? 8.898   6.850   -14.990 1.00 45.92 ? 3   LEU A CA  1 
ATOM   8    C C   . LEU A 1 6   ? 8.494   5.381   -14.902 1.00 35.86 ? 3   LEU A C   1 
ATOM   9    O O   . LEU A 1 6   ? 8.691   4.623   -15.860 1.00 43.76 ? 3   LEU A O   1 
ATOM   10   C CB  . LEU A 1 6   ? 10.196  7.115   -14.222 1.00 42.04 ? 3   LEU A CB  1 
ATOM   11   C CG  . LEU A 1 6   ? 11.352  6.163   -14.542 1.00 48.05 ? 3   LEU A CG  1 
ATOM   12   C CD1 . LEU A 1 6   ? 12.610  6.931   -14.914 1.00 48.80 ? 3   LEU A CD1 1 
ATOM   13   C CD2 . LEU A 1 6   ? 11.636  5.236   -13.373 1.00 45.63 ? 3   LEU A CD2 1 
ATOM   14   N N   . LEU A 1 7   ? 7.880   4.933   -13.710 1.00 29.22 ? 4   LEU A N   1 
ATOM   15   C CA  . LEU A 1 7   ? 7.573   3.513   -13.612 1.00 20.11 ? 4   LEU A CA  1 
ATOM   16   C C   . LEU A 1 7   ? 6.179   3.218   -14.166 1.00 21.29 ? 4   LEU A C   1 
ATOM   17   O O   . LEU A 1 7   ? 5.269   4.042   -14.048 1.00 24.39 ? 4   LEU A O   1 
ATOM   18   C CB  . LEU A 1 7   ? 7.655   3.055   -12.158 1.00 18.74 ? 4   LEU A CB  1 
ATOM   19   C CG  . LEU A 1 7   ? 9.039   3.159   -11.514 1.00 22.10 ? 4   LEU A CG  1 
ATOM   20   C CD1 . LEU A 1 7   ? 8.942   2.916   -10.012 1.00 21.62 ? 4   LEU A CD1 1 
ATOM   21   C CD2 . LEU A 1 7   ? 10.007  2.172   -12.159 1.00 26.10 ? 4   LEU A CD2 1 
ATOM   22   N N   . PRO A 1 8   ? 5.978   2.056   -14.787 1.00 19.49 ? 5   PRO A N   1 
ATOM   23   C CA  . PRO A 1 8   ? 4.645   1.740   -15.318 1.00 22.36 ? 5   PRO A CA  1 
ATOM   24   C C   . PRO A 1 8   ? 3.633   1.560   -14.195 1.00 19.08 ? 5   PRO A C   1 
ATOM   25   O O   . PRO A 1 8   ? 3.952   1.027   -13.132 1.00 21.83 ? 5   PRO A O   1 
ATOM   26   C CB  . PRO A 1 8   ? 4.869   0.433   -16.085 1.00 31.01 ? 5   PRO A CB  1 
ATOM   27   C CG  . PRO A 1 8   ? 6.064   -0.181  -15.429 1.00 32.29 ? 5   PRO A CG  1 
ATOM   28   C CD  . PRO A 1 8   ? 6.945   0.973   -15.034 1.00 30.71 ? 5   PRO A CD  1 
ATOM   29   N N   . VAL A 1 9   ? 2.423   2.067   -14.424 1.00 17.91 ? 6   VAL A N   1 
ATOM   30   C CA  . VAL A 1 9   ? 1.305   1.865   -13.507 1.00 14.35 ? 6   VAL A CA  1 
ATOM   31   C C   . VAL A 1 9   ? 0.128   1.294   -14.293 1.00 19.15 ? 6   VAL A C   1 
ATOM   32   O O   . VAL A 1 9   ? -0.232  1.861   -15.329 1.00 20.73 ? 6   VAL A O   1 
ATOM   33   C CB  . VAL A 1 9   ? 0.897   3.156   -12.803 1.00 15.80 ? 6   VAL A CB  1 
ATOM   34   C CG1 . VAL A 1 9   ? -0.336  2.917   -11.954 1.00 17.15 ? 6   VAL A CG1 1 
ATOM   35   C CG2 . VAL A 1 9   ? 2.043   3.701   -11.953 1.00 17.90 ? 6   VAL A CG2 1 
ATOM   36   N N   . PRO A 1 10  ? -0.482  0.181   -13.827 1.00 14.48 ? 7   PRO A N   1 
ATOM   37   C CA  . PRO A 1 10  ? -0.209  -0.618  -12.623 1.00 13.20 ? 7   PRO A CA  1 
ATOM   38   C C   . PRO A 1 10  ? 1.213   -1.141  -12.557 1.00 14.41 ? 7   PRO A C   1 
ATOM   39   O O   . PRO A 1 10  ? 1.792   -1.549  -13.568 1.00 16.59 ? 7   PRO A O   1 
ATOM   40   C CB  . PRO A 1 10  ? -1.191  -1.786  -12.743 1.00 16.91 ? 7   PRO A CB  1 
ATOM   41   C CG  . PRO A 1 10  ? -2.331  -1.223  -13.537 1.00 17.60 ? 7   PRO A CG  1 
ATOM   42   C CD  . PRO A 1 10  ? -1.659  -0.335  -14.551 1.00 15.52 ? 7   PRO A CD  1 
ATOM   43   N N   . TYR A 1 11  ? 1.772   -1.098  -11.358 1.00 11.83 ? 8   TYR A N   1 
ATOM   44   C CA  . TYR A 1 11  ? 3.137   -1.524  -11.112 1.00 11.33 ? 8   TYR A CA  1 
ATOM   45   C C   . TYR A 1 11  ? 3.116   -2.808  -10.299 1.00 12.09 ? 8   TYR A C   1 
ATOM   46   O O   . TYR A 1 11  ? 2.505   -2.852  -9.230  1.00 12.55 ? 8   TYR A O   1 
ATOM   47   C CB  . TYR A 1 11  ? 3.900   -0.442  -10.351 1.00 13.16 ? 8   TYR A CB  1 
ATOM   48   C CG  . TYR A 1 11  ? 5.338   -0.791  -10.101 1.00 13.72 ? 8   TYR A CG  1 
ATOM   49   C CD1 . TYR A 1 11  ? 6.305   -0.519  -11.052 1.00 19.62 ? 8   TYR A CD1 1 
ATOM   50   C CD2 . TYR A 1 11  ? 5.723   -1.405  -8.922  1.00 13.55 ? 8   TYR A CD2 1 
ATOM   51   C CE1 . TYR A 1 11  ? 7.627   -0.843  -10.830 1.00 22.43 ? 8   TYR A CE1 1 
ATOM   52   C CE2 . TYR A 1 11  ? 7.040   -1.743  -8.695  1.00 16.05 ? 8   TYR A CE2 1 
ATOM   53   C CZ  . TYR A 1 11  ? 7.983   -1.455  -9.648  1.00 21.47 ? 8   TYR A CZ  1 
ATOM   54   O OH  . TYR A 1 11  ? 9.300   -1.785  -9.416  1.00 24.39 ? 8   TYR A OH  1 
ATOM   55   N N   . THR A 1 12  ? 3.800   -3.838  -10.788 1.00 11.47 ? 9   THR A N   1 
ATOM   56   C CA  . THR A 1 12  ? 3.863   -5.126  -10.112 1.00 12.07 ? 9   THR A CA  1 
ATOM   57   C C   . THR A 1 12  ? 5.323   -5.512  -9.925  1.00 13.96 ? 9   THR A C   1 
ATOM   58   O O   . THR A 1 12  ? 6.111   -5.441  -10.875 1.00 17.46 ? 9   THR A O   1 
ATOM   59   C CB  . THR A 1 12  ? 3.125   -6.196  -10.918 1.00 14.68 ? 9   THR A CB  1 
ATOM   60   O OG1 . THR A 1 12  ? 1.769   -5.778  -11.128 1.00 17.94 ? 9   THR A OG1 1 
ATOM   61   C CG2 . THR A 1 12  ? 3.135   -7.522  -10.191 1.00 20.36 ? 9   THR A CG2 1 
ATOM   62   N N   . GLU A 1 13  ? 5.687   -5.896  -8.704  1.00 12.18 ? 10  GLU A N   1 
ATOM   63   C CA  . GLU A 1 13  ? 7.029   -6.392  -8.433  1.00 12.45 ? 10  GLU A CA  1 
ATOM   64   C C   . GLU A 1 13  ? 6.934   -7.619  -7.539  1.00 12.35 ? 10  GLU A C   1 
ATOM   65   O O   . GLU A 1 13  ? 6.252   -7.591  -6.510  1.00 11.69 ? 10  GLU A O   1 
ATOM   66   C CB  . GLU A 1 13  ? 7.898   -5.307  -7.774  1.00 14.16 ? 10  GLU A CB  1 
ATOM   67   C CG  . GLU A 1 13  ? 9.386   -5.684  -7.589  1.00 15.91 ? 10  GLU A CG  1 
ATOM   68   C CD  . GLU A 1 13  ? 10.247  -4.517  -7.111  1.00 17.22 ? 10  GLU A CD  1 
ATOM   69   O OE1 . GLU A 1 13  ? 10.200  -3.434  -7.746  1.00 18.50 ? 10  GLU A OE1 1 
ATOM   70   O OE2 . GLU A 1 13  ? 10.974  -4.690  -6.105  1.00 19.20 ? 10  GLU A OE2 1 
ATOM   71   N N   . ALA A 1 14  ? 7.603   -8.701  -7.931  1.00 11.52 ? 11  ALA A N   1 
ATOM   72   C CA  . ALA A 1 14  ? 7.778   -9.810  -7.005  1.00 9.88  ? 11  ALA A CA  1 
ATOM   73   C C   . ALA A 1 14  ? 8.447   -9.309  -5.730  1.00 10.60 ? 11  ALA A C   1 
ATOM   74   O O   . ALA A 1 14  ? 9.298   -8.419  -5.769  1.00 12.91 ? 11  ALA A O   1 
ATOM   75   C CB  . ALA A 1 14  ? 8.630   -10.903 -7.650  1.00 12.57 ? 11  ALA A CB  1 
ATOM   76   N N   . ALA A 1 15  ? 8.049   -9.863  -4.590  1.00 10.38 ? 12  ALA A N   1 
ATOM   77   C CA  . ALA A 1 15  ? 8.548   -9.330  -3.332  1.00 9.33  ? 12  ALA A CA  1 
ATOM   78   C C   . ALA A 1 15  ? 8.474   -10.380 -2.239  1.00 10.31 ? 12  ALA A C   1 
ATOM   79   O O   . ALA A 1 15  ? 7.649   -11.294 -2.287  1.00 14.24 ? 12  ALA A O   1 
ATOM   80   C CB  . ALA A 1 15  ? 7.754   -8.087  -2.900  1.00 12.61 ? 12  ALA A CB  1 
ATOM   81   N N   . SER A 1 16  ? 9.347   -10.224 -1.246  1.00 10.58 ? 13  SER A N   1 
ATOM   82   C CA  . SER A 1 16  ? 9.286   -10.974 0.000   1.00 11.66 ? 13  SER A CA  1 
ATOM   83   C C   . SER A 1 16  ? 9.364   -9.983  1.145   1.00 13.11 ? 13  SER A C   1 
ATOM   84   O O   . SER A 1 16  ? 10.048  -8.956  1.039   1.00 13.86 ? 13  SER A O   1 
ATOM   85   C CB  . SER A 1 16  ? 10.420  -11.992 0.122   1.00 14.19 ? 13  SER A CB  1 
ATOM   86   O OG  . SER A 1 16  ? 10.374  -12.902 -0.953  1.00 17.75 ? 13  SER A OG  1 
ATOM   87   N N   . LEU A 1 17  ? 8.639   -10.276 2.215   1.00 12.49 ? 14  LEU A N   1 
ATOM   88   C CA  . LEU A 1 17  ? 8.581   -9.406  3.381   1.00 12.90 ? 14  LEU A CA  1 
ATOM   89   C C   . LEU A 1 17  ? 8.783   -10.212 4.652   1.00 14.16 ? 14  LEU A C   1 
ATOM   90   O O   . LEU A 1 17  ? 8.333   -11.355 4.772   1.00 16.13 ? 14  LEU A O   1 
ATOM   91   C CB  . LEU A 1 17  ? 7.231   -8.680  3.475   1.00 11.17 ? 14  LEU A CB  1 
ATOM   92   C CG  . LEU A 1 17  ? 6.837   -7.837  2.268   1.00 11.57 ? 14  LEU A CG  1 
ATOM   93   C CD1 . LEU A 1 17  ? 5.431   -7.307  2.459   1.00 13.91 ? 14  LEU A CD1 1 
ATOM   94   C CD2 . LEU A 1 17  ? 7.808   -6.680  2.050   1.00 12.72 ? 14  LEU A CD2 1 
ATOM   95   N N   . SER A 1 18  ? 9.437   -9.581  5.618   1.00 13.93 ? 15  SER A N   1 
ATOM   96   C CA  . SER A 1 18  ? 9.545   -10.118 6.964   1.00 16.54 ? 15  SER A CA  1 
ATOM   97   C C   . SER A 1 18  ? 9.727   -8.938  7.903   1.00 14.88 ? 15  SER A C   1 
ATOM   98   O O   . SER A 1 18  ? 9.810   -7.788  7.470   1.00 14.07 ? 15  SER A O   1 
ATOM   99   C CB  . SER A 1 18  ? 10.688  -11.138 7.073   1.00 21.30 ? 15  SER A CB  1 
ATOM   100  O OG  . SER A 1 18  ? 11.908  -10.612 6.584   1.00 26.87 ? 15  SER A OG  1 
ATOM   101  N N   . THR A 1 19  ? 9.781   -9.221  9.202   1.00 16.36 ? 16  THR A N   1 
ATOM   102  C CA  . THR A 1 19  ? 9.969   -8.151  10.170  1.00 13.28 ? 16  THR A CA  1 
ATOM   103  C C   . THR A 1 19  ? 11.210  -7.338  9.830   1.00 16.64 ? 16  THR A C   1 
ATOM   104  O O   . THR A 1 19  ? 12.295  -7.887  9.620   1.00 19.32 ? 16  THR A O   1 
ATOM   105  C CB  . THR A 1 19  ? 10.082  -8.738  11.574  1.00 16.54 ? 16  THR A CB  1 
ATOM   106  O OG1 . THR A 1 19  ? 8.865   -9.422  11.881  1.00 21.09 ? 16  THR A OG1 1 
ATOM   107  C CG2 . THR A 1 19  ? 10.297  -7.624  12.587  1.00 19.85 ? 16  THR A CG2 1 
ATOM   108  N N   . GLY A 1 20  ? 11.040  -6.022  9.763   1.00 13.91 ? 17  GLY A N   1 
ATOM   109  C CA  . GLY A 1 20  ? 12.113  -5.129  9.392   1.00 15.34 ? 17  GLY A CA  1 
ATOM   110  C C   . GLY A 1 20  ? 12.097  -4.692  7.942   1.00 15.85 ? 17  GLY A C   1 
ATOM   111  O O   . GLY A 1 20  ? 12.812  -3.744  7.593   1.00 19.31 ? 17  GLY A O   1 
ATOM   112  N N   . SER A 1 21  ? 11.318  -5.352  7.089   1.00 12.50 ? 18  SER A N   1 
ATOM   113  C CA  . SER A 1 21  ? 11.223  -4.927  5.704   1.00 13.05 ? 18  SER A CA  1 
ATOM   114  C C   . SER A 1 21  ? 10.481  -3.603  5.604   1.00 13.41 ? 18  SER A C   1 
ATOM   115  O O   . SER A 1 21  ? 9.556   -3.320  6.368   1.00 13.51 ? 18  SER A O   1 
ATOM   116  C CB  . SER A 1 21  ? 10.487  -5.960  4.855   1.00 11.67 ? 18  SER A CB  1 
ATOM   117  O OG  . SER A 1 21  ? 11.146  -7.216  4.855   1.00 14.04 ? 18  SER A OG  1 
ATOM   118  N N   . THR A 1 22  ? 10.873  -2.805  4.627   1.00 12.43 ? 19  THR A N   1 
ATOM   119  C CA  . THR A 1 22  ? 10.208  -1.544  4.351   1.00 10.65 ? 19  THR A CA  1 
ATOM   120  C C   . THR A 1 22  ? 9.903   -1.469  2.863   1.00 13.57 ? 19  THR A C   1 
ATOM   121  O O   . THR A 1 22  ? 10.746  -1.808  2.028   1.00 12.22 ? 19  THR A O   1 
ATOM   122  C CB  . THR A 1 22  ? 11.073  -0.352  4.780   1.00 16.43 ? 19  THR A CB  1 
ATOM   123  O OG1 . THR A 1 22  ? 11.337  -0.442  6.189   1.00 22.58 ? 19  THR A OG1 1 
ATOM   124  C CG2 . THR A 1 22  ? 10.369  0.961   4.494   1.00 18.71 ? 19  THR A CG2 1 
ATOM   125  N N   . VAL A 1 23  ? 8.688   -1.043  2.535   1.00 9.64  ? 20  VAL A N   1 
ATOM   126  C CA  . VAL A 1 23  ? 8.273   -0.786  1.160   1.00 10.62 ? 20  VAL A CA  1 
ATOM   127  C C   . VAL A 1 23  ? 8.146   0.722   1.007   1.00 12.75 ? 20  VAL A C   1 
ATOM   128  O O   . VAL A 1 23  ? 7.368   1.356   1.727   1.00 14.03 ? 20  VAL A O   1 
ATOM   129  C CB  . VAL A 1 23  ? 6.944   -1.479  0.830   1.00 10.36 ? 20  VAL A CB  1 
ATOM   130  C CG1 . VAL A 1 23  ? 6.567   -1.259  -0.643  1.00 12.63 ? 20  VAL A CG1 1 
ATOM   131  C CG2 . VAL A 1 23  ? 7.022   -2.967  1.161   1.00 14.64 ? 20  VAL A CG2 1 
ATOM   132  N N   . THR A 1 24  ? 8.905   1.302   0.082   1.00 10.81 ? 21  THR A N   1 
ATOM   133  C CA  . THR A 1 24  ? 8.939   2.750   -0.090  1.00 11.60 ? 21  THR A CA  1 
ATOM   134  C C   . THR A 1 24  ? 8.412   3.101   -1.473  1.00 13.59 ? 21  THR A C   1 
ATOM   135  O O   . THR A 1 24  ? 8.827   2.502   -2.469  1.00 13.26 ? 21  THR A O   1 
ATOM   136  C CB  . THR A 1 24  ? 10.356  3.296   0.080   1.00 15.55 ? 21  THR A CB  1 
ATOM   137  O OG1 . THR A 1 24  ? 10.860  2.929   1.373   1.00 20.35 ? 21  THR A OG1 1 
ATOM   138  C CG2 . THR A 1 24  ? 10.361  4.821   -0.054  1.00 21.45 ? 21  THR A CG2 1 
ATOM   139  N N   . ILE A 1 25  ? 7.493   4.064   -1.531  1.00 10.49 ? 22  ILE A N   1 
ATOM   140  C CA  . ILE A 1 25  ? 6.802   4.430   -2.758  1.00 14.44 ? 22  ILE A CA  1 
ATOM   141  C C   . ILE A 1 25  ? 6.803   5.946   -2.862  1.00 14.47 ? 22  ILE A C   1 
ATOM   142  O O   . ILE A 1 25  ? 6.405   6.630   -1.917  1.00 16.59 ? 22  ILE A O   1 
ATOM   143  C CB  . ILE A 1 25  ? 5.357   3.897   -2.749  1.00 16.24 ? 22  ILE A CB  1 
ATOM   144  C CG1 . ILE A 1 25  ? 5.347   2.367   -2.641  1.00 19.94 ? 22  ILE A CG1 1 
ATOM   145  C CG2 . ILE A 1 25  ? 4.607   4.385   -3.962  1.00 21.36 ? 22  ILE A CG2 1 
ATOM   146  C CD1 . ILE A 1 25  ? 4.016   1.781   -2.181  1.00 20.48 ? 22  ILE A CD1 1 
ATOM   147  N N   . LYS A 1 26  ? 7.245   6.478   -3.998  1.00 12.39 ? 23  LYS A N   1 
ATOM   148  C CA  . LYS A 1 26  ? 7.150   7.908   -4.260  1.00 11.68 ? 23  LYS A CA  1 
ATOM   149  C C   . LYS A 1 26  ? 6.322   8.108   -5.515  1.00 11.94 ? 23  LYS A C   1 
ATOM   150  O O   . LYS A 1 26  ? 6.596   7.475   -6.541  1.00 12.04 ? 23  LYS A O   1 
ATOM   151  C CB  . LYS A 1 26  ? 8.531   8.546   -4.436  1.00 15.22 ? 23  LYS A CB  1 
ATOM   152  C CG  . LYS A 1 26  ? 8.491   10.054  -4.558  1.00 22.06 ? 23  LYS A CG  1 
ATOM   153  C CD  . LYS A 1 26  ? 9.894   10.650  -4.651  1.00 30.47 ? 23  LYS A CD  1 
ATOM   154  C CE  . LYS A 1 26  ? 10.799  10.138  -3.540  1.00 38.25 ? 23  LYS A CE  1 
ATOM   155  N NZ  . LYS A 1 26  ? 12.136  10.802  -3.569  1.00 45.64 ? 23  LYS A NZ  1 
ATOM   156  N N   . GLY A 1 27  ? 5.318   8.976   -5.430  1.00 10.01 ? 24  GLY A N   1 
ATOM   157  C CA  . GLY A 1 27  ? 4.435   9.177   -6.562  1.00 13.40 ? 24  GLY A CA  1 
ATOM   158  C C   . GLY A 1 27  ? 3.614   10.441  -6.430  1.00 11.09 ? 24  GLY A C   1 
ATOM   159  O O   . GLY A 1 27  ? 3.801   11.234  -5.509  1.00 11.79 ? 24  GLY A O   1 
ATOM   160  N N   . ARG A 1 28  ? 2.693   10.620  -7.376  1.00 11.82 ? 25  ARG A N   1 
ATOM   161  C CA  . ARG A 1 28  ? 1.867   11.811  -7.430  1.00 13.05 ? 25  ARG A CA  1 
ATOM   162  C C   . ARG A 1 28  ? 0.470   11.419  -7.887  1.00 12.35 ? 25  ARG A C   1 
ATOM   163  O O   . ARG A 1 28  ? 0.330   10.597  -8.800  1.00 14.11 ? 25  ARG A O   1 
ATOM   164  C CB  . ARG A 1 28  ? 2.456   12.840  -8.407  1.00 16.06 ? 25  ARG A CB  1 
ATOM   165  C CG  . ARG A 1 28  ? 1.741   14.170  -8.448  1.00 24.22 ? 25  ARG A CG  1 
ATOM   166  C CD  . ARG A 1 28  ? 2.490   15.127  -9.365  1.00 26.97 ? 25  ARG A CD  1 
ATOM   167  N NE  . ARG A 1 28  ? 3.906   14.789  -9.440  1.00 33.47 ? 25  ARG A NE  1 
ATOM   168  C CZ  . ARG A 1 28  ? 4.879   15.516  -8.904  1.00 36.40 ? 25  ARG A CZ  1 
ATOM   169  N NH1 . ARG A 1 28  ? 4.588   16.635  -8.256  1.00 34.64 ? 25  ARG A NH1 1 
ATOM   170  N NH2 . ARG A 1 28  ? 6.141   15.121  -9.018  1.00 45.18 ? 25  ARG A NH2 1 
ATOM   171  N N   . PRO A 1 29  ? -0.576  11.970  -7.284  1.00 11.25 ? 26  PRO A N   1 
ATOM   172  C CA  . PRO A 1 29  ? -1.920  11.730  -7.818  1.00 11.70 ? 26  PRO A CA  1 
ATOM   173  C C   . PRO A 1 29  ? -2.048  12.298  -9.222  1.00 12.90 ? 26  PRO A C   1 
ATOM   174  O O   . PRO A 1 29  ? -1.436  13.313  -9.566  1.00 15.25 ? 26  PRO A O   1 
ATOM   175  C CB  . PRO A 1 29  ? -2.840  12.464  -6.834  1.00 14.16 ? 26  PRO A CB  1 
ATOM   176  C CG  . PRO A 1 29  ? -2.026  12.630  -5.587  1.00 14.33 ? 26  PRO A CG  1 
ATOM   177  C CD  . PRO A 1 29  ? -0.609  12.804  -6.071  1.00 14.51 ? 26  PRO A CD  1 
ATOM   178  N N   . LEU A 1 30  ? -2.866  11.639  -10.032 1.00 11.98 ? 27  LEU A N   1 
ATOM   179  C CA  . LEU A 1 30  ? -3.065  12.058  -11.412 1.00 11.47 ? 27  LEU A CA  1 
ATOM   180  C C   . LEU A 1 30  ? -4.190  13.067  -11.561 1.00 15.92 ? 27  LEU A C   1 
ATOM   181  O O   . LEU A 1 30  ? -4.447  13.518  -12.680 1.00 18.43 ? 27  LEU A O   1 
ATOM   182  C CB  . LEU A 1 30  ? -3.354  10.849  -12.299 1.00 15.11 ? 27  LEU A CB  1 
ATOM   183  C CG  . LEU A 1 30  ? -2.240  9.826   -12.492 1.00 15.63 ? 27  LEU A CG  1 
ATOM   184  C CD1 . LEU A 1 30  ? -2.751  8.637   -13.285 1.00 17.87 ? 27  LEU A CD1 1 
ATOM   185  C CD2 . LEU A 1 30  ? -1.037  10.460  -13.174 1.00 17.02 ? 27  LEU A CD2 1 
ATOM   186  N N   . ALA A 1 31  ? -4.864  13.418  -10.469 1.00 11.67 ? 28  ALA A N   1 
ATOM   187  C CA  . ALA A 1 31  ? -5.985  14.344  -10.509 1.00 14.46 ? 28  ALA A CA  1 
ATOM   188  C C   . ALA A 1 31  ? -6.007  15.155  -9.223  1.00 12.30 ? 28  ALA A C   1 
ATOM   189  O O   . ALA A 1 31  ? -5.497  14.723  -8.184  1.00 12.59 ? 28  ALA A O   1 
ATOM   190  C CB  . ALA A 1 31  ? -7.320  13.608  -10.685 1.00 14.22 ? 28  ALA A CB  1 
ATOM   191  N N   . CYS A 1 32  ? -6.608  16.339  -9.310  1.00 14.35 ? 29  CYS A N   1 
ATOM   192  C CA  . CYS A 1 32  ? -6.873  17.143  -8.127  1.00 14.20 ? 29  CYS A CA  1 
ATOM   193  C C   . CYS A 1 32  ? -7.779  16.375  -7.171  1.00 13.50 ? 29  CYS A C   1 
ATOM   194  O O   . CYS A 1 32  ? -8.545  15.500  -7.578  1.00 12.17 ? 29  CYS A O   1 
ATOM   195  C CB  . CYS A 1 32  ? -7.521  18.479  -8.515  1.00 17.03 ? 29  CYS A CB  1 
ATOM   196  S SG  . CYS A 1 32  ? -9.189  18.361  -9.228  1.00 18.30 ? 29  CYS A SG  1 
ATOM   197  N N   . PHE A 1 33  ? -7.696  16.712  -5.884  1.00 12.86 ? 30  PHE A N   1 
ATOM   198  C CA  . PHE A 1 33  ? -8.480  15.967  -4.903  1.00 14.08 ? 30  PHE A CA  1 
ATOM   199  C C   . PHE A 1 33  ? -9.988  16.135  -5.105  1.00 12.88 ? 30  PHE A C   1 
ATOM   200  O O   . PHE A 1 33  ? -10.758 15.244  -4.738  1.00 12.67 ? 30  PHE A O   1 
ATOM   201  C CB  . PHE A 1 33  ? -8.094  16.376  -3.483  1.00 13.97 ? 30  PHE A CB  1 
ATOM   202  C CG  . PHE A 1 33  ? -6.809  15.756  -2.980  1.00 13.68 ? 30  PHE A CG  1 
ATOM   203  C CD1 . PHE A 1 33  ? -5.894  15.170  -3.843  1.00 13.50 ? 30  PHE A CD1 1 
ATOM   204  C CD2 . PHE A 1 33  ? -6.521  15.786  -1.627  1.00 16.71 ? 30  PHE A CD2 1 
ATOM   205  C CE1 . PHE A 1 33  ? -4.705  14.617  -3.346  1.00 15.21 ? 30  PHE A CE1 1 
ATOM   206  C CE2 . PHE A 1 33  ? -5.348  15.242  -1.130  1.00 16.50 ? 30  PHE A CE2 1 
ATOM   207  C CZ  . PHE A 1 33  ? -4.445  14.652  -1.991  1.00 13.72 ? 30  PHE A CZ  1 
ATOM   208  N N   . LEU A 1 34  ? -10.440 17.256  -5.688  1.00 11.93 ? 31  LEU A N   1 
ATOM   209  C CA  . LEU A 1 34  ? -11.866 17.406  -5.962  1.00 12.80 ? 31  LEU A CA  1 
ATOM   210  C C   . LEU A 1 34  ? -12.393 16.266  -6.824  1.00 12.43 ? 31  LEU A C   1 
ATOM   211  O O   . LEU A 1 34  ? -13.564 15.881  -6.706  1.00 14.84 ? 31  LEU A O   1 
ATOM   212  C CB  . LEU A 1 34  ? -12.123 18.748  -6.647  1.00 13.92 ? 31  LEU A CB  1 
ATOM   213  C CG  . LEU A 1 34  ? -13.578 19.169  -6.817  1.00 17.02 ? 31  LEU A CG  1 
ATOM   214  C CD1 . LEU A 1 34  ? -14.222 19.388  -5.455  1.00 18.98 ? 31  LEU A CD1 1 
ATOM   215  C CD2 . LEU A 1 34  ? -13.662 20.436  -7.661  1.00 16.81 ? 31  LEU A CD2 1 
ATOM   216  N N   . ASN A 1 35  ? -11.549 15.716  -7.688  1.00 11.78 ? 32  ASN A N   1 
ATOM   217  C CA  . ASN A 1 35  ? -11.939 14.636  -8.579  1.00 12.09 ? 32  ASN A CA  1 
ATOM   218  C C   . ASN A 1 35  ? -11.745 13.255  -7.962  1.00 12.56 ? 32  ASN A C   1 
ATOM   219  O O   . ASN A 1 35  ? -12.060 12.251  -8.612  1.00 12.47 ? 32  ASN A O   1 
ATOM   220  C CB  . ASN A 1 35  ? -11.166 14.740  -9.897  1.00 10.92 ? 32  ASN A CB  1 
ATOM   221  C CG  . ASN A 1 35  ? -11.640 15.896  -10.752 1.00 15.22 ? 32  ASN A CG  1 
ATOM   222  O OD1 . ASN A 1 35  ? -12.623 16.550  -10.425 1.00 18.77 ? 32  ASN A OD1 1 
ATOM   223  N ND2 . ASN A 1 35  ? -10.954 16.139  -11.858 1.00 16.57 ? 32  ASN A ND2 1 
ATOM   224  N N   . GLU A 1 36  ? -11.278 13.184  -6.710  1.00 13.05 ? 33  GLU A N   1 
ATOM   225  C CA  . GLU A 1 36  ? -11.199 11.943  -5.943  1.00 12.90 ? 33  GLU A CA  1 
ATOM   226  C C   . GLU A 1 36  ? -10.391 10.860  -6.647  1.00 11.20 ? 33  GLU A C   1 
ATOM   227  O O   . GLU A 1 36  ? -10.908 9.757   -6.875  1.00 10.68 ? 33  GLU A O   1 
ATOM   228  C CB  . GLU A 1 36  ? -12.604 11.429  -5.628  1.00 15.58 ? 33  GLU A CB  1 
ATOM   229  C CG  . GLU A 1 36  ? -13.369 12.391  -4.723  1.00 18.64 ? 33  GLU A CG  1 
ATOM   230  C CD  . GLU A 1 36  ? -14.732 11.879  -4.298  1.00 34.88 ? 33  GLU A CD  1 
ATOM   231  O OE1 . GLU A 1 36  ? -15.049 10.699  -4.557  1.00 33.14 ? 33  GLU A OE1 1 
ATOM   232  O OE2 . GLU A 1 36  ? -15.489 12.668  -3.694  1.00 37.68 ? 33  GLU A OE2 1 
ATOM   233  N N   . PRO A 1 37  ? -9.125  11.124  -6.987  1.00 10.35 ? 34  PRO A N   1 
ATOM   234  C CA  . PRO A 1 37  ? -8.264  10.043  -7.478  1.00 9.34  ? 34  PRO A CA  1 
ATOM   235  C C   . PRO A 1 37  ? -8.052  9.027   -6.366  1.00 10.31 ? 34  PRO A C   1 
ATOM   236  O O   . PRO A 1 37  ? -8.174  9.343   -5.180  1.00 10.97 ? 34  PRO A O   1 
ATOM   237  C CB  . PRO A 1 37  ? -6.960  10.760  -7.836  1.00 11.44 ? 34  PRO A CB  1 
ATOM   238  C CG  . PRO A 1 37  ? -6.929  11.949  -6.869  1.00 11.39 ? 34  PRO A CG  1 
ATOM   239  C CD  . PRO A 1 37  ? -8.371  12.356  -6.683  1.00 12.49 ? 34  PRO A CD  1 
ATOM   240  N N   . TYR A 1 38  ? -7.763  7.794   -6.763  1.00 9.95  ? 35  TYR A N   1 
ATOM   241  C CA  . TYR A 1 38  ? -7.450  6.732   -5.817  1.00 11.14 ? 35  TYR A CA  1 
ATOM   242  C C   . TYR A 1 38  ? -5.990  6.320   -5.912  1.00 9.46  ? 35  TYR A C   1 
ATOM   243  O O   . TYR A 1 38  ? -5.309  6.548   -6.913  1.00 11.18 ? 35  TYR A O   1 
ATOM   244  C CB  . TYR A 1 38  ? -8.315  5.489   -6.056  1.00 10.02 ? 35  TYR A CB  1 
ATOM   245  C CG  . TYR A 1 38  ? -9.742  5.613   -5.606  1.00 19.05 ? 35  TYR A CG  1 
ATOM   246  C CD1 . TYR A 1 38  ? -10.621 6.448   -6.262  1.00 24.34 ? 35  TYR A CD1 1 
ATOM   247  C CD2 . TYR A 1 38  ? -10.212 4.886   -4.521  1.00 25.02 ? 35  TYR A CD2 1 
ATOM   248  C CE1 . TYR A 1 38  ? -11.941 6.568   -5.854  1.00 23.83 ? 35  TYR A CE1 1 
ATOM   249  C CE2 . TYR A 1 38  ? -11.532 4.991   -4.107  1.00 28.97 ? 35  TYR A CE2 1 
ATOM   250  C CZ  . TYR A 1 38  ? -12.389 5.836   -4.782  1.00 33.43 ? 35  TYR A CZ  1 
ATOM   251  O OH  . TYR A 1 38  ? -13.701 5.954   -4.381  1.00 43.43 ? 35  TYR A OH  1 
ATOM   252  N N   . LEU A 1 39  ? -5.525  5.687   -4.836  1.00 8.57  ? 36  LEU A N   1 
ATOM   253  C CA  . LEU A 1 39  ? -4.250  4.987   -4.792  1.00 10.17 ? 36  LEU A CA  1 
ATOM   254  C C   . LEU A 1 39  ? -4.500  3.646   -4.138  1.00 9.31  ? 36  LEU A C   1 
ATOM   255  O O   . LEU A 1 39  ? -5.203  3.575   -3.130  1.00 11.39 ? 36  LEU A O   1 
ATOM   256  C CB  . LEU A 1 39  ? -3.203  5.756   -3.979  1.00 10.13 ? 36  LEU A CB  1 
ATOM   257  C CG  . LEU A 1 39  ? -1.997  4.954   -3.476  1.00 12.00 ? 36  LEU A CG  1 
ATOM   258  C CD1 . LEU A 1 39  ? -1.107  4.497   -4.616  1.00 14.19 ? 36  LEU A CD1 1 
ATOM   259  C CD2 . LEU A 1 39  ? -1.198  5.794   -2.491  1.00 13.98 ? 36  LEU A CD2 1 
ATOM   260  N N   . GLN A 1 40  ? -3.918  2.585   -4.683  1.00 9.18  ? 37  GLN A N   1 
ATOM   261  C CA  . GLN A 1 40  ? -4.047  1.283   -4.042  1.00 8.52  ? 37  GLN A CA  1 
ATOM   262  C C   . GLN A 1 40  ? -2.708  0.575   -4.004  1.00 8.81  ? 37  GLN A C   1 
ATOM   263  O O   . GLN A 1 40  ? -1.973  0.551   -4.995  1.00 9.98  ? 37  GLN A O   1 
ATOM   264  C CB  . GLN A 1 40  ? -5.071  0.418   -4.756  1.00 10.58 ? 37  GLN A CB  1 
ATOM   265  C CG  . GLN A 1 40  ? -5.398  -0.886  -4.031  1.00 9.46  ? 37  GLN A CG  1 
ATOM   266  C CD  . GLN A 1 40  ? -6.777  -1.419  -4.416  1.00 11.77 ? 37  GLN A CD  1 
ATOM   267  O OE1 . GLN A 1 40  ? -7.729  -0.658  -4.547  1.00 12.98 ? 37  GLN A OE1 1 
ATOM   268  N NE2 . GLN A 1 40  ? -6.886  -2.727  -4.585  1.00 12.61 ? 37  GLN A NE2 1 
ATOM   269  N N   . VAL A 1 41  ? -2.405  -0.011  -2.851  1.00 8.12  ? 38  VAL A N   1 
ATOM   270  C CA  . VAL A 1 41  ? -1.232  -0.852  -2.660  1.00 8.00  ? 38  VAL A CA  1 
ATOM   271  C C   . VAL A 1 41  ? -1.720  -2.178  -2.108  1.00 9.44  ? 38  VAL A C   1 
ATOM   272  O O   . VAL A 1 41  ? -2.402  -2.203  -1.080  1.00 9.70  ? 38  VAL A O   1 
ATOM   273  C CB  . VAL A 1 41  ? -0.225  -0.210  -1.699  1.00 8.24  ? 38  VAL A CB  1 
ATOM   274  C CG1 . VAL A 1 41  ? 0.990   -1.127  -1.493  1.00 10.79 ? 38  VAL A CG1 1 
ATOM   275  C CG2 . VAL A 1 41  ? 0.189   1.171   -2.208  1.00 12.01 ? 38  VAL A CG2 1 
ATOM   276  N N   . ASP A 1 42  ? -1.410  -3.273  -2.800  1.00 8.31  ? 39  ASP A N   1 
ATOM   277  C CA  . ASP A 1 42  ? -1.829  -4.607  -2.381  1.00 8.34  ? 39  ASP A CA  1 
ATOM   278  C C   . ASP A 1 42  ? -0.609  -5.501  -2.239  1.00 9.26  ? 39  ASP A C   1 
ATOM   279  O O   . ASP A 1 42  ? 0.199   -5.597  -3.165  1.00 9.76  ? 39  ASP A O   1 
ATOM   280  C CB  . ASP A 1 42  ? -2.786  -5.220  -3.400  1.00 9.39  ? 39  ASP A CB  1 
ATOM   281  C CG  . ASP A 1 42  ? -4.074  -4.456  -3.524  1.00 11.47 ? 39  ASP A CG  1 
ATOM   282  O OD1 . ASP A 1 42  ? -4.707  -4.180  -2.481  1.00 11.47 ? 39  ASP A OD1 1 
ATOM   283  O OD2 . ASP A 1 42  ? -4.450  -4.127  -4.668  1.00 13.11 ? 39  ASP A OD2 1 
ATOM   284  N N   . PHE A 1 43  ? -0.486  -6.163  -1.088  1.00 7.68  ? 40  PHE A N   1 
ATOM   285  C CA  . PHE A 1 43  ? 0.524   -7.192  -0.857  1.00 7.86  ? 40  PHE A CA  1 
ATOM   286  C C   . PHE A 1 43  ? -0.132  -8.552  -1.119  1.00 9.25  ? 40  PHE A C   1 
ATOM   287  O O   . PHE A 1 43  ? -0.976  -8.997  -0.333  1.00 10.42 ? 40  PHE A O   1 
ATOM   288  C CB  . PHE A 1 43  ? 1.050   -7.123  0.572   1.00 8.09  ? 40  PHE A CB  1 
ATOM   289  C CG  . PHE A 1 43  ? 1.807   -5.869  0.916   1.00 8.59  ? 40  PHE A CG  1 
ATOM   290  C CD1 . PHE A 1 43  ? 2.123   -4.903  -0.036  1.00 9.94  ? 40  PHE A CD1 1 
ATOM   291  C CD2 . PHE A 1 43  ? 2.229   -5.679  2.235   1.00 10.62 ? 40  PHE A CD2 1 
ATOM   292  C CE1 . PHE A 1 43  ? 2.843   -3.755  0.332   1.00 9.68  ? 40  PHE A CE1 1 
ATOM   293  C CE2 . PHE A 1 43  ? 2.940   -4.551  2.600   1.00 10.84 ? 40  PHE A CE2 1 
ATOM   294  C CZ  . PHE A 1 43  ? 3.237   -3.584  1.645   1.00 10.93 ? 40  PHE A CZ  1 
ATOM   295  N N   . HIS A 1 44  ? 0.256   -9.200  -2.216  1.00 8.27  ? 41  HIS A N   1 
ATOM   296  C CA  . HIS A 1 44  ? -0.370  -10.432 -2.695  1.00 9.29  ? 41  HIS A CA  1 
ATOM   297  C C   . HIS A 1 44  ? 0.399   -11.681 -2.272  1.00 10.19 ? 41  HIS A C   1 
ATOM   298  O O   . HIS A 1 44  ? 1.610   -11.654 -2.069  1.00 10.66 ? 41  HIS A O   1 
ATOM   299  C CB  . HIS A 1 44  ? -0.453  -10.413 -4.220  1.00 10.92 ? 41  HIS A CB  1 
ATOM   300  C CG  . HIS A 1 44  ? -1.584  -9.601  -4.757  1.00 10.14 ? 41  HIS A CG  1 
ATOM   301  N ND1 . HIS A 1 44  ? -2.809  -10.151 -5.068  1.00 10.11 ? 41  HIS A ND1 1 
ATOM   302  C CD2 . HIS A 1 44  ? -1.666  -8.287  -5.075  1.00 10.38 ? 41  HIS A CD2 1 
ATOM   303  C CE1 . HIS A 1 44  ? -3.603  -9.206  -5.545  1.00 10.93 ? 41  HIS A CE1 1 
ATOM   304  N NE2 . HIS A 1 44  ? -2.935  -8.066  -5.561  1.00 11.83 ? 41  HIS A NE2 1 
ATOM   305  N N   . THR A 1 45  ? -0.321  -12.805 -2.204  1.00 9.69  ? 42  THR A N   1 
ATOM   306  C CA  . THR A 1 45  ? 0.304   -14.077 -1.863  1.00 9.05  ? 42  THR A CA  1 
ATOM   307  C C   . THR A 1 45  ? 0.864   -14.811 -3.073  1.00 9.89  ? 42  THR A C   1 
ATOM   308  O O   . THR A 1 45  ? 1.599   -15.789 -2.894  1.00 12.71 ? 42  THR A O   1 
ATOM   309  C CB  . THR A 1 45  ? -0.685  -15.002 -1.158  1.00 10.61 ? 42  THR A CB  1 
ATOM   310  O OG1 . THR A 1 45  ? -1.781  -15.271 -2.041  1.00 12.70 ? 42  THR A OG1 1 
ATOM   311  C CG2 . THR A 1 45  ? -1.176  -14.385 0.145   1.00 11.96 ? 42  THR A CG2 1 
ATOM   312  N N   . GLU A 1 46  ? 0.521   -14.389 -4.290  1.00 10.13 ? 43  GLU A N   1 
ATOM   313  C CA  . GLU A 1 46  ? 1.074   -14.953 -5.515  1.00 11.29 ? 43  GLU A CA  1 
ATOM   314  C C   . GLU A 1 46  ? 1.239   -13.840 -6.536  1.00 13.20 ? 43  GLU A C   1 
ATOM   315  O O   . GLU A 1 46  ? 0.700   -12.744 -6.383  1.00 13.24 ? 43  GLU A O   1 
ATOM   316  C CB  . GLU A 1 46  ? 0.182   -16.067 -6.100  1.00 13.38 ? 43  GLU A CB  1 
ATOM   317  C CG  . GLU A 1 46  ? -0.180  -17.189 -5.127  1.00 15.15 ? 43  GLU A CG  1 
ATOM   318  C CD  . GLU A 1 46  ? 0.985   -18.130 -4.824  1.00 23.79 ? 43  GLU A CD  1 
ATOM   319  O OE1 . GLU A 1 46  ? 1.997   -18.102 -5.558  1.00 25.76 ? 43  GLU A OE1 1 
ATOM   320  O OE2 . GLU A 1 46  ? 0.886   -18.900 -3.844  1.00 28.00 ? 43  GLU A OE2 1 
ATOM   321  N N   . MET A 1 47  ? 1.976   -14.138 -7.607  1.00 13.50 ? 44  MET A N   1 
ATOM   322  C CA  . MET A 1 47  ? 2.140   -13.170 -8.684  1.00 14.17 ? 44  MET A CA  1 
ATOM   323  C C   . MET A 1 47  ? 0.840   -12.880 -9.422  1.00 14.39 ? 44  MET A C   1 
ATOM   324  O O   . MET A 1 47  ? 0.716   -11.807 -10.019 1.00 19.01 ? 44  MET A O   1 
ATOM   325  C CB  . MET A 1 47  ? 3.188   -13.656 -9.686  1.00 15.30 ? 44  MET A CB  1 
ATOM   326  C CG  . MET A 1 47  ? 4.603   -13.663 -9.148  1.00 21.44 ? 44  MET A CG  1 
ATOM   327  S SD  . MET A 1 47  ? 5.204   -12.018 -8.708  1.00 20.82 ? 44  MET A SD  1 
ATOM   328  C CE  . MET A 1 47  ? 5.094   -11.154 -10.272 1.00 25.03 ? 44  MET A CE  1 
ATOM   329  N N   . LYS A 1 48  ? -0.118  -13.804 -9.410  1.00 15.90 ? 45  LYS A N   1 
ATOM   330  C CA  . LYS A 1 48  ? -1.372  -13.589 -10.119 1.00 14.86 ? 45  LYS A CA  1 
ATOM   331  C C   . LYS A 1 48  ? -2.193  -12.512 -9.424  1.00 17.29 ? 45  LYS A C   1 
ATOM   332  O O   . LYS A 1 48  ? -2.299  -12.486 -8.199  1.00 14.05 ? 45  LYS A O   1 
ATOM   333  C CB  . LYS A 1 48  ? -2.177  -14.886 -10.197 1.00 20.65 ? 45  LYS A CB  1 
ATOM   334  C CG  . LYS A 1 48  ? -1.631  -15.909 -11.178 1.00 30.75 ? 45  LYS A CG  1 
ATOM   335  C CD  . LYS A 1 48  ? -2.712  -16.901 -11.584 1.00 41.12 ? 45  LYS A CD  1 
ATOM   336  C CE  . LYS A 1 48  ? -2.672  -18.157 -10.732 1.00 47.96 ? 45  LYS A CE  1 
ATOM   337  N NZ  . LYS A 1 48  ? -1.510  -19.017 -11.090 1.00 54.68 ? 45  LYS A NZ  1 
ATOM   338  N N   . GLU A 1 49  ? -2.792  -11.622 -10.221 1.00 16.64 ? 46  GLU A N   1 
ATOM   339  C CA  . GLU A 1 49  ? -3.538  -10.503 -9.648  1.00 14.97 ? 46  GLU A CA  1 
ATOM   340  C C   . GLU A 1 49  ? -4.783  -10.954 -8.884  1.00 13.24 ? 46  GLU A C   1 
ATOM   341  O O   . GLU A 1 49  ? -5.257  -10.226 -8.001  1.00 13.19 ? 46  GLU A O   1 
ATOM   342  C CB  . GLU A 1 49  ? -3.929  -9.514  -10.755 1.00 20.83 ? 46  GLU A CB  1 
ATOM   343  N N   . GLU A 1 50  ? -5.330  -12.127 -9.200  1.00 13.93 ? 47  GLU A N   1 
ATOM   344  C CA  . GLU A 1 50  ? -6.502  -12.615 -8.483  1.00 15.41 ? 47  GLU A CA  1 
ATOM   345  C C   . GLU A 1 50  ? -6.144  -13.303 -7.178  1.00 14.27 ? 47  GLU A C   1 
ATOM   346  O O   . GLU A 1 50  ? -7.050  -13.776 -6.483  1.00 14.62 ? 47  GLU A O   1 
ATOM   347  C CB  . GLU A 1 50  ? -7.307  -13.579 -9.364  1.00 21.14 ? 47  GLU A CB  1 
ATOM   348  N N   . SER A 1 51  ? -4.859  -13.371 -6.830  1.00 11.65 ? 48  SER A N   1 
ATOM   349  C CA  . SER A 1 51  ? -4.444  -14.073 -5.626  1.00 11.02 ? 48  SER A CA  1 
ATOM   350  C C   . SER A 1 51  ? -4.857  -13.297 -4.377  1.00 11.68 ? 48  SER A C   1 
ATOM   351  O O   . SER A 1 51  ? -5.217  -12.114 -4.424  1.00 11.32 ? 48  SER A O   1 
ATOM   352  C CB  . SER A 1 51  ? -2.936  -14.294 -5.621  1.00 12.42 ? 48  SER A CB  1 
ATOM   353  O OG  . SER A 1 51  ? -2.253  -13.058 -5.501  1.00 13.93 ? 48  SER A OG  1 
ATOM   354  N N   . ASP A 1 52  ? -4.777  -13.985 -3.246  1.00 10.17 ? 49  ASP A N   1 
ATOM   355  C CA  . ASP A 1 52  ? -5.130  -13.401 -1.963  1.00 10.17 ? 49  ASP A CA  1 
ATOM   356  C C   . ASP A 1 52  ? -4.250  -12.200 -1.643  1.00 10.80 ? 49  ASP A C   1 
ATOM   357  O O   . ASP A 1 52  ? -3.135  -12.043 -2.155  1.00 9.44  ? 49  ASP A O   1 
ATOM   358  C CB  . ASP A 1 52  ? -5.012  -14.440 -0.849  1.00 10.36 ? 49  ASP A CB  1 
ATOM   359  C CG  . ASP A 1 52  ? -6.119  -15.466 -0.903  1.00 13.61 ? 49  ASP A CG  1 
ATOM   360  O OD1 . ASP A 1 52  ? -7.064  -15.272 -1.702  1.00 13.44 ? 49  ASP A OD1 1 
ATOM   361  O OD2 . ASP A 1 52  ? -6.052  -16.457 -0.152  1.00 15.62 ? 49  ASP A OD2 1 
ATOM   362  N N   . ILE A 1 53  ? -4.790  -11.332 -0.797  1.00 9.26  ? 50  ILE A N   1 
ATOM   363  C CA  . ILE A 1 53  ? -4.153  -10.075 -0.440  1.00 8.53  ? 50  ILE A CA  1 
ATOM   364  C C   . ILE A 1 53  ? -4.002  -10.056 1.071   1.00 10.22 ? 50  ILE A C   1 
ATOM   365  O O   . ILE A 1 53  ? -4.999  -10.023 1.801   1.00 10.85 ? 50  ILE A O   1 
ATOM   366  C CB  . ILE A 1 53  ? -4.957  -8.867  -0.936  1.00 8.44  ? 50  ILE A CB  1 
ATOM   367  C CG1 . ILE A 1 53  ? -5.014  -8.879  -2.470  1.00 10.19 ? 50  ILE A CG1 1 
ATOM   368  C CG2 . ILE A 1 53  ? -4.296  -7.588  -0.439  1.00 10.12 ? 50  ILE A CG2 1 
ATOM   369  C CD1 . ILE A 1 53  ? -6.018  -7.893  -3.064  1.00 10.24 ? 50  ILE A CD1 1 
ATOM   370  N N   . VAL A 1 54  ? -2.751  -10.078 1.541   1.00 10.28 ? 51  VAL A N   1 
ATOM   371  C CA  . VAL A 1 54  ? -2.470  -10.027 2.969   1.00 11.58 ? 51  VAL A CA  1 
ATOM   372  C C   . VAL A 1 54  ? -2.704  -8.629  3.529   1.00 9.55  ? 51  VAL A C   1 
ATOM   373  O O   . VAL A 1 54  ? -3.079  -8.470  4.703   1.00 11.99 ? 51  VAL A O   1 
ATOM   374  C CB  . VAL A 1 54  ? -1.017  -10.497 3.191   1.00 13.62 ? 51  VAL A CB  1 
ATOM   375  C CG1 . VAL A 1 54  ? -0.588  -10.303 4.590   1.00 26.20 ? 51  VAL A CG1 1 
ATOM   376  C CG2 . VAL A 1 54  ? -0.853  -11.945 2.770   1.00 13.28 ? 51  VAL A CG2 1 
ATOM   377  N N   . PHE A 1 55  ? -2.498  -7.597  2.708   1.00 9.77  ? 52  PHE A N   1 
ATOM   378  C CA  . PHE A 1 55  ? -2.659  -6.212  3.128   1.00 8.29  ? 52  PHE A CA  1 
ATOM   379  C C   . PHE A 1 55  ? -3.102  -5.418  1.911   1.00 9.51  ? 52  PHE A C   1 
ATOM   380  O O   . PHE A 1 55  ? -2.364  -5.341  0.926   1.00 9.29  ? 52  PHE A O   1 
ATOM   381  C CB  . PHE A 1 55  ? -1.354  -5.645  3.701   1.00 10.67 ? 52  PHE A CB  1 
ATOM   382  C CG  . PHE A 1 55  ? -1.452  -4.207  4.123   1.00 12.00 ? 52  PHE A CG  1 
ATOM   383  C CD1 . PHE A 1 55  ? -2.514  -3.769  4.895   1.00 13.83 ? 52  PHE A CD1 1 
ATOM   384  C CD2 . PHE A 1 55  ? -0.478  -3.296  3.754   1.00 13.56 ? 52  PHE A CD2 1 
ATOM   385  C CE1 . PHE A 1 55  ? -2.604  -2.434  5.292   1.00 13.00 ? 52  PHE A CE1 1 
ATOM   386  C CE2 . PHE A 1 55  ? -0.569  -1.954  4.145   1.00 14.86 ? 52  PHE A CE2 1 
ATOM   387  C CZ  . PHE A 1 55  ? -1.624  -1.534  4.920   1.00 12.85 ? 52  PHE A CZ  1 
ATOM   388  N N   . HIS A 1 56  ? -4.306  -4.858  1.984   1.00 8.40  ? 53  HIS A N   1 
ATOM   389  C CA  . HIS A 1 56  ? -4.922  -4.028  0.960   1.00 10.44 ? 53  HIS A CA  1 
ATOM   390  C C   . HIS A 1 56  ? -5.033  -2.633  1.544   1.00 10.15 ? 53  HIS A C   1 
ATOM   391  O O   . HIS A 1 56  ? -5.570  -2.471  2.639   1.00 10.66 ? 53  HIS A O   1 
ATOM   392  C CB  . HIS A 1 56  ? -6.294  -4.609  0.592   1.00 10.47 ? 53  HIS A CB  1 
ATOM   393  C CG  . HIS A 1 56  ? -7.247  -3.661  -0.070  1.00 9.79  ? 53  HIS A CG  1 
ATOM   394  N ND1 . HIS A 1 56  ? -7.160  -3.328  -1.407  1.00 10.95 ? 53  HIS A ND1 1 
ATOM   395  C CD2 . HIS A 1 56  ? -8.373  -3.069  0.395   1.00 11.34 ? 53  HIS A CD2 1 
ATOM   396  C CE1 . HIS A 1 56  ? -8.173  -2.534  -1.725  1.00 13.12 ? 53  HIS A CE1 1 
ATOM   397  N NE2 . HIS A 1 56  ? -8.922  -2.358  -0.648  1.00 13.27 ? 53  HIS A NE2 1 
ATOM   398  N N   . PHE A 1 57  ? -4.487  -1.647  0.837   1.00 9.40  ? 54  PHE A N   1 
ATOM   399  C CA  . PHE A 1 57  ? -4.423  -0.264  1.303   1.00 9.21  ? 54  PHE A CA  1 
ATOM   400  C C   . PHE A 1 57  ? -4.956  0.594   0.167   1.00 9.94  ? 54  PHE A C   1 
ATOM   401  O O   . PHE A 1 57  ? -4.325  0.675   -0.888  1.00 10.16 ? 54  PHE A O   1 
ATOM   402  C CB  . PHE A 1 57  ? -2.984  0.105   1.666   1.00 10.65 ? 54  PHE A CB  1 
ATOM   403  C CG  . PHE A 1 57  ? -2.784  1.528   2.085   1.00 9.44  ? 54  PHE A CG  1 
ATOM   404  C CD1 . PHE A 1 57  ? -3.079  1.925   3.384   1.00 12.25 ? 54  PHE A CD1 1 
ATOM   405  C CD2 . PHE A 1 57  ? -2.248  2.463   1.206   1.00 11.72 ? 54  PHE A CD2 1 
ATOM   406  C CE1 . PHE A 1 57  ? -2.871  3.233   3.790   1.00 12.87 ? 54  PHE A CE1 1 
ATOM   407  C CE2 . PHE A 1 57  ? -2.033  3.774   1.613   1.00 11.29 ? 54  PHE A CE2 1 
ATOM   408  C CZ  . PHE A 1 57  ? -2.353  4.154   2.912   1.00 13.04 ? 54  PHE A CZ  1 
ATOM   409  N N   . GLN A 1 58  ? -6.121  1.210   0.349   1.00 9.02  ? 55  GLN A N   1 
ATOM   410  C CA  A GLN A 1 58  ? -6.775  1.954   -0.721  0.58 9.63  ? 55  GLN A CA  1 
ATOM   411  C CA  B GLN A 1 58  ? -6.765  1.959   -0.722  0.42 9.65  ? 55  GLN A CA  1 
ATOM   412  C C   . GLN A 1 58  ? -7.104  3.353   -0.227  1.00 11.78 ? 55  GLN A C   1 
ATOM   413  O O   . GLN A 1 58  ? -7.913  3.512   0.694   1.00 12.50 ? 55  GLN A O   1 
ATOM   414  C CB  A GLN A 1 58  ? -8.042  1.240   -1.193  0.58 11.51 ? 55  GLN A CB  1 
ATOM   415  C CB  B GLN A 1 58  ? -8.025  1.258   -1.222  0.42 11.53 ? 55  GLN A CB  1 
ATOM   416  C CG  A GLN A 1 58  ? -8.722  1.941   -2.368  0.58 13.50 ? 55  GLN A CG  1 
ATOM   417  C CG  B GLN A 1 58  ? -8.580  1.898   -2.491  0.42 13.45 ? 55  GLN A CG  1 
ATOM   418  C CD  A GLN A 1 58  ? -9.817  1.104   -3.011  0.58 16.64 ? 55  GLN A CD  1 
ATOM   419  C CD  B GLN A 1 58  ? -10.048 1.601   -2.705  0.42 18.92 ? 55  GLN A CD  1 
ATOM   420  O OE1 A GLN A 1 58  ? -10.082 -0.022  -2.600  0.58 18.24 ? 55  GLN A OE1 1 
ATOM   421  O OE1 B GLN A 1 58  ? -10.879 1.858   -1.835  0.42 22.22 ? 55  GLN A OE1 1 
ATOM   422  N NE2 A GLN A 1 58  ? -10.463 1.664   -4.029  0.58 22.11 ? 55  GLN A NE2 1 
ATOM   423  N NE2 B GLN A 1 58  ? -10.378 1.059   -3.873  0.42 21.99 ? 55  GLN A NE2 1 
ATOM   424  N N   . VAL A 1 59  ? -6.493  4.357   -0.848  1.00 10.24 ? 56  VAL A N   1 
ATOM   425  C CA  . VAL A 1 59  ? -6.719  5.754   -0.515  1.00 11.37 ? 56  VAL A CA  1 
ATOM   426  C C   . VAL A 1 59  ? -7.674  6.347   -1.534  1.00 11.66 ? 56  VAL A C   1 
ATOM   427  O O   . VAL A 1 59  ? -7.451  6.225   -2.744  1.00 13.42 ? 56  VAL A O   1 
ATOM   428  C CB  . VAL A 1 59  ? -5.399  6.539   -0.519  1.00 13.12 ? 56  VAL A CB  1 
ATOM   429  C CG1 . VAL A 1 59  ? -5.650  7.993   -0.166  1.00 12.95 ? 56  VAL A CG1 1 
ATOM   430  C CG2 . VAL A 1 59  ? -4.386  5.914   0.429   1.00 15.22 ? 56  VAL A CG2 1 
ATOM   431  N N   . CYS A 1 60  ? -8.724  7.007   -1.056  1.00 12.11 ? 57  CYS A N   1 
ATOM   432  C CA  . CYS A 1 60  ? -9.484  7.944   -1.881  1.00 13.16 ? 57  CYS A CA  1 
ATOM   433  C C   . CYS A 1 60  ? -9.000  9.324   -1.457  1.00 13.19 ? 57  CYS A C   1 
ATOM   434  O O   . CYS A 1 60  ? -9.351  9.802   -0.376  1.00 13.38 ? 57  CYS A O   1 
ATOM   435  C CB  . CYS A 1 60  ? -10.982 7.768   -1.685  1.00 13.19 ? 57  CYS A CB  1 
ATOM   436  S SG  . CYS A 1 60  ? -11.927 8.941   -2.682  1.00 22.15 ? 57  CYS A SG  1 
ATOM   437  N N   . PHE A 1 61  ? -8.148  9.934   -2.281  1.00 12.53 ? 58  PHE A N   1 
ATOM   438  C CA  . PHE A 1 61  ? -7.439  11.134  -1.853  1.00 12.26 ? 58  PHE A CA  1 
ATOM   439  C C   . PHE A 1 61  ? -8.432  12.221  -1.473  1.00 12.39 ? 58  PHE A C   1 
ATOM   440  O O   . PHE A 1 61  ? -9.357  12.530  -2.231  1.00 14.02 ? 58  PHE A O   1 
ATOM   441  C CB  . PHE A 1 61  ? -6.506  11.646  -2.954  1.00 11.70 ? 58  PHE A CB  1 
ATOM   442  C CG  . PHE A 1 61  ? -5.248  10.830  -3.136  1.00 10.89 ? 58  PHE A CG  1 
ATOM   443  C CD1 . PHE A 1 61  ? -4.188  10.945  -2.252  1.00 14.46 ? 58  PHE A CD1 1 
ATOM   444  C CD2 . PHE A 1 61  ? -5.113  9.975   -4.216  1.00 11.76 ? 58  PHE A CD2 1 
ATOM   445  C CE1 . PHE A 1 61  ? -3.026  10.202  -2.431  1.00 12.34 ? 58  PHE A CE1 1 
ATOM   446  C CE2 . PHE A 1 61  ? -3.959  9.231   -4.404  1.00 11.72 ? 58  PHE A CE2 1 
ATOM   447  C CZ  . PHE A 1 61  ? -2.900  9.350   -3.512  1.00 12.54 ? 58  PHE A CZ  1 
ATOM   448  N N   . GLY A 1 62  ? -8.228  12.790  -0.286  1.00 12.06 ? 59  GLY A N   1 
ATOM   449  C CA  . GLY A 1 62  ? -9.086  13.827  0.240   1.00 15.26 ? 59  GLY A CA  1 
ATOM   450  C C   . GLY A 1 62  ? -10.292 13.336  1.012   1.00 19.69 ? 59  GLY A C   1 
ATOM   451  O O   . GLY A 1 62  ? -10.997 14.161  1.609   1.00 21.50 ? 59  GLY A O   1 
ATOM   452  N N   . ARG A 1 63  ? -10.558 12.025  1.027   1.00 14.79 ? 60  ARG A N   1 
ATOM   453  C CA  . ARG A 1 63  ? -11.779 11.498  1.635   1.00 17.19 ? 60  ARG A CA  1 
ATOM   454  C C   . ARG A 1 63  ? -11.480 10.460  2.706   1.00 18.40 ? 60  ARG A C   1 
ATOM   455  O O   . ARG A 1 63  ? -11.733 10.716  3.886   1.00 20.64 ? 60  ARG A O   1 
ATOM   456  C CB  . ARG A 1 63  ? -12.701 10.924  0.560   1.00 18.40 ? 60  ARG A CB  1 
ATOM   457  N N   . ARG A 1 64  ? -10.978 9.283   2.345   1.00 16.04 ? 61  ARG A N   1 
ATOM   458  C CA  . ARG A 1 64  ? -10.862 8.212   3.321   1.00 14.32 ? 61  ARG A CA  1 
ATOM   459  C C   . ARG A 1 64  ? -9.839  7.200   2.834   1.00 14.50 ? 61  ARG A C   1 
ATOM   460  O O   . ARG A 1 64  ? -9.440  7.191   1.668   1.00 14.13 ? 61  ARG A O   1 
ATOM   461  C CB  . ARG A 1 64  ? -12.204 7.517   3.551   1.00 16.81 ? 61  ARG A CB  1 
ATOM   462  C CG  . ARG A 1 64  ? -12.665 6.728   2.344   1.00 22.10 ? 61  ARG A CG  1 
ATOM   463  C CD  . ARG A 1 64  ? -13.940 5.940   2.617   1.00 27.82 ? 61  ARG A CD  1 
ATOM   464  N NE  . ARG A 1 64  ? -14.226 4.994   1.539   1.00 37.08 ? 61  ARG A NE  1 
ATOM   465  C CZ  . ARG A 1 64  ? -15.055 3.960   1.649   1.00 41.38 ? 61  ARG A CZ  1 
ATOM   466  N NH1 . ARG A 1 64  ? -15.682 3.726   2.794   1.00 38.59 ? 61  ARG A NH1 1 
ATOM   467  N NH2 . ARG A 1 64  ? -15.250 3.150   0.617   1.00 42.61 ? 61  ARG A NH2 1 
ATOM   468  N N   . VAL A 1 65  ? -9.457  6.324   3.750   1.00 11.88 ? 62  VAL A N   1 
ATOM   469  C CA  . VAL A 1 65  ? -8.578  5.204   3.472   1.00 12.13 ? 62  VAL A CA  1 
ATOM   470  C C   . VAL A 1 65  ? -9.259  3.951   3.988   1.00 13.45 ? 62  VAL A C   1 
ATOM   471  O O   . VAL A 1 65  ? -9.827  3.944   5.086   1.00 13.52 ? 62  VAL A O   1 
ATOM   472  C CB  . VAL A 1 65  ? -7.205  5.399   4.144   1.00 13.07 ? 62  VAL A CB  1 
ATOM   473  C CG1 . VAL A 1 65  ? -6.346  4.144   4.012   1.00 16.07 ? 62  VAL A CG1 1 
ATOM   474  C CG2 . VAL A 1 65  ? -6.502  6.625   3.549   1.00 15.90 ? 62  VAL A CG2 1 
ATOM   475  N N   . VAL A 1 66  ? -9.223  2.891   3.191   1.00 11.02 ? 63  VAL A N   1 
ATOM   476  C CA  A VAL A 1 66  ? -9.761  1.596   3.578   0.51 12.61 ? 63  VAL A CA  1 
ATOM   477  C CA  B VAL A 1 66  ? -9.753  1.603   3.608   0.49 12.62 ? 63  VAL A CA  1 
ATOM   478  C C   . VAL A 1 66  ? -8.634  0.575   3.543   1.00 11.78 ? 63  VAL A C   1 
ATOM   479  O O   . VAL A 1 66  ? -7.826  0.565   2.605   1.00 13.20 ? 63  VAL A O   1 
ATOM   480  C CB  A VAL A 1 66  ? -10.914 1.172   2.649   0.51 15.64 ? 63  VAL A CB  1 
ATOM   481  C CB  B VAL A 1 66  ? -10.963 1.165   2.759   0.49 15.61 ? 63  VAL A CB  1 
ATOM   482  C CG1 A VAL A 1 66  ? -11.241 -0.293  2.839   0.51 18.45 ? 63  VAL A CG1 1 
ATOM   483  C CG1 B VAL A 1 66  ? -12.104 2.155   2.932   0.49 19.51 ? 63  VAL A CG1 1 
ATOM   484  C CG2 A VAL A 1 66  ? -12.134 2.044   2.901   0.51 19.58 ? 63  VAL A CG2 1 
ATOM   485  C CG2 B VAL A 1 66  ? -10.585 1.042   1.296   0.49 15.37 ? 63  VAL A CG2 1 
ATOM   486  N N   . MET A 1 67  ? -8.579  -0.278  4.565   1.00 11.31 ? 64  MET A N   1 
ATOM   487  C CA  . MET A 1 67  ? -7.619  -1.364  4.635   1.00 10.47 ? 64  MET A CA  1 
ATOM   488  C C   . MET A 1 67  ? -8.366  -2.666  4.882   1.00 10.98 ? 64  MET A C   1 
ATOM   489  O O   . MET A 1 67  ? -9.413  -2.681  5.530   1.00 13.79 ? 64  MET A O   1 
ATOM   490  C CB  . MET A 1 67  ? -6.589  -1.117  5.729   1.00 11.55 ? 64  MET A CB  1 
ATOM   491  C CG  . MET A 1 67  ? -5.600  -0.031  5.363   1.00 14.02 ? 64  MET A CG  1 
ATOM   492  S SD  . MET A 1 67  ? -4.637  0.538   6.761   1.00 15.29 ? 64  MET A SD  1 
ATOM   493  C CE  . MET A 1 67  ? -5.881  1.473   7.646   1.00 20.67 ? 64  MET A CE  1 
ATOM   494  N N   . ASN A 1 68  ? -7.838  -3.755  4.336   1.00 9.48  ? 65  ASN A N   1 
ATOM   495  C CA  . ASN A 1 68  ? -8.510  -5.044  4.460   1.00 10.78 ? 65  ASN A CA  1 
ATOM   496  C C   . ASN A 1 68  ? -7.537  -6.128  4.026   1.00 11.16 ? 65  ASN A C   1 
ATOM   497  O O   . ASN A 1 68  ? -6.397  -5.855  3.641   1.00 10.08 ? 65  ASN A O   1 
ATOM   498  C CB  . ASN A 1 68  ? -9.790  -5.087  3.612   1.00 10.06 ? 65  ASN A CB  1 
ATOM   499  C CG  . ASN A 1 68  ? -10.841 -6.033  4.169   1.00 12.11 ? 65  ASN A CG  1 
ATOM   500  O OD1 . ASN A 1 68  ? -10.557 -6.885  4.999   1.00 12.56 ? 65  ASN A OD1 1 
ATOM   501  N ND2 . ASN A 1 68  ? -12.074 -5.880  3.697   1.00 15.38 ? 65  ASN A ND2 1 
ATOM   502  N N   . SER A 1 69  ? -8.011  -7.365  4.088   1.00 10.05 ? 66  SER A N   1 
ATOM   503  C CA  . SER A 1 69  ? -7.327  -8.508  3.510   1.00 8.87  ? 66  SER A CA  1 
ATOM   504  C C   . SER A 1 69  ? -8.337  -9.255  2.658   1.00 11.35 ? 66  SER A C   1 
ATOM   505  O O   . SER A 1 69  ? -9.548  -9.122  2.844   1.00 13.19 ? 66  SER A O   1 
ATOM   506  C CB  . SER A 1 69  ? -6.746  -9.430  4.594   1.00 10.91 ? 66  SER A CB  1 
ATOM   507  O OG  . SER A 1 69  ? -7.776  -9.835  5.498   1.00 12.29 ? 66  SER A OG  1 
ATOM   508  N N   . ARG A 1 70  ? -7.835  -10.013 1.692   1.00 9.70  ? 67  ARG A N   1 
ATOM   509  C CA  . ARG A 1 70  ? -8.673  -10.886 0.881   1.00 10.17 ? 67  ARG A CA  1 
ATOM   510  C C   . ARG A 1 70  ? -8.110  -12.286 1.050   1.00 11.47 ? 67  ARG A C   1 
ATOM   511  O O   . ARG A 1 70  ? -6.975  -12.552 0.650   1.00 10.70 ? 67  ARG A O   1 
ATOM   512  C CB  . ARG A 1 70  ? -8.680  -10.466 -0.583  1.00 9.51  ? 67  ARG A CB  1 
ATOM   513  C CG  . ARG A 1 70  ? -9.655  -11.287 -1.427  1.00 11.41 ? 67  ARG A CG  1 
ATOM   514  C CD  . ARG A 1 70  ? -9.854  -10.676 -2.809  1.00 13.02 ? 67  ARG A CD  1 
ATOM   515  N NE  . ARG A 1 70  ? -8.693  -10.904 -3.670  1.00 11.85 ? 67  ARG A NE  1 
ATOM   516  C CZ  . ARG A 1 70  ? -8.367  -10.129 -4.695  1.00 11.71 ? 67  ARG A CZ  1 
ATOM   517  N NH1 . ARG A 1 70  ? -9.097  -9.047  -4.966  1.00 13.16 ? 67  ARG A NH1 1 
ATOM   518  N NH2 . ARG A 1 70  ? -7.302  -10.410 -5.437  1.00 10.92 ? 67  ARG A NH2 1 
ATOM   519  N N   . GLU A 1 71  ? -8.893  -13.168 1.661   1.00 11.48 ? 68  GLU A N   1 
ATOM   520  C CA  . GLU A 1 71  ? -8.409  -14.474 2.087   1.00 11.76 ? 68  GLU A CA  1 
ATOM   521  C C   . GLU A 1 71  ? -9.294  -15.528 1.438   1.00 14.92 ? 68  GLU A C   1 
ATOM   522  O O   . GLU A 1 71  ? -10.522 -15.470 1.558   1.00 14.47 ? 68  GLU A O   1 
ATOM   523  C CB  . GLU A 1 71  ? -8.419  -14.574 3.611   1.00 14.01 ? 68  GLU A CB  1 
ATOM   524  C CG  . GLU A 1 71  ? -7.648  -13.417 4.254   1.00 14.90 ? 68  GLU A CG  1 
ATOM   525  C CD  . GLU A 1 71  ? -7.605  -13.466 5.767   1.00 21.51 ? 68  GLU A CD  1 
ATOM   526  O OE1 . GLU A 1 71  ? -7.708  -14.580 6.335   1.00 23.06 ? 68  GLU A OE1 1 
ATOM   527  O OE2 . GLU A 1 71  ? -7.467  -12.383 6.385   1.00 16.76 ? 68  GLU A OE2 1 
ATOM   528  N N   . TYR A 1 72  ? -8.667  -16.461 0.728   1.00 14.87 ? 69  TYR A N   1 
ATOM   529  C CA  . TYR A 1 72  ? -9.373  -17.479 -0.049  1.00 14.69 ? 69  TYR A CA  1 
ATOM   530  C C   . TYR A 1 72  ? -10.510 -16.862 -0.853  1.00 17.96 ? 69  TYR A C   1 
ATOM   531  O O   . TYR A 1 72  ? -11.644 -17.346 -0.870  1.00 16.26 ? 69  TYR A O   1 
ATOM   532  C CB  . TYR A 1 72  ? -9.833  -18.627 0.853   1.00 12.65 ? 69  TYR A CB  1 
ATOM   533  C CG  . TYR A 1 72  ? -8.632  -19.487 1.147   1.00 20.74 ? 69  TYR A CG  1 
ATOM   534  C CD1 . TYR A 1 72  ? -8.188  -20.418 0.210   1.00 22.17 ? 69  TYR A CD1 1 
ATOM   535  C CD2 . TYR A 1 72  ? -7.881  -19.296 2.287   1.00 24.61 ? 69  TYR A CD2 1 
ATOM   536  C CE1 . TYR A 1 72  ? -7.063  -21.178 0.434   1.00 21.08 ? 69  TYR A CE1 1 
ATOM   537  C CE2 . TYR A 1 72  ? -6.741  -20.067 2.535   1.00 19.58 ? 69  TYR A CE2 1 
ATOM   538  C CZ  . TYR A 1 72  ? -6.338  -20.994 1.598   1.00 22.67 ? 69  TYR A CZ  1 
ATOM   539  O OH  . TYR A 1 72  ? -5.212  -21.755 1.809   1.00 22.79 ? 69  TYR A OH  1 
ATOM   540  N N   . GLY A 1 73  ? -10.177 -15.756 -1.514  1.00 12.62 ? 70  GLY A N   1 
ATOM   541  C CA  . GLY A 1 73  ? -11.040 -15.085 -2.460  1.00 13.10 ? 70  GLY A CA  1 
ATOM   542  C C   . GLY A 1 73  ? -12.037 -14.120 -1.870  1.00 16.74 ? 70  GLY A C   1 
ATOM   543  O O   . GLY A 1 73  ? -12.740 -13.448 -2.635  1.00 18.87 ? 70  GLY A O   1 
ATOM   544  N N   . ALA A 1 74  ? -12.115 -14.011 -0.550  1.00 15.90 ? 71  ALA A N   1 
ATOM   545  C CA  . ALA A 1 74  ? -13.165 -13.245 0.106   1.00 15.63 ? 71  ALA A CA  1 
ATOM   546  C C   . ALA A 1 74  ? -12.565 -12.103 0.912   1.00 13.90 ? 71  ALA A C   1 
ATOM   547  O O   . ALA A 1 74  ? -11.603 -12.302 1.667   1.00 15.39 ? 71  ALA A O   1 
ATOM   548  C CB  . ALA A 1 74  ? -13.996 -14.151 1.016   1.00 17.72 ? 71  ALA A CB  1 
ATOM   549  N N   . TRP A 1 75  ? -13.130 -10.909 0.754   1.00 14.87 ? 72  TRP A N   1 
ATOM   550  C CA  . TRP A 1 75  ? -12.729 -9.785  1.585   1.00 12.48 ? 72  TRP A CA  1 
ATOM   551  C C   . TRP A 1 75  ? -13.139 -10.011 3.034   1.00 16.28 ? 72  TRP A C   1 
ATOM   552  O O   . TRP A 1 75  ? -14.218 -10.542 3.323   1.00 16.96 ? 72  TRP A O   1 
ATOM   553  C CB  . TRP A 1 75  ? -13.355 -8.498  1.066   1.00 13.22 ? 72  TRP A CB  1 
ATOM   554  C CG  . TRP A 1 75  ? -12.900 -8.106  -0.294  1.00 14.99 ? 72  TRP A CG  1 
ATOM   555  C CD1 . TRP A 1 75  ? -13.609 -8.210  -1.454  1.00 21.34 ? 72  TRP A CD1 1 
ATOM   556  C CD2 . TRP A 1 75  ? -11.640 -7.518  -0.646  1.00 16.17 ? 72  TRP A CD2 1 
ATOM   557  N NE1 . TRP A 1 75  ? -12.868 -7.733  -2.509  1.00 21.32 ? 72  TRP A NE1 1 
ATOM   558  C CE2 . TRP A 1 75  ? -11.658 -7.298  -2.039  1.00 18.67 ? 72  TRP A CE2 1 
ATOM   559  C CE3 . TRP A 1 75  ? -10.499 -7.165  0.081   1.00 16.09 ? 72  TRP A CE3 1 
ATOM   560  C CZ2 . TRP A 1 75  ? -10.578 -6.734  -2.723  1.00 20.48 ? 72  TRP A CZ2 1 
ATOM   561  C CZ3 . TRP A 1 75  ? -9.422  -6.599  -0.605  1.00 18.66 ? 72  TRP A CZ3 1 
ATOM   562  C CH2 . TRP A 1 75  ? -9.473  -6.396  -1.985  1.00 18.13 ? 72  TRP A CH2 1 
ATOM   563  N N   . LYS A 1 76  ? -12.264 -9.611  3.954   1.00 14.39 ? 73  LYS A N   1 
ATOM   564  C CA  . LYS A 1 76  ? -12.551 -9.775  5.372   1.00 13.41 ? 73  LYS A CA  1 
ATOM   565  C C   . LYS A 1 76  ? -13.043 -8.457  5.968   1.00 14.69 ? 73  LYS A C   1 
ATOM   566  O O   . LYS A 1 76  ? -13.721 -7.685  5.281   1.00 15.11 ? 73  LYS A O   1 
ATOM   567  C CB  . LYS A 1 76  ? -11.315 -10.316 6.089   1.00 17.49 ? 73  LYS A CB  1 
ATOM   568  C CG  . LYS A 1 76  ? -10.797 -11.615 5.479   1.00 20.24 ? 73  LYS A CG  1 
ATOM   569  C CD  . LYS A 1 76  ? -11.861 -12.703 5.463   1.00 26.72 ? 73  LYS A CD  1 
ATOM   570  C CE  . LYS A 1 76  ? -11.974 -13.360 6.820   1.00 35.18 ? 73  LYS A CE  1 
ATOM   571  N NZ  . LYS A 1 76  ? -13.044 -14.395 6.858   1.00 44.92 ? 73  LYS A NZ  1 
ATOM   572  N N   . GLN A 1 77  ? -12.727 -8.188  7.234   1.00 17.78 ? 74  GLN A N   1 
ATOM   573  C CA  . GLN A 1 77  ? -13.275 -7.028  7.930   1.00 19.93 ? 74  GLN A CA  1 
ATOM   574  C C   . GLN A 1 77  ? -12.554 -5.761  7.489   1.00 16.51 ? 74  GLN A C   1 
ATOM   575  O O   . GLN A 1 77  ? -11.348 -5.621  7.700   1.00 15.44 ? 74  GLN A O   1 
ATOM   576  C CB  . GLN A 1 77  ? -13.152 -7.209  9.442   1.00 23.69 ? 74  GLN A CB  1 
ATOM   577  C CG  . GLN A 1 77  ? -13.654 -6.024  10.246  1.00 28.83 ? 74  GLN A CG  1 
ATOM   578  C CD  . GLN A 1 77  ? -15.109 -5.711  9.957   1.00 37.20 ? 74  GLN A CD  1 
ATOM   579  O OE1 . GLN A 1 77  ? -15.445 -4.612  9.509   1.00 42.81 ? 74  GLN A OE1 1 
ATOM   580  N NE2 . GLN A 1 77  ? -15.983 -6.682  10.202  1.00 42.97 ? 74  GLN A NE2 1 
ATOM   581  N N   . GLN A 1 78  ? -13.295 -4.830  6.899   1.00 16.34 ? 75  GLN A N   1 
ATOM   582  C CA  . GLN A 1 78  ? -12.713 -3.572  6.463   1.00 17.52 ? 75  GLN A CA  1 
ATOM   583  C C   . GLN A 1 78  ? -12.381 -2.678  7.654   1.00 17.93 ? 75  GLN A C   1 
ATOM   584  O O   . GLN A 1 78  ? -13.114 -2.639  8.648   1.00 20.23 ? 75  GLN A O   1 
ATOM   585  C CB  . GLN A 1 78  ? -13.695 -2.889  5.510   1.00 23.61 ? 75  GLN A CB  1 
ATOM   586  C CG  . GLN A 1 78  ? -13.494 -1.431  5.257   1.00 28.29 ? 75  GLN A CG  1 
ATOM   587  C CD  . GLN A 1 78  ? -14.339 -0.959  4.087   1.00 30.41 ? 75  GLN A CD  1 
ATOM   588  O OE1 . GLN A 1 78  ? -14.209 -1.465  2.968   1.00 30.98 ? 75  GLN A OE1 1 
ATOM   589  N NE2 . GLN A 1 78  ? -15.222 -0.001  4.341   1.00 32.03 ? 75  GLN A NE2 1 
ATOM   590  N N   . VAL A 1 79  ? -11.240 -1.993  7.569   1.00 15.81 ? 76  VAL A N   1 
ATOM   591  C CA  . VAL A 1 79  ? -10.857 -0.925  8.491   1.00 14.89 ? 76  VAL A CA  1 
ATOM   592  C C   . VAL A 1 79  ? -10.917 0.383   7.712   1.00 17.00 ? 76  VAL A C   1 
ATOM   593  O O   . VAL A 1 79  ? -10.298 0.496   6.649   1.00 18.68 ? 76  VAL A O   1 
ATOM   594  C CB  . VAL A 1 79  ? -9.447  -1.156  9.064   1.00 16.52 ? 76  VAL A CB  1 
ATOM   595  C CG1 . VAL A 1 79  ? -9.006  0.033   9.915   1.00 21.88 ? 76  VAL A CG1 1 
ATOM   596  C CG2 . VAL A 1 79  ? -9.408  -2.451  9.875   1.00 19.15 ? 76  VAL A CG2 1 
ATOM   597  N N   . GLU A 1 80  ? -11.666 1.363   8.220   1.00 14.51 ? 77  GLU A N   1 
ATOM   598  C CA  . GLU A 1 80  ? -11.847 2.637   7.529   1.00 12.84 ? 77  GLU A CA  1 
ATOM   599  C C   . GLU A 1 80  ? -11.251 3.763   8.361   1.00 15.74 ? 77  GLU A C   1 
ATOM   600  O O   . GLU A 1 80  ? -11.529 3.871   9.559   1.00 18.51 ? 77  GLU A O   1 
ATOM   601  C CB  . GLU A 1 80  ? -13.328 2.917   7.255   1.00 18.06 ? 77  GLU A CB  1 
ATOM   602  N N   . SER A 1 81  ? -10.430 4.595   7.728   1.00 12.74 ? 78  SER A N   1 
ATOM   603  C CA  . SER A 1 81  ? -9.834  5.748   8.386   1.00 12.11 ? 78  SER A CA  1 
ATOM   604  C C   . SER A 1 81  ? -10.181 7.023   7.634   1.00 13.24 ? 78  SER A C   1 
ATOM   605  O O   . SER A 1 81  ? -10.206 7.043   6.401   1.00 13.83 ? 78  SER A O   1 
ATOM   606  C CB  . SER A 1 81  ? -8.315  5.608   8.463   1.00 13.55 ? 78  SER A CB  1 
ATOM   607  O OG  . SER A 1 81  ? -7.714  6.806   8.926   1.00 13.70 ? 78  SER A OG  1 
ATOM   608  N N   . LYS A 1 82  ? -10.438 8.097   8.372   1.00 13.17 ? 79  LYS A N   1 
ATOM   609  C CA  . LYS A 1 82  ? -10.564 9.409   7.759   1.00 14.52 ? 79  LYS A CA  1 
ATOM   610  C C   . LYS A 1 82  ? -9.292  10.237  7.908   1.00 12.15 ? 79  LYS A C   1 
ATOM   611  O O   . LYS A 1 82  ? -9.266  11.401  7.497   1.00 14.76 ? 79  LYS A O   1 
ATOM   612  C CB  . LYS A 1 82  ? -11.776 10.150  8.335   1.00 16.47 ? 79  LYS A CB  1 
ATOM   613  C CG  . LYS A 1 82  ? -13.089 9.436   8.037   1.00 21.67 ? 79  LYS A CG  1 
ATOM   614  C CD  . LYS A 1 82  ? -14.297 10.267  8.431   1.00 41.08 ? 79  LYS A CD  1 
ATOM   615  C CE  . LYS A 1 82  ? -15.595 9.546   8.083   1.00 44.00 ? 79  LYS A CE  1 
ATOM   616  N NZ  . LYS A 1 82  ? -15.662 9.188   6.638   1.00 42.83 ? 79  LYS A NZ  1 
ATOM   617  N N   . ASN A 1 83  ? -8.223  9.653   8.452   1.00 10.73 ? 80  ASN A N   1 
ATOM   618  C CA  . ASN A 1 83  ? -6.947  10.355  8.486   1.00 11.68 ? 80  ASN A CA  1 
ATOM   619  C C   . ASN A 1 83  ? -6.467  10.606  7.064   1.00 12.53 ? 80  ASN A C   1 
ATOM   620  O O   . ASN A 1 83  ? -6.471  9.695   6.232   1.00 13.68 ? 80  ASN A O   1 
ATOM   621  C CB  . ASN A 1 83  ? -5.917  9.532   9.257   1.00 11.41 ? 80  ASN A CB  1 
ATOM   622  C CG  . ASN A 1 83  ? -4.677  10.321  9.591   1.00 13.66 ? 80  ASN A CG  1 
ATOM   623  O OD1 . ASN A 1 83  ? -4.730  11.542  9.760   1.00 13.90 ? 80  ASN A OD1 1 
ATOM   624  N ND2 . ASN A 1 83  ? -3.547  9.629   9.717   1.00 13.14 ? 80  ASN A ND2 1 
ATOM   625  N N   . MET A 1 84  ? -6.061  11.840  6.766   1.00 12.76 ? 81  MET A N   1 
ATOM   626  C CA  . MET A 1 84  ? -5.743  12.236  5.392   1.00 14.63 ? 81  MET A CA  1 
ATOM   627  C C   . MET A 1 84  ? -4.527  13.153  5.370   1.00 15.28 ? 81  MET A C   1 
ATOM   628  O O   . MET A 1 84  ? -4.641  14.364  5.147   1.00 18.62 ? 81  MET A O   1 
ATOM   629  C CB  . MET A 1 84  ? -6.958  12.900  4.739   1.00 15.65 ? 81  MET A CB  1 
ATOM   630  C CG  . MET A 1 84  ? -6.819  13.159  3.241   1.00 17.36 ? 81  MET A CG  1 
ATOM   631  S SD  . MET A 1 84  ? -6.275  11.734  2.265   1.00 15.43 ? 81  MET A SD  1 
ATOM   632  C CE  . MET A 1 84  ? -7.501  10.506  2.703   1.00 17.95 ? 81  MET A CE  1 
ATOM   633  N N   . PRO A 1 85  ? -3.329  12.594  5.566   1.00 13.70 ? 82  PRO A N   1 
ATOM   634  C CA  . PRO A 1 85  ? -2.112  13.420  5.526   1.00 15.14 ? 82  PRO A CA  1 
ATOM   635  C C   . PRO A 1 85  ? -1.720  13.847  4.130   1.00 16.41 ? 82  PRO A C   1 
ATOM   636  O O   . PRO A 1 85  ? -0.937  14.791  3.988   1.00 17.68 ? 82  PRO A O   1 
ATOM   637  C CB  . PRO A 1 85  ? -1.045  12.501  6.140   1.00 14.93 ? 82  PRO A CB  1 
ATOM   638  C CG  . PRO A 1 85  ? -1.538  11.116  5.807   1.00 15.26 ? 82  PRO A CG  1 
ATOM   639  C CD  . PRO A 1 85  ? -3.034  11.201  5.956   1.00 13.52 ? 82  PRO A CD  1 
ATOM   640  N N   . PHE A 1 86  ? -2.228  13.176  3.099   1.00 13.50 ? 83  PHE A N   1 
ATOM   641  C CA  . PHE A 1 86  ? -1.875  13.514  1.732   1.00 13.86 ? 83  PHE A CA  1 
ATOM   642  C C   . PHE A 1 86  ? -2.355  14.918  1.391   1.00 15.66 ? 83  PHE A C   1 
ATOM   643  O O   . PHE A 1 86  ? -3.441  15.336  1.800   1.00 16.49 ? 83  PHE A O   1 
ATOM   644  C CB  . PHE A 1 86  ? -2.502  12.506  0.773   1.00 14.01 ? 83  PHE A CB  1 
ATOM   645  C CG  . PHE A 1 86  ? -2.058  11.085  0.992   1.00 13.17 ? 83  PHE A CG  1 
ATOM   646  C CD1 . PHE A 1 86  ? -0.913  10.605  0.379   1.00 12.91 ? 83  PHE A CD1 1 
ATOM   647  C CD2 . PHE A 1 86  ? -2.808  10.219  1.775   1.00 11.86 ? 83  PHE A CD2 1 
ATOM   648  C CE1 . PHE A 1 86  ? -0.515  9.291   0.557   1.00 11.81 ? 83  PHE A CE1 1 
ATOM   649  C CE2 . PHE A 1 86  ? -2.417  8.906   1.964   1.00 12.44 ? 83  PHE A CE2 1 
ATOM   650  C CZ  . PHE A 1 86  ? -1.265  8.436   1.355   1.00 11.85 ? 83  PHE A CZ  1 
ATOM   651  N N   . GLN A 1 87  ? -1.546  15.632  0.608   1.00 15.23 ? 84  GLN A N   1 
ATOM   652  C CA  . GLN A 1 87  ? -1.814  17.022  0.262   1.00 14.84 ? 84  GLN A CA  1 
ATOM   653  C C   . GLN A 1 87  ? -2.199  17.141  -1.203  1.00 14.68 ? 84  GLN A C   1 
ATOM   654  O O   . GLN A 1 87  ? -1.539  16.560  -2.071  1.00 14.64 ? 84  GLN A O   1 
ATOM   655  C CB  . GLN A 1 87  ? -0.597  17.897  0.543   1.00 18.53 ? 84  GLN A CB  1 
ATOM   656  C CG  . GLN A 1 87  ? -0.183  17.849  2.005   1.00 22.07 ? 84  GLN A CG  1 
ATOM   657  C CD  . GLN A 1 87  ? -1.255  18.446  2.888   1.00 30.31 ? 84  GLN A CD  1 
ATOM   658  O OE1 . GLN A 1 87  ? -1.614  19.616  2.737   1.00 39.16 ? 84  GLN A OE1 1 
ATOM   659  N NE2 . GLN A 1 87  ? -1.794  17.645  3.802   1.00 33.18 ? 84  GLN A NE2 1 
ATOM   660  N N   . ASP A 1 88  ? -3.248  17.927  -1.457  1.00 15.35 ? 85  ASP A N   1 
ATOM   661  C CA  . ASP A 1 88  ? -3.776  18.144  -2.801  1.00 14.38 ? 85  ASP A CA  1 
ATOM   662  C C   . ASP A 1 88  ? -2.687  18.643  -3.744  1.00 17.47 ? 85  ASP A C   1 
ATOM   663  O O   . ASP A 1 88  ? -1.987  19.618  -3.447  1.00 17.14 ? 85  ASP A O   1 
ATOM   664  C CB  . ASP A 1 88  ? -4.922  19.161  -2.721  1.00 15.70 ? 85  ASP A CB  1 
ATOM   665  C CG  . ASP A 1 88  ? -5.852  19.132  -3.928  1.00 19.75 ? 85  ASP A CG  1 
ATOM   666  O OD1 . ASP A 1 88  ? -5.576  18.424  -4.913  1.00 16.54 ? 85  ASP A OD1 1 
ATOM   667  O OD2 . ASP A 1 88  ? -6.874  19.853  -3.886  1.00 24.25 ? 85  ASP A OD2 1 
ATOM   668  N N   . GLY A 1 89  ? -2.539  17.951  -4.876  1.00 16.11 ? 86  GLY A N   1 
ATOM   669  C CA  . GLY A 1 89  ? -1.638  18.372  -5.928  1.00 17.32 ? 86  GLY A CA  1 
ATOM   670  C C   . GLY A 1 89  ? -0.175  18.098  -5.678  1.00 18.30 ? 86  GLY A C   1 
ATOM   671  O O   . GLY A 1 89  ? 0.662   18.555  -6.464  1.00 25.69 ? 86  GLY A O   1 
ATOM   672  N N   . GLN A 1 90  ? 0.167   17.356  -4.628  1.00 15.18 ? 87  GLN A N   1 
ATOM   673  C CA  . GLN A 1 90  ? 1.553   17.213  -4.215  1.00 17.29 ? 87  GLN A CA  1 
ATOM   674  C C   . GLN A 1 90  ? 2.060   15.792  -4.419  1.00 17.06 ? 87  GLN A C   1 
ATOM   675  O O   . GLN A 1 90  ? 1.301   14.824  -4.355  1.00 16.01 ? 87  GLN A O   1 
ATOM   676  C CB  . GLN A 1 90  ? 1.721   17.588  -2.745  1.00 16.38 ? 87  GLN A CB  1 
ATOM   677  C CG  . GLN A 1 90  ? 1.286   19.020  -2.421  1.00 21.37 ? 87  GLN A CG  1 
ATOM   678  C CD  . GLN A 1 90  ? 1.987   19.560  -1.178  1.00 29.24 ? 87  GLN A CD  1 
ATOM   679  O OE1 . GLN A 1 90  ? 3.036   19.055  -0.775  1.00 43.63 ? 87  GLN A OE1 1 
ATOM   680  N NE2 . GLN A 1 90  ? 1.396   20.573  -0.553  1.00 42.21 ? 87  GLN A NE2 1 
ATOM   681  N N   . GLU A 1 91  ? 3.361   15.685  -4.666  1.00 15.82 ? 88  GLU A N   1 
ATOM   682  C CA  . GLU A 1 91  ? 4.025   14.394  -4.595  1.00 16.30 ? 88  GLU A CA  1 
ATOM   683  C C   . GLU A 1 91  ? 3.988   13.885  -3.159  1.00 19.23 ? 88  GLU A C   1 
ATOM   684  O O   . GLU A 1 91  ? 4.064   14.665  -2.205  1.00 20.47 ? 88  GLU A O   1 
ATOM   685  C CB  . GLU A 1 91  ? 5.470   14.528  -5.079  1.00 19.70 ? 88  GLU A CB  1 
ATOM   686  C CG  . GLU A 1 91  ? 6.267   13.236  -5.096  1.00 24.45 ? 88  GLU A CG  1 
ATOM   687  C CD  . GLU A 1 91  ? 7.649   13.426  -5.688  1.00 42.06 ? 88  GLU A CD  1 
ATOM   688  O OE1 . GLU A 1 91  ? 8.338   14.389  -5.287  1.00 45.26 ? 88  GLU A OE1 1 
ATOM   689  O OE2 . GLU A 1 91  ? 8.038   12.624  -6.565  1.00 43.92 ? 88  GLU A OE2 1 
ATOM   690  N N   . PHE A 1 92  ? 3.847   12.575  -3.003  1.00 12.99 ? 89  PHE A N   1 
ATOM   691  C CA  . PHE A 1 92  ? 3.874   11.946  -1.689  1.00 14.65 ? 89  PHE A CA  1 
ATOM   692  C C   . PHE A 1 92  ? 4.998   10.922  -1.621  1.00 14.96 ? 89  PHE A C   1 
ATOM   693  O O   . PHE A 1 92  ? 5.424   10.371  -2.639  1.00 12.71 ? 89  PHE A O   1 
ATOM   694  C CB  . PHE A 1 92  ? 2.543   11.255  -1.358  1.00 14.50 ? 89  PHE A CB  1 
ATOM   695  C CG  . PHE A 1 92  ? 2.113   10.245  -2.380  1.00 15.41 ? 89  PHE A CG  1 
ATOM   696  C CD1 . PHE A 1 92  ? 2.598   8.948   -2.351  1.00 12.94 ? 89  PHE A CD1 1 
ATOM   697  C CD2 . PHE A 1 92  ? 1.214   10.596  -3.381  1.00 14.55 ? 89  PHE A CD2 1 
ATOM   698  C CE1 . PHE A 1 92  ? 2.205   8.022   -3.303  1.00 16.35 ? 89  PHE A CE1 1 
ATOM   699  C CE2 . PHE A 1 92  ? 0.818   9.677   -4.334  1.00 14.14 ? 89  PHE A CE2 1 
ATOM   700  C CZ  . PHE A 1 92  ? 1.305   8.392   -4.299  1.00 15.34 ? 89  PHE A CZ  1 
ATOM   701  N N   . GLU A 1 93  ? 5.465   10.674  -0.399  1.00 14.60 ? 90  GLU A N   1 
ATOM   702  C CA  . GLU A 1 93  ? 6.379   9.584   -0.084  1.00 13.48 ? 90  GLU A CA  1 
ATOM   703  C C   . GLU A 1 93  ? 5.676   8.674   0.914   1.00 14.27 ? 90  GLU A C   1 
ATOM   704  O O   . GLU A 1 93  ? 5.309   9.110   2.010   1.00 18.68 ? 90  GLU A O   1 
ATOM   705  C CB  . GLU A 1 93  ? 7.694   10.108  0.494   1.00 18.56 ? 90  GLU A CB  1 
ATOM   706  N N   . LEU A 1 94  ? 5.471   7.425   0.528   1.00 11.27 ? 91  LEU A N   1 
ATOM   707  C CA  . LEU A 1 94  ? 4.762   6.456   1.345   1.00 13.32 ? 91  LEU A CA  1 
ATOM   708  C C   . LEU A 1 94  ? 5.764   5.394   1.766   1.00 15.61 ? 91  LEU A C   1 
ATOM   709  O O   . LEU A 1 94  ? 6.514   4.886   0.927   1.00 18.00 ? 91  LEU A O   1 
ATOM   710  C CB  . LEU A 1 94  ? 3.602   5.851   0.545   1.00 22.14 ? 91  LEU A CB  1 
ATOM   711  C CG  . LEU A 1 94  ? 2.503   5.008   1.178   1.00 27.45 ? 91  LEU A CG  1 
ATOM   712  C CD1 . LEU A 1 94  ? 1.578   5.897   1.976   1.00 26.39 ? 91  LEU A CD1 1 
ATOM   713  C CD2 . LEU A 1 94  ? 1.729   4.269   0.081   1.00 23.69 ? 91  LEU A CD2 1 
ATOM   714  N N   . SER A 1 95  ? 5.827   5.111   3.063   1.00 11.90 ? 92  SER A N   1 
ATOM   715  C CA  . SER A 1 95  ? 6.658   4.043   3.597   1.00 15.17 ? 92  SER A CA  1 
ATOM   716  C C   . SER A 1 95  ? 5.733   3.051   4.283   1.00 17.84 ? 92  SER A C   1 
ATOM   717  O O   . SER A 1 95  ? 4.812   3.448   5.002   1.00 20.22 ? 92  SER A O   1 
ATOM   718  C CB  . SER A 1 95  ? 7.699   4.594   4.587   1.00 18.24 ? 92  SER A CB  1 
ATOM   719  O OG  . SER A 1 95  ? 8.588   3.593   5.044   1.00 34.83 ? 92  SER A OG  1 
ATOM   720  N N   . ILE A 1 96  ? 5.937   1.765   4.040   1.00 13.07 ? 93  ILE A N   1 
ATOM   721  C CA  . ILE A 1 96  ? 5.190   0.731   4.747   1.00 11.96 ? 93  ILE A CA  1 
ATOM   722  C C   . ILE A 1 96  ? 6.212   -0.167  5.420   1.00 13.03 ? 93  ILE A C   1 
ATOM   723  O O   . ILE A 1 96  ? 6.978   -0.855  4.739   1.00 13.26 ? 93  ILE A O   1 
ATOM   724  C CB  . ILE A 1 96  ? 4.268   -0.068  3.824   1.00 11.48 ? 93  ILE A CB  1 
ATOM   725  C CG1 . ILE A 1 96  ? 3.325   0.880   3.086   1.00 12.42 ? 93  ILE A CG1 1 
ATOM   726  C CG2 . ILE A 1 96  ? 3.486   -1.104  4.639   1.00 13.24 ? 93  ILE A CG2 1 
ATOM   727  C CD1 . ILE A 1 96  ? 2.518   0.216   2.003   1.00 16.39 ? 93  ILE A CD1 1 
ATOM   728  N N   . SER A 1 97  ? 6.244   -0.138  6.750   1.00 11.21 ? 94  SER A N   1 
ATOM   729  C CA  . SER A 1 97  ? 7.184   -0.910  7.545   1.00 11.25 ? 94  SER A CA  1 
ATOM   730  C C   . SER A 1 97  ? 6.506   -2.171  8.046   1.00 11.37 ? 94  SER A C   1 
ATOM   731  O O   . SER A 1 97  ? 5.357   -2.133  8.494   1.00 11.66 ? 94  SER A O   1 
ATOM   732  C CB  . SER A 1 97  ? 7.688   -0.108  8.749   1.00 16.43 ? 94  SER A CB  1 
ATOM   733  O OG  . SER A 1 97  ? 8.337   1.086   8.344   1.00 29.71 ? 94  SER A OG  1 
ATOM   734  N N   . VAL A 1 98  ? 7.231   -3.285  7.992   1.00 10.82 ? 95  VAL A N   1 
ATOM   735  C CA  . VAL A 1 98  ? 6.736   -4.549  8.520   1.00 11.02 ? 95  VAL A CA  1 
ATOM   736  C C   . VAL A 1 98  ? 7.243   -4.662  9.954   1.00 12.35 ? 95  VAL A C   1 
ATOM   737  O O   . VAL A 1 98  ? 8.420   -4.932  10.190  1.00 14.84 ? 95  VAL A O   1 
ATOM   738  C CB  . VAL A 1 98  ? 7.186   -5.726  7.656   1.00 11.17 ? 95  VAL A CB  1 
ATOM   739  C CG1 . VAL A 1 98  ? 6.593   -7.043  8.176   1.00 15.91 ? 95  VAL A CG1 1 
ATOM   740  C CG2 . VAL A 1 98  ? 6.804   -5.489  6.203   1.00 15.06 ? 95  VAL A CG2 1 
ATOM   741  N N   . LEU A 1 99  ? 6.362   -4.431  10.911  1.00 13.36 ? 96  LEU A N   1 
ATOM   742  C CA  . LEU A 1 99  ? 6.690   -4.594  12.322  1.00 15.21 ? 96  LEU A CA  1 
ATOM   743  C C   . LEU A 1 99  ? 6.283   -5.986  12.779  1.00 13.68 ? 96  LEU A C   1 
ATOM   744  O O   . LEU A 1 99  ? 5.590   -6.722  12.073  1.00 13.76 ? 96  LEU A O   1 
ATOM   745  C CB  . LEU A 1 99  ? 5.999   -3.497  13.130  1.00 12.95 ? 96  LEU A CB  1 
ATOM   746  C CG  . LEU A 1 99  ? 6.214   -2.065  12.623  1.00 17.84 ? 96  LEU A CG  1 
ATOM   747  C CD1 . LEU A 1 99  ? 5.489   -1.057  13.516  1.00 17.57 ? 96  LEU A CD1 1 
ATOM   748  C CD2 . LEU A 1 99  ? 7.692   -1.734  12.507  1.00 19.95 ? 96  LEU A CD2 1 
ATOM   749  N N   . PRO A 1 100 ? 6.717   -6.419  13.967  1.00 17.57 ? 97  PRO A N   1 
ATOM   750  C CA  . PRO A 1 100 ? 6.341   -7.771  14.411  1.00 17.19 ? 97  PRO A CA  1 
ATOM   751  C C   . PRO A 1 100 ? 4.843   -8.033  14.424  1.00 13.97 ? 97  PRO A C   1 
ATOM   752  O O   . PRO A 1 100 ? 4.417   -9.142  14.074  1.00 17.25 ? 97  PRO A O   1 
ATOM   753  C CB  . PRO A 1 100 ? 6.940   -7.845  15.825  1.00 17.90 ? 97  PRO A CB  1 
ATOM   754  C CG  . PRO A 1 100 ? 8.111   -6.952  15.760  1.00 19.92 ? 97  PRO A CG  1 
ATOM   755  C CD  . PRO A 1 100 ? 7.721   -5.809  14.857  1.00 19.92 ? 97  PRO A CD  1 
ATOM   756  N N   . ASP A 1 101 ? 4.033   -7.044  14.803  1.00 14.16 ? 98  ASP A N   1 
ATOM   757  C CA  . ASP A 1 101 ? 2.604   -7.244  14.974  1.00 13.91 ? 98  ASP A CA  1 
ATOM   758  C C   . ASP A 1 101 ? 1.740   -6.570  13.911  1.00 11.72 ? 98  ASP A C   1 
ATOM   759  O O   . ASP A 1 101 ? 0.533   -6.838  13.863  1.00 12.39 ? 98  ASP A O   1 
ATOM   760  C CB  . ASP A 1 101 ? 2.166   -6.738  16.358  1.00 17.62 ? 98  ASP A CB  1 
ATOM   761  N N   . LYS A 1 102 ? 2.313   -5.728  13.051  1.00 11.58 ? 99  LYS A N   1 
ATOM   762  C CA  . LYS A 1 102 ? 1.488   -4.895  12.185  1.00 9.23  ? 99  LYS A CA  1 
ATOM   763  C C   . LYS A 1 102 ? 2.324   -4.329  11.052  1.00 10.35 ? 99  LYS A C   1 
ATOM   764  O O   . LYS A 1 102 ? 3.560   -4.322  11.109  1.00 10.85 ? 99  LYS A O   1 
ATOM   765  C CB  . LYS A 1 102 ? 0.868   -3.744  12.976  1.00 12.84 ? 99  LYS A CB  1 
ATOM   766  C CG  . LYS A 1 102 ? 1.911   -2.702  13.389  1.00 13.35 ? 99  LYS A CG  1 
ATOM   767  C CD  . LYS A 1 102 ? 1.430   -1.825  14.527  1.00 15.75 ? 99  LYS A CD  1 
ATOM   768  C CE  . LYS A 1 102 ? 1.655   -2.500  15.860  1.00 27.04 ? 99  LYS A CE  1 
ATOM   769  N NZ  . LYS A 1 102 ? 1.518   -1.511  16.960  1.00 25.42 ? 99  LYS A NZ  1 
ATOM   770  N N   . TYR A 1 103 ? 1.619   -3.830  10.031  1.00 9.81  ? 100 TYR A N   1 
ATOM   771  C CA  . TYR A 1 103 ? 2.184   -2.887  9.073   1.00 9.31  ? 100 TYR A CA  1 
ATOM   772  C C   . TYR A 1 103 ? 1.986   -1.483  9.612   1.00 10.81 ? 100 TYR A C   1 
ATOM   773  O O   . TYR A 1 103 ? 0.928   -1.162  10.153  1.00 11.53 ? 100 TYR A O   1 
ATOM   774  C CB  . TYR A 1 103 ? 1.525   -2.995  7.692   1.00 10.60 ? 100 TYR A CB  1 
ATOM   775  C CG  . TYR A 1 103 ? 1.695   -4.339  7.059   1.00 10.28 ? 100 TYR A CG  1 
ATOM   776  C CD1 . TYR A 1 103 ? 2.907   -4.707  6.494   1.00 10.47 ? 100 TYR A CD1 1 
ATOM   777  C CD2 . TYR A 1 103 ? 0.646   -5.250  7.044   1.00 9.47  ? 100 TYR A CD2 1 
ATOM   778  C CE1 . TYR A 1 103 ? 3.067   -5.961  5.922   1.00 11.02 ? 100 TYR A CE1 1 
ATOM   779  C CE2 . TYR A 1 103 ? 0.802   -6.507  6.478   1.00 9.26  ? 100 TYR A CE2 1 
ATOM   780  C CZ  . TYR A 1 103 ? 2.007   -6.845  5.916   1.00 9.59  ? 100 TYR A CZ  1 
ATOM   781  O OH  . TYR A 1 103 ? 2.195   -8.089  5.352   1.00 11.79 ? 100 TYR A OH  1 
ATOM   782  N N   . GLN A 1 104 ? 2.998   -0.647  9.437   1.00 10.45 ? 101 GLN A N   1 
ATOM   783  C CA  . GLN A 1 104 ? 2.903   0.765   9.771   1.00 9.91  ? 101 GLN A CA  1 
ATOM   784  C C   . GLN A 1 104 ? 3.124   1.574   8.506   1.00 10.48 ? 101 GLN A C   1 
ATOM   785  O O   . GLN A 1 104 ? 4.139   1.394   7.827   1.00 11.15 ? 101 GLN A O   1 
ATOM   786  C CB  . GLN A 1 104 ? 3.930   1.151   10.828  1.00 11.48 ? 101 GLN A CB  1 
ATOM   787  C CG  . GLN A 1 104 ? 3.940   2.658   11.082  1.00 12.58 ? 101 GLN A CG  1 
ATOM   788  C CD  . GLN A 1 104 ? 4.771   3.019   12.286  1.00 16.76 ? 101 GLN A CD  1 
ATOM   789  O OE1 . GLN A 1 104 ? 4.349   3.814   13.128  1.00 17.92 ? 101 GLN A OE1 1 
ATOM   790  N NE2 . GLN A 1 104 ? 5.951   2.446   12.375  1.00 13.67 ? 101 GLN A NE2 1 
ATOM   791  N N   . VAL A 1 105 ? 2.187   2.465   8.205   1.00 9.72  ? 102 VAL A N   1 
ATOM   792  C CA  . VAL A 1 105 ? 2.237   3.287   7.003   1.00 9.33  ? 102 VAL A CA  1 
ATOM   793  C C   . VAL A 1 105 ? 2.641   4.693   7.403   1.00 9.52  ? 102 VAL A C   1 
ATOM   794  O O   . VAL A 1 105 ? 1.931   5.348   8.176   1.00 11.28 ? 102 VAL A O   1 
ATOM   795  C CB  . VAL A 1 105 ? 0.890   3.304   6.266   1.00 10.15 ? 102 VAL A CB  1 
ATOM   796  C CG1 . VAL A 1 105 ? 1.007   4.116   4.988   1.00 12.91 ? 102 VAL A CG1 1 
ATOM   797  C CG2 . VAL A 1 105 ? 0.421   1.884   5.970   1.00 12.60 ? 102 VAL A CG2 1 
ATOM   798  N N   . MET A 1 106 ? 3.770   5.152   6.869   1.00 10.01 ? 103 MET A N   1 
ATOM   799  C CA  . MET A 1 106 ? 4.226   6.529   7.021   1.00 10.32 ? 103 MET A CA  1 
ATOM   800  C C   . MET A 1 106 ? 3.919   7.284   5.739   1.00 10.26 ? 103 MET A C   1 
ATOM   801  O O   . MET A 1 106 ? 4.134   6.764   4.643   1.00 12.56 ? 103 MET A O   1 
ATOM   802  C CB  . MET A 1 106 ? 5.732   6.589   7.283   1.00 13.61 ? 103 MET A CB  1 
ATOM   803  C CG  . MET A 1 106 ? 6.249   5.527   8.243   1.00 14.92 ? 103 MET A CG  1 
ATOM   804  S SD  . MET A 1 106 ? 5.799   5.896   9.946   1.00 16.87 ? 103 MET A SD  1 
ATOM   805  C CE  . MET A 1 106 ? 6.873   7.289   10.286  1.00 18.84 ? 103 MET A CE  1 
ATOM   806  N N   . VAL A 1 107 ? 3.392   8.497   5.879   1.00 8.55  ? 104 VAL A N   1 
ATOM   807  C CA  . VAL A 1 107 ? 3.096   9.370   4.748   1.00 10.47 ? 104 VAL A CA  1 
ATOM   808  C C   . VAL A 1 107 ? 3.912   10.634  4.942   1.00 11.89 ? 104 VAL A C   1 
ATOM   809  O O   . VAL A 1 107 ? 3.728   11.346  5.939   1.00 12.12 ? 104 VAL A O   1 
ATOM   810  C CB  . VAL A 1 107 ? 1.600   9.694   4.643   1.00 10.76 ? 104 VAL A CB  1 
ATOM   811  C CG1 . VAL A 1 107 ? 1.338   10.647  3.460   1.00 13.10 ? 104 VAL A CG1 1 
ATOM   812  C CG2 . VAL A 1 107 ? 0.796   8.408   4.480   1.00 11.60 ? 104 VAL A CG2 1 
ATOM   813  N N   . ASN A 1 108 ? 4.827   10.901  4.013   1.00 12.64 ? 105 ASN A N   1 
ATOM   814  C CA  . ASN A 1 108 ? 5.697   12.077  4.104   1.00 15.14 ? 105 ASN A CA  1 
ATOM   815  C C   . ASN A 1 108 ? 6.359   12.164  5.478   1.00 14.51 ? 105 ASN A C   1 
ATOM   816  O O   . ASN A 1 108 ? 6.453   13.236  6.082   1.00 16.91 ? 105 ASN A O   1 
ATOM   817  C CB  . ASN A 1 108 ? 4.921   13.353  3.776   1.00 14.22 ? 105 ASN A CB  1 
ATOM   818  C CG  . ASN A 1 108 ? 4.316   13.309  2.386   1.00 15.59 ? 105 ASN A CG  1 
ATOM   819  O OD1 . ASN A 1 108 ? 4.932   12.779  1.461   1.00 16.35 ? 105 ASN A OD1 1 
ATOM   820  N ND2 . ASN A 1 108 ? 3.107   13.845  2.237   1.00 16.63 ? 105 ASN A ND2 1 
ATOM   821  N N   . GLY A 1 109 ? 6.782   11.011  5.989   1.00 13.50 ? 106 GLY A N   1 
ATOM   822  C CA  . GLY A 1 109 ? 7.525   10.922  7.226   1.00 14.37 ? 106 GLY A CA  1 
ATOM   823  C C   . GLY A 1 109 ? 6.690   10.795  8.484   1.00 15.60 ? 106 GLY A C   1 
ATOM   824  O O   . GLY A 1 109 ? 7.266   10.627  9.565   1.00 18.37 ? 106 GLY A O   1 
ATOM   825  N N   . GLN A 1 110 ? 5.365   10.851  8.379   1.00 12.76 ? 107 GLN A N   1 
ATOM   826  C CA  . GLN A 1 110 ? 4.469   10.889  9.527   1.00 14.99 ? 107 GLN A CA  1 
ATOM   827  C C   . GLN A 1 110 ? 3.716   9.568   9.633   1.00 12.65 ? 107 GLN A C   1 
ATOM   828  O O   . GLN A 1 110 ? 3.086   9.129   8.666   1.00 11.79 ? 107 GLN A O   1 
ATOM   829  C CB  . GLN A 1 110 ? 3.496   12.067  9.385   1.00 17.62 ? 107 GLN A CB  1 
ATOM   830  C CG  . GLN A 1 110 ? 2.395   12.131  10.424  1.00 20.78 ? 107 GLN A CG  1 
ATOM   831  C CD  . GLN A 1 110 ? 1.381   13.234  10.153  1.00 28.13 ? 107 GLN A CD  1 
ATOM   832  O OE1 . GLN A 1 110 ? 1.276   13.739  9.037   1.00 28.96 ? 107 GLN A OE1 1 
ATOM   833  N NE2 . GLN A 1 110 ? 0.627   13.611  11.181  1.00 36.95 ? 107 GLN A NE2 1 
ATOM   834  N N   . SER A 1 111 ? 3.767   8.934   10.806  1.00 10.82 ? 108 SER A N   1 
ATOM   835  C CA  . SER A 1 111 ? 2.973   7.728   11.010  1.00 8.91  ? 108 SER A CA  1 
ATOM   836  C C   . SER A 1 111 ? 1.497   8.046   10.822  1.00 11.06 ? 108 SER A C   1 
ATOM   837  O O   . SER A 1 111 ? 0.967   8.959   11.461  1.00 12.03 ? 108 SER A O   1 
ATOM   838  C CB  . SER A 1 111 ? 3.214   7.164   12.409  1.00 11.81 ? 108 SER A CB  1 
ATOM   839  O OG  . SER A 1 111 ? 2.457   5.972   12.607  1.00 13.19 ? 108 SER A OG  1 
ATOM   840  N N   . SER A 1 112 ? 0.830   7.289   9.942   1.00 9.93  ? 109 SER A N   1 
ATOM   841  C CA  . SER A 1 112 ? -0.515  7.667   9.525   1.00 8.19  ? 109 SER A CA  1 
ATOM   842  C C   . SER A 1 112 ? -1.557  6.554   9.604   1.00 9.13  ? 109 SER A C   1 
ATOM   843  O O   . SER A 1 112 ? -2.745  6.841   9.757   1.00 10.59 ? 109 SER A O   1 
ATOM   844  C CB  . SER A 1 112 ? -0.485  8.233   8.100   1.00 11.01 ? 109 SER A CB  1 
ATOM   845  O OG  . SER A 1 112 ? 0.349   9.384   8.048   1.00 12.95 ? 109 SER A OG  1 
ATOM   846  N N   . TYR A 1 113 ? -1.149  5.288   9.478   1.00 9.78  ? 110 TYR A N   1 
ATOM   847  C CA  . TYR A 1 113 ? -2.068  4.157   9.549   1.00 9.91  ? 110 TYR A CA  1 
ATOM   848  C C   . TYR A 1 113 ? -1.282  2.964   10.057  1.00 10.12 ? 110 TYR A C   1 
ATOM   849  O O   . TYR A 1 113 ? -0.091  2.847   9.779   1.00 10.29 ? 110 TYR A O   1 
ATOM   850  C CB  . TYR A 1 113 ? -2.686  3.787   8.181   1.00 10.48 ? 110 TYR A CB  1 
ATOM   851  C CG  . TYR A 1 113 ? -3.161  4.986   7.395   1.00 11.02 ? 110 TYR A CG  1 
ATOM   852  C CD1 . TYR A 1 113 ? -4.435  5.517   7.593   1.00 11.42 ? 110 TYR A CD1 1 
ATOM   853  C CD2 . TYR A 1 113 ? -2.322  5.615   6.484   1.00 10.39 ? 110 TYR A CD2 1 
ATOM   854  C CE1 . TYR A 1 113 ? -4.861  6.642   6.891   1.00 11.63 ? 110 TYR A CE1 1 
ATOM   855  C CE2 . TYR A 1 113 ? -2.734  6.737   5.783   1.00 11.33 ? 110 TYR A CE2 1 
ATOM   856  C CZ  . TYR A 1 113 ? -4.001  7.242   5.987   1.00 10.33 ? 110 TYR A CZ  1 
ATOM   857  O OH  . TYR A 1 113 ? -4.391  8.355   5.291   1.00 11.93 ? 110 TYR A OH  1 
ATOM   858  N N   . THR A 1 114 ? -1.953  2.062   10.776  1.00 10.67 ? 111 THR A N   1 
ATOM   859  C CA  . THR A 1 114 ? -1.370  0.743   11.012  1.00 11.21 ? 111 THR A CA  1 
ATOM   860  C C   . THR A 1 114 ? -2.443  -0.326  10.832  1.00 12.31 ? 111 THR A C   1 
ATOM   861  O O   . THR A 1 114 ? -3.647  -0.058  10.903  1.00 15.21 ? 111 THR A O   1 
ATOM   862  C CB  . THR A 1 114 ? -0.692  0.588   12.400  1.00 15.26 ? 111 THR A CB  1 
ATOM   863  O OG1 . THR A 1 114 ? -1.672  0.525   13.443  1.00 16.83 ? 111 THR A OG1 1 
ATOM   864  C CG2 . THR A 1 114 ? 0.306   1.712   12.682  1.00 14.50 ? 111 THR A CG2 1 
ATOM   865  N N   . PHE A 1 115 ? -1.977  -1.554  10.592  1.00 10.82 ? 112 PHE A N   1 
ATOM   866  C CA  . PHE A 1 115 ? -2.853  -2.672  10.257  1.00 9.74  ? 112 PHE A CA  1 
ATOM   867  C C   . PHE A 1 115 ? -2.210  -3.933  10.820  1.00 10.96 ? 112 PHE A C   1 
ATOM   868  O O   . PHE A 1 115 ? -1.116  -4.307  10.395  1.00 11.42 ? 112 PHE A O   1 
ATOM   869  C CB  . PHE A 1 115 ? -3.032  -2.754  8.740   1.00 10.85 ? 112 PHE A CB  1 
ATOM   870  C CG  . PHE A 1 115 ? -3.992  -3.810  8.273   1.00 9.50  ? 112 PHE A CG  1 
ATOM   871  C CD1 . PHE A 1 115 ? -5.342  -3.519  8.130   1.00 12.61 ? 112 PHE A CD1 1 
ATOM   872  C CD2 . PHE A 1 115 ? -3.537  -5.074  7.907   1.00 11.30 ? 112 PHE A CD2 1 
ATOM   873  C CE1 . PHE A 1 115 ? -6.226  -4.471  7.666   1.00 12.44 ? 112 PHE A CE1 1 
ATOM   874  C CE2 . PHE A 1 115 ? -4.428  -6.030  7.425   1.00 11.98 ? 112 PHE A CE2 1 
ATOM   875  C CZ  . PHE A 1 115 ? -5.769  -5.725  7.300   1.00 12.45 ? 112 PHE A CZ  1 
ATOM   876  N N   . ASP A 1 116 ? -2.867  -4.567  11.791  1.00 11.04 ? 113 ASP A N   1 
ATOM   877  C CA  . ASP A 1 116 ? -2.302  -5.756  12.422  1.00 11.98 ? 113 ASP A CA  1 
ATOM   878  C C   . ASP A 1 116 ? -2.257  -6.910  11.429  1.00 12.40 ? 113 ASP A C   1 
ATOM   879  O O   . ASP A 1 116 ? -3.158  -7.067  10.601  1.00 12.31 ? 113 ASP A O   1 
ATOM   880  C CB  . ASP A 1 116 ? -3.134  -6.170  13.636  1.00 16.39 ? 113 ASP A CB  1 
ATOM   881  C CG  . ASP A 1 116 ? -2.928  -5.270  14.841  1.00 24.26 ? 113 ASP A CG  1 
ATOM   882  O OD1 . ASP A 1 116 ? -2.080  -4.357  14.786  1.00 19.92 ? 113 ASP A OD1 1 
ATOM   883  O OD2 . ASP A 1 116 ? -3.613  -5.497  15.862  1.00 30.84 ? 113 ASP A OD2 1 
ATOM   884  N N   . HIS A 1 117 ? -1.207  -7.728  11.522  1.00 13.71 ? 114 HIS A N   1 
ATOM   885  C CA  . HIS A 1 117 ? -1.093  -8.883  10.636  1.00 12.07 ? 114 HIS A CA  1 
ATOM   886  C C   . HIS A 1 117 ? -2.248  -9.850  10.845  1.00 14.44 ? 114 HIS A C   1 
ATOM   887  O O   . HIS A 1 117 ? -2.517  -10.290 11.967  1.00 17.70 ? 114 HIS A O   1 
ATOM   888  C CB  . HIS A 1 117 ? 0.231   -9.606  10.874  1.00 12.11 ? 114 HIS A CB  1 
ATOM   889  C CG  . HIS A 1 117 ? 1.426   -8.767  10.566  1.00 11.98 ? 114 HIS A CG  1 
ATOM   890  N ND1 . HIS A 1 117 ? 1.567   -8.090  9.372   1.00 11.78 ? 114 HIS A ND1 1 
ATOM   891  C CD2 . HIS A 1 117 ? 2.524   -8.474  11.301  1.00 13.15 ? 114 HIS A CD2 1 
ATOM   892  C CE1 . HIS A 1 117 ? 2.704   -7.417  9.386   1.00 12.52 ? 114 HIS A CE1 1 
ATOM   893  N NE2 . HIS A 1 117 ? 3.301   -7.630  10.546  1.00 14.19 ? 114 HIS A NE2 1 
ATOM   894  N N   . ARG A 1 118 ? -2.909  -10.195 9.749   1.00 11.33 ? 115 ARG A N   1 
ATOM   895  C CA  . ARG A 1 118 ? -3.905  -11.258 9.713   1.00 11.76 ? 115 ARG A CA  1 
ATOM   896  C C   . ARG A 1 118 ? -3.351  -12.538 9.126   1.00 15.96 ? 115 ARG A C   1 
ATOM   897  O O   . ARG A 1 118 ? -3.813  -13.628 9.474   1.00 17.79 ? 115 ARG A O   1 
ATOM   898  C CB  . ARG A 1 118 ? -5.108  -10.814 8.887   1.00 11.73 ? 115 ARG A CB  1 
ATOM   899  C CG  . ARG A 1 118 ? -5.776  -9.608  9.471   1.00 14.05 ? 115 ARG A CG  1 
ATOM   900  C CD  . ARG A 1 118 ? -6.821  -9.080  8.539   1.00 11.65 ? 115 ARG A CD  1 
ATOM   901  N NE  . ARG A 1 118 ? -7.486  -7.917  9.103   1.00 13.62 ? 115 ARG A NE  1 
ATOM   902  C CZ  . ARG A 1 118 ? -8.513  -7.316  8.521   1.00 12.15 ? 115 ARG A CZ  1 
ATOM   903  N NH1 . ARG A 1 118 ? -8.983  -7.776  7.364   1.00 13.17 ? 115 ARG A NH1 1 
ATOM   904  N NH2 . ARG A 1 118 ? -9.074  -6.254  9.090   1.00 16.82 ? 115 ARG A NH2 1 
ATOM   905  N N   . ILE A 1 119 ? -2.380  -12.397 8.235   1.00 14.69 ? 116 ILE A N   1 
ATOM   906  C CA  . ILE A 1 119 ? -1.635  -13.479 7.613   1.00 14.53 ? 116 ILE A CA  1 
ATOM   907  C C   . ILE A 1 119 ? -0.168  -13.131 7.805   1.00 16.43 ? 116 ILE A C   1 
ATOM   908  O O   . ILE A 1 119 ? 0.190   -11.948 7.799   1.00 16.57 ? 116 ILE A O   1 
ATOM   909  C CB  . ILE A 1 119 ? -1.986  -13.594 6.116   1.00 14.05 ? 116 ILE A CB  1 
ATOM   910  C CG1 . ILE A 1 119 ? -3.466  -13.940 5.930   1.00 17.16 ? 116 ILE A CG1 1 
ATOM   911  C CG2 . ILE A 1 119 ? -1.069  -14.579 5.411   1.00 13.48 ? 116 ILE A CG2 1 
ATOM   912  C CD1 . ILE A 1 119 ? -3.947  -13.821 4.500   1.00 18.37 ? 116 ILE A CD1 1 
ATOM   913  N N   . LYS A 1 120 ? 0.676   -14.133 8.016   1.00 14.00 ? 117 LYS A N   1 
ATOM   914  C CA  . LYS A 1 120 ? 2.087   -13.829 8.217   1.00 14.53 ? 117 LYS A CA  1 
ATOM   915  C C   . LYS A 1 120 ? 2.639   -13.081 7.003   1.00 11.91 ? 117 LYS A C   1 
ATOM   916  O O   . LYS A 1 120 ? 2.301   -13.406 5.862   1.00 13.32 ? 117 LYS A O   1 
ATOM   917  C CB  . LYS A 1 120 ? 2.897   -15.106 8.460   1.00 15.60 ? 117 LYS A CB  1 
ATOM   918  C CG  . LYS A 1 120 ? 2.888   -16.092 7.307   1.00 19.77 ? 117 LYS A CG  1 
ATOM   919  C CD  . LYS A 1 120 ? 3.653   -17.362 7.673   1.00 23.31 ? 117 LYS A CD  1 
ATOM   920  C CE  . LYS A 1 120 ? 3.554   -18.391 6.560   1.00 25.10 ? 117 LYS A CE  1 
ATOM   921  N NZ  . LYS A 1 120 ? 4.306   -19.638 6.901   1.00 32.03 ? 117 LYS A NZ  1 
ATOM   922  N N   . PRO A 1 121 ? 3.488   -12.070 7.208   1.00 12.62 ? 118 PRO A N   1 
ATOM   923  C CA  . PRO A 1 121 ? 4.040   -11.339 6.055   1.00 13.09 ? 118 PRO A CA  1 
ATOM   924  C C   . PRO A 1 121 ? 4.869   -12.214 5.142   1.00 12.27 ? 118 PRO A C   1 
ATOM   925  O O   . PRO A 1 121 ? 5.006   -11.890 3.958   1.00 11.71 ? 118 PRO A O   1 
ATOM   926  C CB  . PRO A 1 121 ? 4.899   -10.240 6.699   1.00 16.47 ? 118 PRO A CB  1 
ATOM   927  C CG  . PRO A 1 121 ? 4.462   -10.158 8.111   1.00 24.19 ? 118 PRO A CG  1 
ATOM   928  C CD  . PRO A 1 121 ? 3.903   -11.496 8.496   1.00 14.53 ? 118 PRO A CD  1 
ATOM   929  N N   . GLU A 1 122 ? 5.413   -13.324 5.652   1.00 11.98 ? 119 GLU A N   1 
ATOM   930  C CA  . GLU A 1 122 ? 6.158   -14.262 4.820   1.00 12.06 ? 119 GLU A CA  1 
ATOM   931  C C   . GLU A 1 122 ? 5.306   -14.897 3.725   1.00 12.30 ? 119 GLU A C   1 
ATOM   932  O O   . GLU A 1 122 ? 5.861   -15.516 2.810   1.00 14.39 ? 119 GLU A O   1 
ATOM   933  C CB  . GLU A 1 122 ? 6.773   -15.342 5.709   1.00 16.11 ? 119 GLU A CB  1 
ATOM   934  C CG  . GLU A 1 122 ? 7.926   -14.831 6.564   1.00 19.05 ? 119 GLU A CG  1 
ATOM   935  C CD  . GLU A 1 122 ? 7.497   -14.159 7.866   1.00 22.13 ? 119 GLU A CD  1 
ATOM   936  O OE1 . GLU A 1 122 ? 6.290   -14.122 8.193   1.00 18.24 ? 119 GLU A OE1 1 
ATOM   937  O OE2 . GLU A 1 122 ? 8.402   -13.683 8.590   1.00 33.31 ? 119 GLU A OE2 1 
ATOM   938  N N   . ALA A 1 123 ? 3.980   -14.762 3.787   1.00 11.13 ? 120 ALA A N   1 
ATOM   939  C CA  . ALA A 1 123 ? 3.118   -15.255 2.720   1.00 11.62 ? 120 ALA A CA  1 
ATOM   940  C C   . ALA A 1 123 ? 3.141   -14.370 1.475   1.00 10.01 ? 120 ALA A C   1 
ATOM   941  O O   . ALA A 1 123 ? 2.693   -14.810 0.409   1.00 12.59 ? 120 ALA A O   1 
ATOM   942  C CB  . ALA A 1 123 ? 1.681   -15.382 3.228   1.00 14.30 ? 120 ALA A CB  1 
ATOM   943  N N   . VAL A 1 124 ? 3.666   -13.148 1.583   1.00 9.48  ? 121 VAL A N   1 
ATOM   944  C CA  . VAL A 1 124 ? 3.665   -12.225 0.458   1.00 8.91  ? 121 VAL A CA  1 
ATOM   945  C C   . VAL A 1 124 ? 4.659   -12.688 -0.599  1.00 10.42 ? 121 VAL A C   1 
ATOM   946  O O   . VAL A 1 124 ? 5.807   -13.042 -0.290  1.00 12.14 ? 121 VAL A O   1 
ATOM   947  C CB  . VAL A 1 124 ? 3.981   -10.802 0.938   1.00 10.53 ? 121 VAL A CB  1 
ATOM   948  C CG1 . VAL A 1 124 ? 4.144   -9.863  -0.258  1.00 10.35 ? 121 VAL A CG1 1 
ATOM   949  C CG2 . VAL A 1 124 ? 2.859   -10.303 1.845   1.00 12.27 ? 121 VAL A CG2 1 
ATOM   950  N N   . LYS A 1 125 ? 4.222   -12.663 -1.861  1.00 9.50  ? 122 LYS A N   1 
ATOM   951  C CA  . LYS A 1 125 ? 5.086   -12.932 -2.995  1.00 8.87  ? 122 LYS A CA  1 
ATOM   952  C C   . LYS A 1 125 ? 5.097   -11.820 -4.028  1.00 9.59  ? 122 LYS A C   1 
ATOM   953  O O   . LYS A 1 125 ? 5.888   -11.894 -4.978  1.00 9.96  ? 122 LYS A O   1 
ATOM   954  C CB  . LYS A 1 125 ? 4.668   -14.235 -3.692  1.00 11.34 ? 122 LYS A CB  1 
ATOM   955  C CG  . LYS A 1 125 ? 4.922   -15.467 -2.853  1.00 15.40 ? 122 LYS A CG  1 
ATOM   956  C CD  . LYS A 1 125 ? 4.613   -16.718 -3.655  1.00 17.79 ? 122 LYS A CD  1 
ATOM   957  C CE  . LYS A 1 125 ? 4.748   -17.967 -2.805  1.00 26.51 ? 122 LYS A CE  1 
ATOM   958  N NZ  . LYS A 1 125 ? 4.382   -19.178 -3.595  1.00 35.42 ? 122 LYS A NZ  1 
ATOM   959  N N   . MET A 1 126 ? 4.258   -10.793 -3.875  1.00 9.42  ? 123 MET A N   1 
ATOM   960  C CA  . MET A 1 126 ? 4.119   -9.786  -4.916  1.00 8.94  ? 123 MET A CA  1 
ATOM   961  C C   . MET A 1 126 ? 3.499   -8.539  -4.303  1.00 9.06  ? 123 MET A C   1 
ATOM   962  O O   . MET A 1 126 ? 2.686   -8.640  -3.382  1.00 9.88  ? 123 MET A O   1 
ATOM   963  C CB  . MET A 1 126 ? 3.254   -10.319 -6.072  1.00 10.50 ? 123 MET A CB  1 
ATOM   964  C CG  . MET A 1 126 ? 2.998   -9.331  -7.200  1.00 9.96  ? 123 MET A CG  1 
ATOM   965  S SD  . MET A 1 126 ? 1.481   -8.355  -6.943  1.00 12.67 ? 123 MET A SD  1 
ATOM   966  C CE  . MET A 1 126 ? 0.258   -9.438  -7.693  1.00 12.32 ? 123 MET A CE  1 
ATOM   967  N N   . VAL A 1 127 ? 3.914   -7.371  -4.789  1.00 8.16  ? 124 VAL A N   1 
ATOM   968  C CA  . VAL A 1 127 ? 3.313   -6.097  -4.415  1.00 8.38  ? 124 VAL A CA  1 
ATOM   969  C C   . VAL A 1 127 ? 2.814   -5.433  -5.686  1.00 10.69 ? 124 VAL A C   1 
ATOM   970  O O   . VAL A 1 127 ? 3.535   -5.390  -6.692  1.00 10.11 ? 124 VAL A O   1 
ATOM   971  C CB  . VAL A 1 127 ? 4.322   -5.178  -3.697  1.00 10.14 ? 124 VAL A CB  1 
ATOM   972  C CG1 . VAL A 1 127 ? 3.690   -3.805  -3.412  1.00 10.45 ? 124 VAL A CG1 1 
ATOM   973  C CG2 . VAL A 1 127 ? 4.833   -5.827  -2.417  1.00 11.66 ? 124 VAL A CG2 1 
ATOM   974  N N   . GLN A 1 128 ? 1.577   -4.938  -5.650  1.00 9.00  ? 125 GLN A N   1 
ATOM   975  C CA  . GLN A 1 128 ? 1.022   -4.164  -6.757  1.00 8.01  ? 125 GLN A CA  1 
ATOM   976  C C   . GLN A 1 128 ? 0.641   -2.767  -6.283  1.00 11.10 ? 125 GLN A C   1 
ATOM   977  O O   . GLN A 1 128 ? -0.018  -2.613  -5.252  1.00 10.33 ? 125 GLN A O   1 
ATOM   978  C CB  . GLN A 1 128 ? -0.189  -4.851  -7.381  1.00 9.17  ? 125 GLN A CB  1 
ATOM   979  C CG  . GLN A 1 128 ? -0.626  -4.181  -8.680  1.00 13.18 ? 125 GLN A CG  1 
ATOM   980  C CD  . GLN A 1 128 ? -1.658  -4.994  -9.408  1.00 18.29 ? 125 GLN A CD  1 
ATOM   981  O OE1 . GLN A 1 128 ? -2.782  -5.147  -8.938  1.00 18.01 ? 125 GLN A OE1 1 
ATOM   982  N NE2 . GLN A 1 128 ? -1.282  -5.534  -10.562 1.00 29.38 ? 125 GLN A NE2 1 
ATOM   983  N N   . VAL A 1 129 ? 1.040   -1.757  -7.053  1.00 8.69  ? 126 VAL A N   1 
ATOM   984  C CA  . VAL A 1 129 ? 0.703   -0.365  -6.789  1.00 8.77  ? 126 VAL A CA  1 
ATOM   985  C C   . VAL A 1 129 ? -0.046  0.142   -8.009  1.00 9.32  ? 126 VAL A C   1 
ATOM   986  O O   . VAL A 1 129 ? 0.470   0.052   -9.130  1.00 10.95 ? 126 VAL A O   1 
ATOM   987  C CB  . VAL A 1 129 ? 1.954   0.489   -6.539  1.00 8.66  ? 126 VAL A CB  1 
ATOM   988  C CG1 . VAL A 1 129 ? 1.561   1.920   -6.233  1.00 12.60 ? 126 VAL A CG1 1 
ATOM   989  C CG2 . VAL A 1 129 ? 2.788   -0.105  -5.402  1.00 10.89 ? 126 VAL A CG2 1 
ATOM   990  N N   . TRP A 1 130 ? -1.264  0.640   -7.814  1.00 7.97  ? 127 TRP A N   1 
ATOM   991  C CA  . TRP A 1 130 ? -2.057  0.982   -8.990  1.00 8.03  ? 127 TRP A CA  1 
ATOM   992  C C   . TRP A 1 130 ? -3.104  2.027   -8.632  1.00 10.11 ? 127 TRP A C   1 
ATOM   993  O O   . TRP A 1 130 ? -3.106  2.593   -7.534  1.00 10.06 ? 127 TRP A O   1 
ATOM   994  C CB  . TRP A 1 130 ? -2.668  -0.282  -9.614  1.00 10.37 ? 127 TRP A CB  1 
ATOM   995  C CG  . TRP A 1 130 ? -3.644  -1.071  -8.774  1.00 8.54  ? 127 TRP A CG  1 
ATOM   996  C CD1 . TRP A 1 130 ? -3.413  -1.659  -7.554  1.00 10.66 ? 127 TRP A CD1 1 
ATOM   997  C CD2 . TRP A 1 130 ? -4.992  -1.390  -9.124  1.00 8.37  ? 127 TRP A CD2 1 
ATOM   998  N NE1 . TRP A 1 130 ? -4.549  -2.316  -7.124  1.00 11.01 ? 127 TRP A NE1 1 
ATOM   999  C CE2 . TRP A 1 130 ? -5.530  -2.164  -8.071  1.00 8.42  ? 127 TRP A CE2 1 
ATOM   1000 C CE3 . TRP A 1 130 ? -5.797  -1.104  -10.236 1.00 9.30  ? 127 TRP A CE3 1 
ATOM   1001 C CZ2 . TRP A 1 130 ? -6.840  -2.649  -8.096  1.00 10.50 ? 127 TRP A CZ2 1 
ATOM   1002 C CZ3 . TRP A 1 130 ? -7.093  -1.583  -10.261 1.00 10.36 ? 127 TRP A CZ3 1 
ATOM   1003 C CH2 . TRP A 1 130 ? -7.607  -2.343  -9.198  1.00 9.98  ? 127 TRP A CH2 1 
ATOM   1004 N N   . ARG A 1 131 ? -3.971  2.298   -9.611  1.00 10.34 ? 128 ARG A N   1 
ATOM   1005 C CA  . ARG A 1 131 ? -4.994  3.338   -9.634  1.00 10.45 ? 128 ARG A CA  1 
ATOM   1006 C C   . ARG A 1 131 ? -4.373  4.675   -10.037 1.00 10.08 ? 128 ARG A C   1 
ATOM   1007 O O   . ARG A 1 131 ? -3.455  4.702   -10.865 1.00 11.45 ? 128 ARG A O   1 
ATOM   1008 C CB  . ARG A 1 131 ? -5.781  3.382   -8.320  1.00 11.45 ? 128 ARG A CB  1 
ATOM   1009 C CG  . ARG A 1 131 ? -6.455  2.010   -8.070  1.00 12.46 ? 128 ARG A CG  1 
ATOM   1010 C CD  . ARG A 1 131 ? -7.754  2.139   -7.349  1.00 14.50 ? 128 ARG A CD  1 
ATOM   1011 N NE  . ARG A 1 131 ? -8.296  0.884   -6.820  1.00 13.18 ? 128 ARG A NE  1 
ATOM   1012 C CZ  . ARG A 1 131 ? -9.263  0.167   -7.391  1.00 12.47 ? 128 ARG A CZ  1 
ATOM   1013 N NH1 . ARG A 1 131 ? -9.756  0.522   -8.575  1.00 11.56 ? 128 ARG A NH1 1 
ATOM   1014 N NH2 . ARG A 1 131 ? -9.729  -0.921  -6.774  1.00 12.90 ? 128 ARG A NH2 1 
ATOM   1015 N N   . ASP A 1 132 ? -4.895  5.789   -9.527  1.00 10.33 ? 129 ASP A N   1 
ATOM   1016 C CA  . ASP A 1 132 ? -4.736  7.079   -10.210 1.00 11.17 ? 129 ASP A CA  1 
ATOM   1017 C C   . ASP A 1 132 ? -3.503  7.842   -9.734  1.00 11.45 ? 129 ASP A C   1 
ATOM   1018 O O   . ASP A 1 132 ? -3.591  8.969   -9.243  1.00 11.59 ? 129 ASP A O   1 
ATOM   1019 C CB  . ASP A 1 132 ? -5.990  7.915   -10.016 1.00 10.48 ? 129 ASP A CB  1 
ATOM   1020 C CG  . ASP A 1 132 ? -7.226  7.146   -10.351 1.00 13.03 ? 129 ASP A CG  1 
ATOM   1021 O OD1 . ASP A 1 132 ? -7.338  6.746   -11.531 1.00 14.75 ? 129 ASP A OD1 1 
ATOM   1022 O OD2 . ASP A 1 132 ? -8.067  6.924   -9.454  1.00 13.85 ? 129 ASP A OD2 1 
ATOM   1023 N N   . ILE A 1 133 ? -2.335  7.228   -9.926  1.00 10.81 ? 130 ILE A N   1 
ATOM   1024 C CA  . ILE A 1 133 ? -1.077  7.874   -9.572  1.00 10.89 ? 130 ILE A CA  1 
ATOM   1025 C C   . ILE A 1 133 ? -0.056  7.627   -10.669 1.00 11.83 ? 130 ILE A C   1 
ATOM   1026 O O   . ILE A 1 133 ? -0.154  6.677   -11.451 1.00 13.71 ? 130 ILE A O   1 
ATOM   1027 C CB  . ILE A 1 133 ? -0.492  7.392   -8.220  1.00 11.71 ? 130 ILE A CB  1 
ATOM   1028 C CG1 . ILE A 1 133 ? -0.054  5.929   -8.318  1.00 17.28 ? 130 ILE A CG1 1 
ATOM   1029 C CG2 . ILE A 1 133 ? -1.486  7.608   -7.076  1.00 13.94 ? 130 ILE A CG2 1 
ATOM   1030 C CD1 . ILE A 1 133 ? 0.970   5.544   -7.302  1.00 30.17 ? 130 ILE A CD1 1 
ATOM   1031 N N   . SER A 1 134 ? 0.932   8.511   -10.711 1.00 12.62 ? 131 SER A N   1 
ATOM   1032 C CA  . SER A 1 134 ? 2.207   8.240   -11.342 1.00 13.23 ? 131 SER A CA  1 
ATOM   1033 C C   . SER A 1 134 ? 3.208   7.850   -10.262 1.00 11.58 ? 131 SER A C   1 
ATOM   1034 O O   . SER A 1 134 ? 3.081   8.251   -9.103  1.00 13.57 ? 131 SER A O   1 
ATOM   1035 C CB  . SER A 1 134 ? 2.709   9.459   -12.120 1.00 15.96 ? 131 SER A CB  1 
ATOM   1036 O OG  . SER A 1 134 ? 2.837   10.594  -11.296 1.00 18.39 ? 131 SER A OG  1 
ATOM   1037 N N   . LEU A 1 135 ? 4.196   7.054   -10.655 1.00 12.16 ? 132 LEU A N   1 
ATOM   1038 C CA  . LEU A 1 135 ? 5.141   6.456   -9.726  1.00 12.60 ? 132 LEU A CA  1 
ATOM   1039 C C   . LEU A 1 135 ? 6.547   6.809   -10.183 1.00 15.99 ? 132 LEU A C   1 
ATOM   1040 O O   . LEU A 1 135 ? 6.888   6.580   -11.348 1.00 18.21 ? 132 LEU A O   1 
ATOM   1041 C CB  . LEU A 1 135 ? 4.950   4.941   -9.712  1.00 20.00 ? 132 LEU A CB  1 
ATOM   1042 C CG  . LEU A 1 135 ? 5.173   4.108   -8.466  1.00 34.06 ? 132 LEU A CG  1 
ATOM   1043 C CD1 . LEU A 1 135 ? 4.358   4.700   -7.352  1.00 28.16 ? 132 LEU A CD1 1 
ATOM   1044 C CD2 . LEU A 1 135 ? 4.727   2.690   -8.774  1.00 27.47 ? 132 LEU A CD2 1 
ATOM   1045 N N   . THR A 1 136 ? 7.358   7.374   -9.288  1.00 12.85 ? 133 THR A N   1 
ATOM   1046 C CA  . THR A 1 136 ? 8.756   7.608   -9.632  1.00 14.73 ? 133 THR A CA  1 
ATOM   1047 C C   . THR A 1 136 ? 9.726   6.729   -8.868  1.00 13.98 ? 133 THR A C   1 
ATOM   1048 O O   . THR A 1 136 ? 10.861  6.563   -9.319  1.00 18.88 ? 133 THR A O   1 
ATOM   1049 C CB  . THR A 1 136 ? 9.163   9.076   -9.422  1.00 18.34 ? 133 THR A CB  1 
ATOM   1050 O OG1 . THR A 1 136 ? 8.952   9.471   -8.063  1.00 19.59 ? 133 THR A OG1 1 
ATOM   1051 C CG2 . THR A 1 136 ? 8.376   9.986   -10.356 1.00 26.89 ? 133 THR A CG2 1 
ATOM   1052 N N   . LYS A 1 137 ? 9.316   6.148   -7.746  1.00 12.27 ? 134 LYS A N   1 
ATOM   1053 C CA  . LYS A 1 137 ? 10.219  5.304   -6.982  1.00 12.49 ? 134 LYS A CA  1 
ATOM   1054 C C   . LYS A 1 137 ? 9.419   4.190   -6.336  1.00 12.33 ? 134 LYS A C   1 
ATOM   1055 O O   . LYS A 1 137 ? 8.326   4.428   -5.818  1.00 12.64 ? 134 LYS A O   1 
ATOM   1056 C CB  . LYS A 1 137 ? 10.965  6.107   -5.911  1.00 13.77 ? 134 LYS A CB  1 
ATOM   1057 N N   . PHE A 1 138 ? 9.972   2.978   -6.368  1.00 11.77 ? 135 PHE A N   1 
ATOM   1058 C CA  . PHE A 1 138 ? 9.435   1.849   -5.627  1.00 10.25 ? 135 PHE A CA  1 
ATOM   1059 C C   . PHE A 1 138 ? 10.598  1.012   -5.135  1.00 10.17 ? 135 PHE A C   1 
ATOM   1060 O O   . PHE A 1 138 ? 11.469  0.637   -5.925  1.00 14.00 ? 135 PHE A O   1 
ATOM   1061 C CB  . PHE A 1 138 ? 8.508   0.979   -6.483  1.00 11.71 ? 135 PHE A CB  1 
ATOM   1062 C CG  . PHE A 1 138 ? 7.949   -0.207  -5.743  1.00 11.10 ? 135 PHE A CG  1 
ATOM   1063 C CD1 . PHE A 1 138 ? 6.707   -0.134  -5.115  1.00 11.65 ? 135 PHE A CD1 1 
ATOM   1064 C CD2 . PHE A 1 138 ? 8.665   -1.392  -5.661  1.00 11.45 ? 135 PHE A CD2 1 
ATOM   1065 C CE1 . PHE A 1 138 ? 6.197   -1.224  -4.426  1.00 12.38 ? 135 PHE A CE1 1 
ATOM   1066 C CE2 . PHE A 1 138 ? 8.168   -2.483  -4.971  1.00 12.66 ? 135 PHE A CE2 1 
ATOM   1067 C CZ  . PHE A 1 138 ? 6.924   -2.407  -4.352  1.00 12.83 ? 135 PHE A CZ  1 
ATOM   1068 N N   . ASN A 1 139 ? 10.595  0.694   -3.846  1.00 9.38  ? 136 ASN A N   1 
ATOM   1069 C CA  . ASN A 1 139 ? 11.653  -0.136  -3.302  1.00 9.80  ? 136 ASN A CA  1 
ATOM   1070 C C   . ASN A 1 139 ? 11.114  -1.019  -2.192  1.00 12.87 ? 136 ASN A C   1 
ATOM   1071 O O   . ASN A 1 139 ? 10.282  -0.586  -1.393  1.00 12.59 ? 136 ASN A O   1 
ATOM   1072 C CB  . ASN A 1 139 ? 12.798  0.724   -2.770  1.00 11.84 ? 136 ASN A CB  1 
ATOM   1073 C CG  . ASN A 1 139 ? 13.886  -0.110  -2.127  1.00 16.12 ? 136 ASN A CG  1 
ATOM   1074 O OD1 . ASN A 1 139 ? 13.913  -0.298  -0.910  1.00 15.76 ? 136 ASN A OD1 1 
ATOM   1075 N ND2 . ASN A 1 139 ? 14.768  -0.666  -2.957  1.00 18.18 ? 136 ASN A ND2 1 
ATOM   1076 N N   . VAL A 1 140 ? 11.610  -2.254  -2.148  1.00 11.52 ? 137 VAL A N   1 
ATOM   1077 C CA  . VAL A 1 140 ? 11.454  -3.147  -1.005  1.00 9.59  ? 137 VAL A CA  1 
ATOM   1078 C C   . VAL A 1 140 ? 12.847  -3.414  -0.467  1.00 10.83 ? 137 VAL A C   1 
ATOM   1079 O O   . VAL A 1 140 ? 13.755  -3.746  -1.242  1.00 12.74 ? 137 VAL A O   1 
ATOM   1080 C CB  . VAL A 1 140 ? 10.766  -4.467  -1.403  1.00 10.89 ? 137 VAL A CB  1 
ATOM   1081 C CG1 . VAL A 1 140 ? 10.676  -5.412  -0.216  1.00 11.32 ? 137 VAL A CG1 1 
ATOM   1082 C CG2 . VAL A 1 140 ? 9.380   -4.187  -1.957  1.00 14.06 ? 137 VAL A CG2 1 
ATOM   1083 N N   . SER A 1 141 ? 13.034  -3.228  0.832   1.00 10.85 ? 138 SER A N   1 
ATOM   1084 C CA  . SER A 1 141 ? 14.335  -3.463  1.441   1.00 10.97 ? 138 SER A CA  1 
ATOM   1085 C C   . SER A 1 141 ? 14.505  -4.934  1.796   1.00 12.53 ? 138 SER A C   1 
ATOM   1086 O O   . SER A 1 141 ? 13.543  -5.634  2.135   1.00 13.11 ? 138 SER A O   1 
ATOM   1087 C CB  . SER A 1 141 ? 14.514  -2.595  2.684   1.00 14.09 ? 138 SER A CB  1 
ATOM   1088 O OG  . SER A 1 141 ? 13.643  -3.003  3.726   1.00 14.47 ? 138 SER A OG  1 
ATOM   1089 N N   . TYR A 1 142 ? 15.755  -5.396  1.731   1.00 12.50 ? 139 TYR A N   1 
ATOM   1090 C CA  . TYR A 1 142 ? 16.109  -6.801  1.918   1.00 12.18 ? 139 TYR A CA  1 
ATOM   1091 C C   . TYR A 1 142 ? 17.358  -6.931  2.768   1.00 15.71 ? 139 TYR A C   1 
ATOM   1092 O O   . TYR A 1 142 ? 18.210  -7.783  2.508   1.00 17.52 ? 139 TYR A O   1 
ATOM   1093 C CB  . TYR A 1 142 ? 16.342  -7.494  0.581   1.00 11.01 ? 139 TYR A CB  1 
ATOM   1094 C CG  . TYR A 1 142 ? 15.085  -7.687  -0.222  1.00 10.57 ? 139 TYR A CG  1 
ATOM   1095 C CD1 . TYR A 1 142 ? 14.261  -8.780  0.012   1.00 10.24 ? 139 TYR A CD1 1 
ATOM   1096 C CD2 . TYR A 1 142 ? 14.715  -6.785  -1.209  1.00 11.70 ? 139 TYR A CD2 1 
ATOM   1097 C CE1 . TYR A 1 142 ? 13.097  -8.965  -0.720  1.00 11.29 ? 139 TYR A CE1 1 
ATOM   1098 C CE2 . TYR A 1 142 ? 13.552  -6.962  -1.955  1.00 11.77 ? 139 TYR A CE2 1 
ATOM   1099 C CZ  . TYR A 1 142 ? 12.748  -8.055  -1.698  1.00 12.29 ? 139 TYR A CZ  1 
ATOM   1100 O OH  . TYR A 1 142 ? 11.596  -8.249  -2.414  1.00 13.57 ? 139 TYR A OH  1 
ATOM   1101 N N   . LEU A 1 143 ? 17.489  -6.098  3.793   1.00 14.56 ? 140 LEU A N   1 
ATOM   1102 C CA  . LEU A 1 143 ? 18.742  -6.045  4.534   1.00 16.14 ? 140 LEU A CA  1 
ATOM   1103 C C   . LEU A 1 143 ? 18.782  -6.979  5.737   1.00 16.24 ? 140 LEU A C   1 
ATOM   1104 O O   . LEU A 1 143 ? 19.877  -7.266  6.239   1.00 15.96 ? 140 LEU A O   1 
ATOM   1105 C CB  . LEU A 1 143 ? 19.016  -4.605  4.983   1.00 18.18 ? 140 LEU A CB  1 
ATOM   1106 C CG  . LEU A 1 143 ? 19.097  -3.557  3.870   1.00 24.22 ? 140 LEU A CG  1 
ATOM   1107 C CD1 . LEU A 1 143 ? 19.481  -2.192  4.434   1.00 30.73 ? 140 LEU A CD1 1 
ATOM   1108 C CD2 . LEU A 1 143 ? 20.068  -3.981  2.773   1.00 18.48 ? 140 LEU A CD2 1 
ATOM   1109 N N   . LYS A 1 144 ? 17.641  -7.478  6.204   1.00 15.71 ? 141 LYS A N   1 
ATOM   1110 C CA  . LYS A 1 144 ? 17.577  -8.215  7.459   1.00 19.51 ? 141 LYS A CA  1 
ATOM   1111 C C   . LYS A 1 144 ? 17.504  -9.723  7.231   1.00 18.73 ? 141 LYS A C   1 
ATOM   1112 O O   . LYS A 1 144 ? 16.998  -10.201 6.212   1.00 18.67 ? 141 LYS A O   1 
ATOM   1113 C CB  . LYS A 1 144 ? 16.370  -7.754  8.281   1.00 20.65 ? 141 LYS A CB  1 
ATOM   1114 C CG  . LYS A 1 144 ? 16.344  -6.253  8.547   1.00 23.94 ? 141 LYS A CG  1 
ATOM   1115 C CD  . LYS A 1 144 ? 17.337  -5.832  9.612   1.00 34.92 ? 141 LYS A CD  1 
ATOM   1116 C CE  . LYS A 1 144 ? 16.892  -6.312  10.989  1.00 48.89 ? 141 LYS A CE  1 
ATOM   1117 N NZ  . LYS A 1 144 ? 17.769  -5.799  12.078  1.00 55.97 ? 141 LYS A NZ  1 
ATOM   1118 N N   . ARG A 1 145 ? 18.024  -10.471 8.205   1.00 22.04 ? 142 ARG A N   1 
ATOM   1119 C CA  . ARG A 1 145 ? 17.943  -11.927 8.190   1.00 23.35 ? 142 ARG A CA  1 
ATOM   1120 C C   . ARG A 1 145 ? 16.486  -12.377 8.249   1.00 36.36 ? 142 ARG A C   1 
ATOM   1121 O O   . ARG A 1 145 ? 16.078  -13.348 7.602   1.00 34.51 ? 142 ARG A O   1 
ATOM   1122 C CB  . ARG A 1 145 ? 18.738  -12.521 9.363   1.00 24.87 ? 142 ARG A CB  1 
ATOM   1123 O OXT . ARG A 1 145 ? 15.672  -11.759 8.939   1.00 38.38 ? 142 ARG A OXT 1 
HETATM 1124 O O   . HOH B 2 .   ? 10.168  2.767   -15.782 1.00 32.58 ? 201 HOH A O   1 
HETATM 1125 O O   . HOH B 2 .   ? 14.555  -12.696 5.874   1.00 38.79 ? 202 HOH A O   1 
HETATM 1126 O O   . HOH B 2 .   ? 6.640   11.082  -7.883  1.00 26.50 ? 203 HOH A O   1 
HETATM 1127 O O   . HOH B 2 .   ? 9.448   3.732   7.423   1.00 41.29 ? 204 HOH A O   1 
HETATM 1128 O O   . HOH B 2 .   ? 1.205   -10.242 -11.985 1.00 30.36 ? 205 HOH A O   1 
HETATM 1129 O O   . HOH B 2 .   ? 2.414   6.923   -15.086 1.00 35.63 ? 206 HOH A O   1 
HETATM 1130 O O   . HOH B 2 .   ? 0.645   -9.508  7.121   1.00 13.50 ? 207 HOH A O   1 
HETATM 1131 O O   . HOH B 2 .   ? -15.117 8.386   -5.697  1.00 32.48 ? 208 HOH A O   1 
HETATM 1132 O O   . HOH B 2 .   ? 7.961   11.802  11.781  1.00 29.43 ? 209 HOH A O   1 
HETATM 1133 O O   . HOH B 2 .   ? 11.520  4.442   3.388   1.00 31.13 ? 210 HOH A O   1 
HETATM 1134 O O   . HOH B 2 .   ? 12.066  -7.844  2.498   1.00 14.72 ? 211 HOH A O   1 
HETATM 1135 O O   . HOH B 2 .   ? -5.435  16.815  2.605   1.00 32.16 ? 212 HOH A O   1 
HETATM 1136 O O   . HOH B 2 .   ? 7.779   2.426   14.248  1.00 16.62 ? 213 HOH A O   1 
HETATM 1137 O O   . HOH B 2 .   ? -3.901  -5.866  -6.600  1.00 15.03 ? 214 HOH A O   1 
HETATM 1138 O O   . HOH B 2 .   ? 21.195  -5.808  7.973   1.00 32.01 ? 215 HOH A O   1 
HETATM 1139 O O   . HOH B 2 .   ? -5.177  -18.839 -0.835  1.00 38.03 ? 216 HOH A O   1 
HETATM 1140 O O   . HOH B 2 .   ? -2.446  -17.810 -1.847  1.00 24.63 ? 217 HOH A O   1 
HETATM 1141 O O   . HOH B 2 .   ? -1.322  -10.305 14.318  1.00 37.98 ? 218 HOH A O   1 
HETATM 1142 O O   . HOH B 2 .   ? 2.222   12.788  -12.626 1.00 28.41 ? 219 HOH A O   1 
HETATM 1143 O O   . HOH B 2 .   ? -12.225 -16.648 3.194   1.00 31.37 ? 220 HOH A O   1 
HETATM 1144 O O   . HOH B 2 .   ? -8.947  19.759  -5.519  1.00 19.87 ? 221 HOH A O   1 
HETATM 1145 O O   . HOH B 2 .   ? 2.184   -17.235 -0.513  1.00 23.65 ? 222 HOH A O   1 
HETATM 1146 O O   . HOH B 2 .   ? 10.708  -6.616  -4.294  1.00 14.94 ? 223 HOH A O   1 
HETATM 1147 O O   . HOH B 2 .   ? -10.811 4.096   -0.429  1.00 22.30 ? 224 HOH A O   1 
HETATM 1148 O O   . HOH B 2 .   ? 16.284  -3.259  -1.850  1.00 16.69 ? 225 HOH A O   1 
HETATM 1149 O O   . HOH B 2 .   ? 6.359   -9.422  11.012  1.00 24.73 ? 226 HOH A O   1 
HETATM 1150 O O   . HOH B 2 .   ? -15.337 4.406   5.341   1.00 38.01 ? 227 HOH A O   1 
HETATM 1151 O O   . HOH B 2 .   ? -4.748  -10.052 13.408  1.00 33.19 ? 228 HOH A O   1 
HETATM 1152 O O   . HOH B 2 .   ? 15.485  -9.185  4.264   1.00 19.18 ? 229 HOH A O   1 
HETATM 1153 O O   . HOH B 2 .   ? -1.428  4.248   -15.329 1.00 25.36 ? 230 HOH A O   1 
HETATM 1154 O O   . HOH B 2 .   ? 5.293   10.942  -10.299 1.00 24.53 ? 231 HOH A O   1 
HETATM 1155 O O   . HOH B 2 .   ? -5.732  -6.408  10.930  1.00 15.34 ? 232 HOH A O   1 
HETATM 1156 O O   . HOH B 2 .   ? -15.002 15.642  -4.456  1.00 23.95 ? 233 HOH A O   1 
HETATM 1157 O O   . HOH B 2 .   ? 2.451   13.762  6.622   1.00 23.82 ? 234 HOH A O   1 
HETATM 1158 O O   . HOH B 2 .   ? -5.401  -3.726  16.804  1.00 39.76 ? 235 HOH A O   1 
HETATM 1159 O O   . HOH B 2 .   ? 17.392  -15.162 6.116   1.00 20.95 ? 236 HOH A O   1 
HETATM 1160 O O   . HOH B 2 .   ? 8.741   -11.035 14.028  1.00 36.11 ? 237 HOH A O   1 
HETATM 1161 O O   . HOH B 2 .   ? 10.134  -2.908  -11.716 1.00 31.07 ? 238 HOH A O   1 
HETATM 1162 O O   . HOH B 2 .   ? -1.906  21.393  -1.423  1.00 28.94 ? 239 HOH A O   1 
HETATM 1163 O O   . HOH B 2 .   ? -6.282  4.470   -12.525 0.50 18.26 ? 240 HOH A O   1 
HETATM 1164 O O   . HOH B 2 .   ? 3.234   -16.797 -7.571  1.00 21.90 ? 241 HOH A O   1 
HETATM 1165 O O   . HOH B 2 .   ? -11.513 14.205  -2.361  1.00 18.79 ? 242 HOH A O   1 
HETATM 1166 O O   . HOH B 2 .   ? -2.850  -1.875  13.841  1.00 22.39 ? 243 HOH A O   1 
HETATM 1167 O O   . HOH B 2 .   ? -1.623  1.594   -17.633 1.00 30.84 ? 244 HOH A O   1 
HETATM 1168 O O   . HOH B 2 .   ? 5.627   -13.807 10.799  1.00 39.95 ? 245 HOH A O   1 
HETATM 1169 O O   . HOH B 2 .   ? 1.601   -4.488  -13.504 1.00 30.93 ? 246 HOH A O   1 
HETATM 1170 O O   . HOH B 2 .   ? 13.166  -10.784 9.291   1.00 36.35 ? 247 HOH A O   1 
HETATM 1171 O O   . HOH B 2 .   ? 8.011   2.909   10.329  1.00 29.26 ? 248 HOH A O   1 
HETATM 1172 O O   . HOH B 2 .   ? 8.102   -14.388 -1.053  1.00 18.86 ? 249 HOH A O   1 
HETATM 1173 O O   . HOH B 2 .   ? 8.758   -5.580  -11.468 1.00 20.54 ? 250 HOH A O   1 
HETATM 1174 O O   . HOH B 2 .   ? -11.488 -1.475  -0.498  1.00 30.39 ? 251 HOH A O   1 
HETATM 1175 O O   . HOH B 2 .   ? -0.389  14.056  -2.368  1.00 20.02 ? 252 HOH A O   1 
HETATM 1176 O O   . HOH B 2 .   ? -0.564  21.816  -4.185  1.00 41.16 ? 253 HOH A O   1 
HETATM 1177 O O   . HOH B 2 .   ? 12.283  0.525   1.108   1.00 16.34 ? 254 HOH A O   1 
HETATM 1178 O O   . HOH B 2 .   ? -12.802 -2.760  11.353  1.00 34.55 ? 255 HOH A O   1 
HETATM 1179 O O   . HOH B 2 .   ? 15.245  -4.680  5.163   1.00 18.83 ? 256 HOH A O   1 
HETATM 1180 O O   . HOH B 2 .   ? -6.059  -1.224  11.452  1.00 27.54 ? 257 HOH A O   1 
HETATM 1181 O O   . HOH B 2 .   ? 3.094   16.525  0.263   1.00 32.31 ? 258 HOH A O   1 
HETATM 1182 O O   . HOH B 2 .   ? 7.049   -12.517 2.090   1.00 11.44 ? 259 HOH A O   1 
HETATM 1183 O O   . HOH B 2 .   ? 16.445  -0.272  0.142   1.00 26.46 ? 260 HOH A O   1 
HETATM 1184 O O   . HOH B 2 .   ? -2.164  -9.404  7.117   1.00 12.63 ? 261 HOH A O   1 
HETATM 1185 O O   . HOH B 2 .   ? -1.361  -2.627  16.795  1.00 22.95 ? 262 HOH A O   1 
HETATM 1186 O O   . HOH B 2 .   ? -3.466  3.853   -13.480 1.00 21.71 ? 263 HOH A O   1 
HETATM 1187 O O   . HOH B 2 .   ? -14.699 11.971  -9.331  1.00 16.21 ? 264 HOH A O   1 
HETATM 1188 O O   . HOH B 2 .   ? -2.846  13.470  9.178   1.00 33.17 ? 265 HOH A O   1 
HETATM 1189 O O   . HOH B 2 .   ? 0.062   14.432  -11.595 1.00 29.18 ? 266 HOH A O   1 
HETATM 1190 O O   . HOH B 2 .   ? -3.631  15.806  -6.462  1.00 17.06 ? 267 HOH A O   1 
HETATM 1191 O O   . HOH B 2 .   ? -10.817 12.739  5.527   1.00 23.74 ? 268 HOH A O   1 
HETATM 1192 O O   . HOH B 2 .   ? 1.354   -1.511  -16.295 1.00 30.50 ? 269 HOH A O   1 
HETATM 1193 O O   . HOH B 2 .   ? 0.123   6.473   -14.193 1.00 22.29 ? 270 HOH A O   1 
HETATM 1194 O O   . HOH B 2 .   ? -0.908  -8.408  15.626  1.00 28.77 ? 271 HOH A O   1 
HETATM 1195 O O   . HOH B 2 .   ? 7.443   -13.923 -6.036  1.00 18.16 ? 272 HOH A O   1 
HETATM 1196 O O   . HOH B 2 .   ? -3.682  20.719  1.255   1.00 39.35 ? 273 HOH A O   1 
HETATM 1197 O O   . HOH B 2 .   ? -1.357  15.818  -8.348  1.00 23.76 ? 274 HOH A O   1 
HETATM 1198 O O   . HOH B 2 .   ? 1.841   15.108  4.379   1.00 21.93 ? 275 HOH A O   1 
HETATM 1199 O O   . HOH B 2 .   ? -4.771  -16.223 9.051   1.00 36.91 ? 276 HOH A O   1 
HETATM 1200 O O   . HOH B 2 .   ? -14.843 -0.039  0.645   1.00 36.01 ? 277 HOH A O   1 
HETATM 1201 O O   . HOH B 2 .   ? 5.139   9.966   13.018  1.00 17.21 ? 278 HOH A O   1 
HETATM 1202 O O   . HOH B 2 .   ? -15.962 -5.278  6.119   1.00 27.60 ? 279 HOH A O   1 
HETATM 1203 O O   . HOH B 2 .   ? 9.779   9.352   9.560   1.00 25.83 ? 280 HOH A O   1 
HETATM 1204 O O   . HOH B 2 .   ? -8.124  -13.719 -3.811  1.00 14.01 ? 281 HOH A O   1 
HETATM 1205 O O   . HOH B 2 .   ? 6.929   8.593   4.511   1.00 16.71 ? 282 HOH A O   1 
HETATM 1206 O O   . HOH B 2 .   ? -4.841  18.978  0.647   1.00 25.18 ? 283 HOH A O   1 
HETATM 1207 O O   . HOH B 2 .   ? -8.951  -15.850 -6.886  1.00 34.79 ? 284 HOH A O   1 
HETATM 1208 O O   . HOH B 2 .   ? -6.638  7.653   -14.133 1.00 13.54 ? 285 HOH A O   1 
HETATM 1209 O O   . HOH B 2 .   ? -16.312 -8.171  4.195   1.00 36.44 ? 286 HOH A O   1 
HETATM 1210 O O   . HOH B 2 .   ? -5.230  -13.696 -11.578 1.00 24.67 ? 287 HOH A O   1 
HETATM 1211 O O   . HOH B 2 .   ? -3.162  13.488  -15.233 1.00 33.83 ? 288 HOH A O   1 
HETATM 1212 O O   . HOH B 2 .   ? 5.486   -17.058 0.417   1.00 29.49 ? 289 HOH A O   1 
HETATM 1213 O O   . HOH B 2 .   ? 8.591   -15.289 1.949   1.00 23.22 ? 290 HOH A O   1 
HETATM 1214 O O   . HOH B 2 .   ? 19.323  -9.174  10.414  1.00 29.63 ? 291 HOH A O   1 
HETATM 1215 O O   . HOH B 2 .   ? -1.311  10.707  11.221  1.00 22.90 ? 292 HOH A O   1 
HETATM 1216 O O   . HOH B 2 .   ? 7.482   13.896  0.707   1.00 38.16 ? 293 HOH A O   1 
HETATM 1217 O O   . HOH B 2 .   ? -2.062  -11.690 -13.022 1.00 29.48 ? 294 HOH A O   1 
HETATM 1218 O O   . HOH B 2 .   ? 9.811   -13.547 3.589   1.00 22.50 ? 295 HOH A O   1 
HETATM 1219 O O   . HOH B 2 .   ? -13.193 0.947   10.648  1.00 26.31 ? 296 HOH A O   1 
HETATM 1220 O O   . HOH B 2 .   ? -9.155  -5.574  11.911  1.00 25.38 ? 297 HOH A O   1 
HETATM 1221 O O   . HOH B 2 .   ? -4.907  2.560   10.829  1.00 17.70 ? 298 HOH A O   1 
HETATM 1222 O O   . HOH B 2 .   ? 12.937  -3.145  -4.615  1.00 18.14 ? 299 HOH A O   1 
HETATM 1223 O O   . HOH B 2 .   ? 17.673  -3.868  0.162   1.00 18.76 ? 300 HOH A O   1 
HETATM 1224 O O   . HOH B 2 .   ? -4.352  -16.845 -3.589  1.00 19.65 ? 301 HOH A O   1 
HETATM 1225 O O   . HOH B 2 .   ? -15.670 -10.828 -0.685  1.00 23.93 ? 302 HOH A O   1 
HETATM 1226 O O   . HOH B 2 .   ? -6.805  14.517  -14.094 1.00 30.99 ? 303 HOH A O   1 
HETATM 1227 O O   . HOH B 2 .   ? -7.547  -17.521 -3.512  1.00 31.81 ? 304 HOH A O   1 
HETATM 1228 O O   . HOH B 2 .   ? -9.209  4.251   -9.812  0.50 14.83 ? 305 HOH A O   1 
HETATM 1229 O O   . HOH B 2 .   ? -15.812 0.259   7.201   1.00 39.91 ? 306 HOH A O   1 
HETATM 1230 O O   . HOH B 2 .   ? -9.010  -11.978 8.854   1.00 28.15 ? 307 HOH A O   1 
HETATM 1231 O O   . HOH B 2 .   ? -10.636 17.049  2.103   1.00 45.47 ? 308 HOH A O   1 
HETATM 1232 O O   . HOH B 2 .   ? -1.982  -4.952  18.262  1.00 37.54 ? 309 HOH A O   1 
HETATM 1233 O O   . HOH B 2 .   ? -13.376 -14.847 -5.158  1.00 31.74 ? 310 HOH A O   1 
HETATM 1234 O O   . HOH B 2 .   ? -12.365 -3.718  1.676   1.00 25.56 ? 311 HOH A O   1 
HETATM 1235 O O   . HOH B 2 .   ? 12.370  2.796   -8.130  1.00 18.11 ? 312 HOH A O   1 
HETATM 1236 O O   . HOH B 2 .   ? -6.753  -14.218 9.139   1.00 37.38 ? 313 HOH A O   1 
HETATM 1237 O O   . HOH B 2 .   ? 1.171   14.561  -0.023  1.00 21.28 ? 314 HOH A O   1 
HETATM 1238 O O   . HOH B 2 .   ? -0.327  -16.870 8.701   1.00 20.15 ? 315 HOH A O   1 
HETATM 1239 O O   . HOH B 2 .   ? -18.260 11.942  -4.587  1.00 40.78 ? 316 HOH A O   1 
HETATM 1240 O O   . HOH B 2 .   ? 11.260  -14.449 8.059   1.00 36.99 ? 317 HOH A O   1 
HETATM 1241 O O   . HOH B 2 .   ? -11.438 -2.469  -3.706  1.00 24.40 ? 318 HOH A O   1 
HETATM 1242 O O   . HOH B 2 .   ? 5.416   -3.559  -13.320 1.00 27.28 ? 319 HOH A O   1 
HETATM 1243 O O   . HOH B 2 .   ? -14.630 11.614  3.978   1.00 43.65 ? 320 HOH A O   1 
HETATM 1244 O O   . HOH B 2 .   ? -13.852 3.177   11.412  1.00 42.73 ? 321 HOH A O   1 
HETATM 1245 O O   . HOH B 2 .   ? 1.927   -10.943 14.137  1.00 36.90 ? 322 HOH A O   1 
HETATM 1246 O O   . HOH B 2 .   ? 4.959   18.322  -4.535  1.00 27.63 ? 323 HOH A O   1 
HETATM 1247 O O   . HOH B 2 .   ? -5.870  -3.893  12.088  1.00 23.99 ? 324 HOH A O   1 
HETATM 1248 O O   . HOH B 2 .   ? 12.688  4.231   -10.241 1.00 36.15 ? 325 HOH A O   1 
HETATM 1249 O O   . HOH B 2 .   ? 5.014   -11.418 12.032  1.00 36.10 ? 326 HOH A O   1 
HETATM 1250 O O   . HOH B 2 .   ? -11.185 -9.835  9.400   1.00 26.12 ? 327 HOH A O   1 
HETATM 1251 O O   . HOH B 2 .   ? -14.900 -0.114  9.327   1.00 40.35 ? 328 HOH A O   1 
HETATM 1252 O O   . HOH B 2 .   ? 17.941  -0.120  -2.512  1.00 34.93 ? 329 HOH A O   1 
HETATM 1253 O O   . HOH B 2 .   ? 14.451  -7.038  5.607   1.00 24.22 ? 330 HOH A O   1 
HETATM 1254 O O   . HOH B 2 .   ? 1.074   -16.855 -9.576  1.00 22.13 ? 331 HOH A O   1 
HETATM 1255 O O   . HOH B 2 .   ? 2.542   -19.889 9.696   1.00 37.42 ? 332 HOH A O   1 
HETATM 1256 O O   . HOH B 2 .   ? 20.731  -6.576  10.721  1.00 41.14 ? 333 HOH A O   1 
HETATM 1257 O O   . HOH B 2 .   ? -0.288  -13.386 11.158  1.00 29.57 ? 334 HOH A O   1 
HETATM 1258 O O   . HOH B 2 .   ? -3.663  16.552  -11.376 1.00 37.05 ? 335 HOH A O   1 
HETATM 1259 O O   . HOH B 2 .   ? -9.888  15.146  4.792   1.00 30.35 ? 336 HOH A O   1 
HETATM 1260 O O   . HOH B 2 .   ? 2.702   -11.419 16.187  1.00 47.32 ? 337 HOH A O   1 
HETATM 1261 O O   . HOH B 2 .   ? 13.068  -10.350 3.212   1.00 24.17 ? 338 HOH A O   1 
HETATM 1262 O O   . HOH B 2 .   ? -10.139 -14.692 8.960   1.00 39.41 ? 339 HOH A O   1 
HETATM 1263 O O   . HOH B 2 .   ? -10.287 -8.607  11.552  1.00 33.91 ? 340 HOH A O   1 
HETATM 1264 O O   . HOH B 2 .   ? 16.299  -2.790  6.977   1.00 30.36 ? 341 HOH A O   1 
HETATM 1265 O O   . HOH B 2 .   ? -12.271 -3.896  -0.936  1.00 39.26 ? 342 HOH A O   1 
HETATM 1266 O O   . HOH B 2 .   ? 9.043   7.263   5.393   1.00 31.79 ? 343 HOH A O   1 
HETATM 1267 O O   . HOH B 2 .   ? -2.977  22.091  -6.060  1.00 41.19 ? 344 HOH A O   1 
HETATM 1268 O O   . HOH B 2 .   ? -16.405 -14.087 -2.187  1.00 47.50 ? 345 HOH A O   1 
HETATM 1269 O O   . HOH B 2 .   ? -8.004  16.342  2.287   1.00 28.55 ? 346 HOH A O   1 
HETATM 1270 O O   . HOH B 2 .   ? 3.383   17.258  3.805   1.00 41.98 ? 347 HOH A O   1 
HETATM 1271 O O   . HOH B 2 .   ? 1.175   9.047   -15.781 1.00 38.38 ? 348 HOH A O   1 
HETATM 1272 O O   . HOH B 2 .   ? 1.458   -16.792 -11.861 1.00 39.63 ? 349 HOH A O   1 
HETATM 1273 O O   . HOH B 2 .   ? -7.733  16.073  6.662   1.00 33.30 ? 350 HOH A O   1 
HETATM 1274 O O   . HOH B 2 .   ? -7.040  -17.608 -6.901  1.00 44.90 ? 351 HOH A O   1 
HETATM 1275 O O   . HOH B 2 .   ? 14.119  1.539   2.949   1.00 33.01 ? 352 HOH A O   1 
HETATM 1276 O O   . HOH B 2 .   ? -13.447 -11.138 9.662   1.00 34.76 ? 353 HOH A O   1 
HETATM 1277 O O   . HOH B 2 .   ? 10.531  -10.805 15.221  1.00 44.66 ? 354 HOH A O   1 
HETATM 1278 O O   . HOH B 2 .   ? 0.661   -16.564 11.169  1.00 39.79 ? 355 HOH A O   1 
HETATM 1279 O O   . HOH B 2 .   ? -7.182  -4.483  14.410  1.00 41.45 ? 356 HOH A O   1 
HETATM 1280 O O   . HOH B 2 .   ? -8.380  -10.015 12.395  1.00 37.89 ? 357 HOH A O   1 
HETATM 1281 O O   . HOH B 2 .   ? -6.561  -8.133  13.005  1.00 27.81 ? 358 HOH A O   1 
HETATM 1282 O O   . HOH B 2 .   ? 1.731   11.577  -15.132 1.00 39.71 ? 359 HOH A O   1 
HETATM 1283 O O   . HOH B 2 .   ? -0.819  -5.446  -14.659 1.00 36.41 ? 360 HOH A O   1 
HETATM 1284 O O   . HOH B 2 .   ? -3.029  15.350  12.326  1.00 43.18 ? 361 HOH A O   1 
HETATM 1285 O O   . HOH B 2 .   ? 9.933   8.357   12.079  1.00 28.19 ? 362 HOH A O   1 
HETATM 1286 O O   . HOH B 2 .   ? 8.717   -10.529 -11.704 1.00 42.99 ? 363 HOH A O   1 
HETATM 1287 O O   . HOH B 2 .   ? 2.368   -12.476 11.676  1.00 32.89 ? 364 HOH A O   1 
HETATM 1288 O O   . HOH B 2 .   ? 8.397   -2.214  -13.666 1.00 35.64 ? 365 HOH A O   1 
HETATM 1289 O O   . HOH B 2 .   ? 16.557  0.179   3.052   1.00 37.96 ? 366 HOH A O   1 
HETATM 1290 O O   . HOH B 2 .   ? -6.066  -15.909 -11.303 1.00 42.01 ? 367 HOH A O   1 
HETATM 1291 O O   . HOH B 2 .   ? 10.915  6.977   3.181   1.00 35.03 ? 368 HOH A O   1 
HETATM 1292 O O   . HOH B 2 .   ? 9.618   7.406   7.600   1.00 35.28 ? 369 HOH A O   1 
HETATM 1293 O O   . HOH B 2 .   ? -9.069  21.987  -7.134  1.00 38.06 ? 370 HOH A O   1 
HETATM 1294 O O   . HOH B 2 .   ? -6.814  21.926  -7.876  1.00 35.30 ? 371 HOH A O   1 
HETATM 1295 O O   . HOH B 2 .   ? -7.358  0.155   13.500  1.00 31.72 ? 372 HOH A O   1 
HETATM 1296 O O   . HOH B 2 .   ? -16.671 12.726  3.975   1.00 51.63 ? 373 HOH A O   1 
HETATM 1297 O O   . HOH B 2 .   ? 8.005   -16.927 -1.207  1.00 37.32 ? 374 HOH A O   1 
HETATM 1298 O O   . HOH B 2 .   ? -7.705  -12.193 11.466  1.00 39.14 ? 375 HOH A O   1 
HETATM 1299 O O   . HOH B 2 .   ? -8.992  17.970  -0.244  1.00 41.75 ? 376 HOH A O   1 
HETATM 1300 O O   . HOH B 2 .   ? 20.980  -11.071 11.845  1.00 39.35 ? 377 HOH A O   1 
HETATM 1301 O O   . HOH B 2 .   ? 17.918  -1.190  1.641   1.00 34.71 ? 378 HOH A O   1 
HETATM 1302 O O   . HOH B 2 .   ? -15.663 -14.069 -6.341  1.00 43.01 ? 379 HOH A O   1 
HETATM 1303 O O   . HOH B 2 .   ? -1.071  -2.666  -17.610 1.00 40.04 ? 380 HOH A O   1 
HETATM 1304 O O   . HOH B 2 .   ? -17.460 -8.753  -1.435  1.00 44.09 ? 381 HOH A O   1 
HETATM 1305 O O   . HOH B 2 .   ? -11.988 -0.312  12.773  1.00 36.60 ? 382 HOH A O   1 
HETATM 1306 O O   . HOH B 2 .   ? -10.558 -15.363 -9.464  1.00 33.59 ? 383 HOH A O   1 
HETATM 1307 O O   . HOH B 2 .   ? -17.394 -14.264 0.247   1.00 49.37 ? 384 HOH A O   1 
HETATM 1308 O O   . HOH B 2 .   ? 8.196   -13.146 -10.877 1.00 32.96 ? 385 HOH A O   1 
HETATM 1309 O O   . HOH B 2 .   ? 20.729  1.820   -0.511  1.00 46.17 ? 386 HOH A O   1 
HETATM 1310 O O   . HOH B 2 .   ? 20.585  0.093   1.232   1.00 35.04 ? 387 HOH A O   1 
HETATM 1311 O O   . HOH B 2 .   ? 21.630  0.923   5.314   1.00 42.91 ? 388 HOH A O   1 
# 
